data_6KQR
#
_entry.id   6KQR
#
_cell.length_a   82.181
_cell.length_b   116.163
_cell.length_c   115.937
_cell.angle_alpha   99.370
_cell.angle_beta   103.120
_cell.angle_gamma   103.350
#
_symmetry.space_group_name_H-M   'P 1'
#
_entity_poly.entity_id   1
_entity_poly.type   'polypeptide(L)'
_entity_poly.pdbx_seq_one_letter_code
;GAMSEEKNLKTASVLSFERKLDPSDALFFSGNWSNKSDDKAWQPIHLREKSVRGTISNRLKKGEADPAKLNAAIEKPNLQ
TVDVATLPFDSDTLKVEFTLRVLGGVGEPAACNSMEYRSKLVATISHYIDTHGLDILGNRYAANLANGRFLWRNRLGADA
ISIQITRLSGDESTLVGVFDALAHPLRQFEEKSVSEELEALAKLITAGLAGQEHVLLRVKAFIRMGEGQEVFPSQELLLD
KGKSTKSRFLYSVGQDEKAIAAIHSQKIGNALRTIDTWYPDAEINGPIAVEPYGSVTTQGVAYRQPKAKKDFYSLLDAWV
LKDKEPTIEDQHFVAAVLVRGGVFGDAS
;
_entity_poly.pdbx_strand_id   A,B,C,D,E,F,G
#
# COMPACT_ATOMS: atom_id res chain seq x y z
N ALA A 12 37.81 27.42 -61.55
CA ALA A 12 36.58 26.85 -62.07
C ALA A 12 35.35 27.33 -61.31
N SER A 13 35.54 28.41 -60.52
CA SER A 13 34.55 29.03 -59.63
C SER A 13 34.41 28.30 -58.28
N VAL A 14 33.95 29.03 -57.25
CA VAL A 14 33.83 28.52 -55.87
C VAL A 14 32.37 28.63 -55.41
N LEU A 15 31.82 27.54 -54.88
CA LEU A 15 30.36 27.43 -54.71
C LEU A 15 30.04 26.21 -53.86
N SER A 16 28.80 26.14 -53.38
CA SER A 16 28.39 25.08 -52.48
C SER A 16 26.90 24.76 -52.62
N PHE A 17 26.55 23.50 -52.35
CA PHE A 17 25.18 22.99 -52.46
C PHE A 17 24.74 22.38 -51.13
N GLU A 18 23.51 22.65 -50.71
CA GLU A 18 22.96 22.05 -49.52
C GLU A 18 22.34 20.70 -49.84
N ARG A 19 22.37 19.79 -48.87
CA ARG A 19 21.90 18.43 -49.10
C ARG A 19 20.39 18.40 -49.29
N LYS A 20 19.93 17.49 -50.17
CA LYS A 20 18.52 17.36 -50.49
C LYS A 20 17.86 16.11 -49.89
N LEU A 21 18.67 15.17 -49.35
CA LEU A 21 18.19 14.05 -48.55
C LEU A 21 18.58 14.30 -47.09
N ASP A 22 17.57 14.56 -46.25
CA ASP A 22 17.78 14.90 -44.85
C ASP A 22 17.07 13.90 -43.91
N PRO A 23 17.73 12.75 -43.67
CA PRO A 23 17.22 11.87 -42.61
C PRO A 23 17.54 12.43 -41.24
N SER A 24 16.72 12.05 -40.26
CA SER A 24 16.92 12.32 -38.84
C SER A 24 17.81 11.23 -38.21
N ASP A 25 18.32 11.48 -37.00
CA ASP A 25 18.87 10.38 -36.23
C ASP A 25 17.84 9.24 -36.20
N ALA A 26 18.32 8.00 -36.15
CA ALA A 26 17.43 6.86 -36.07
C ALA A 26 17.56 6.28 -34.68
N LEU A 27 16.44 6.13 -33.97
CA LEU A 27 16.46 5.79 -32.56
C LEU A 27 16.02 4.35 -32.35
N PHE A 28 16.72 3.67 -31.45
CA PHE A 28 16.53 2.26 -31.20
C PHE A 28 15.36 2.08 -30.24
N PHE A 29 14.48 1.14 -30.55
CA PHE A 29 13.47 0.74 -29.58
C PHE A 29 13.48 -0.79 -29.53
N SER A 30 12.69 -1.33 -28.59
CA SER A 30 12.77 -2.74 -28.26
C SER A 30 11.35 -3.25 -28.10
N GLY A 31 11.15 -4.50 -28.51
CA GLY A 31 9.86 -5.13 -28.32
C GLY A 31 9.86 -6.50 -28.97
N ASN A 32 8.68 -7.11 -28.97
CA ASN A 32 8.51 -8.44 -29.52
C ASN A 32 7.91 -8.38 -30.92
N TRP A 33 8.24 -9.40 -31.72
CA TRP A 33 8.01 -9.36 -33.15
C TRP A 33 6.53 -9.29 -33.53
N SER A 34 5.64 -9.86 -32.72
CA SER A 34 4.23 -9.86 -33.03
C SER A 34 3.48 -8.61 -32.56
N ASN A 35 4.17 -7.52 -32.22
CA ASN A 35 3.48 -6.29 -31.87
C ASN A 35 3.97 -5.12 -32.69
N LYS A 36 4.44 -5.37 -33.92
CA LYS A 36 4.90 -4.26 -34.75
C LYS A 36 3.84 -3.16 -34.82
N SER A 37 2.59 -3.53 -35.06
CA SER A 37 1.52 -2.56 -35.29
C SER A 37 1.26 -1.70 -34.08
N ASP A 38 1.40 -2.25 -32.89
CA ASP A 38 1.16 -1.45 -31.71
C ASP A 38 2.37 -0.55 -31.48
N ASP A 39 2.19 0.77 -31.63
CA ASP A 39 3.29 1.71 -31.40
C ASP A 39 3.60 1.85 -29.93
N LYS A 40 2.62 1.61 -29.06
CA LYS A 40 2.87 1.73 -27.63
C LYS A 40 3.55 0.52 -27.04
N ALA A 41 4.02 -0.42 -27.88
CA ALA A 41 4.60 -1.65 -27.39
C ALA A 41 6.12 -1.70 -27.58
N TRP A 42 6.75 -0.53 -27.67
CA TRP A 42 8.19 -0.46 -27.96
C TRP A 42 8.83 0.46 -26.93
N GLN A 43 9.65 -0.14 -26.00
CA GLN A 43 10.30 0.77 -25.06
C GLN A 43 11.64 1.22 -25.62
N PRO A 44 12.08 2.43 -25.28
CA PRO A 44 13.39 2.90 -25.76
C PRO A 44 14.49 1.99 -25.28
N ILE A 45 15.59 1.98 -26.04
CA ILE A 45 16.84 1.34 -25.64
C ILE A 45 17.76 2.46 -25.16
N HIS A 46 18.16 2.37 -23.88
CA HIS A 46 19.13 3.26 -23.24
C HIS A 46 20.49 2.57 -23.16
N LEU A 47 21.55 3.37 -23.24
CA LEU A 47 22.89 2.82 -23.09
C LEU A 47 23.17 2.37 -21.64
N ARG A 48 24.10 1.43 -21.52
CA ARG A 48 24.54 0.85 -20.25
C ARG A 48 26.05 0.75 -20.24
N GLU A 49 26.61 0.82 -19.05
CA GLU A 49 28.03 0.63 -18.89
C GLU A 49 28.33 -0.78 -18.40
N LYS A 50 29.47 -1.31 -18.83
CA LYS A 50 29.94 -2.54 -18.24
C LYS A 50 31.44 -2.53 -18.30
N SER A 51 32.01 -3.21 -17.31
CA SER A 51 33.42 -3.48 -17.17
C SER A 51 33.83 -4.59 -18.13
N VAL A 52 34.97 -4.39 -18.78
CA VAL A 52 35.51 -5.35 -19.73
C VAL A 52 36.99 -5.50 -19.44
N ARG A 53 37.43 -6.72 -19.27
CA ARG A 53 38.84 -7.05 -19.04
C ARG A 53 39.46 -7.25 -20.40
N GLY A 54 40.27 -6.30 -20.82
CA GLY A 54 40.83 -6.31 -22.15
C GLY A 54 41.92 -7.35 -22.29
N THR A 55 42.26 -7.60 -23.54
CA THR A 55 43.30 -8.55 -23.90
C THR A 55 44.31 -7.82 -24.78
N ILE A 56 45.47 -8.45 -24.95
CA ILE A 56 46.45 -7.92 -25.89
C ILE A 56 46.12 -8.46 -27.26
N SER A 57 45.83 -7.57 -28.21
CA SER A 57 45.34 -8.05 -29.50
C SER A 57 46.08 -7.46 -30.68
N ASN A 58 46.41 -6.17 -30.64
CA ASN A 58 47.03 -5.50 -31.78
C ASN A 58 48.40 -6.11 -32.08
N ARG A 59 48.86 -5.92 -33.31
CA ARG A 59 50.21 -6.35 -33.65
C ARG A 59 51.23 -5.64 -32.76
N LEU A 60 52.31 -6.35 -32.43
CA LEU A 60 53.30 -5.80 -31.52
C LEU A 60 54.28 -4.88 -32.23
N LYS A 61 54.87 -3.99 -31.44
CA LYS A 61 55.82 -2.99 -31.89
C LYS A 61 57.21 -3.63 -31.95
N LYS A 62 58.26 -2.81 -32.14
CA LYS A 62 59.61 -3.28 -31.86
C LYS A 62 59.79 -3.61 -30.39
N GLY A 63 59.21 -2.78 -29.51
CA GLY A 63 59.43 -2.90 -28.08
C GLY A 63 58.25 -3.39 -27.27
N GLU A 64 58.08 -4.70 -27.11
CA GLU A 64 58.87 -5.72 -27.80
C GLU A 64 58.19 -7.09 -27.89
N ALA A 65 58.88 -8.03 -28.52
CA ALA A 65 58.43 -9.41 -28.68
C ALA A 65 59.09 -10.39 -27.71
N ASP A 66 59.86 -9.90 -26.73
CA ASP A 66 60.49 -10.80 -25.75
C ASP A 66 59.44 -11.35 -24.81
N PRO A 67 59.46 -12.65 -24.53
CA PRO A 67 58.39 -13.26 -23.72
C PRO A 67 58.16 -12.55 -22.40
N ALA A 68 59.20 -12.07 -21.74
CA ALA A 68 59.01 -11.37 -20.47
C ALA A 68 58.27 -10.05 -20.65
N LYS A 69 58.57 -9.33 -21.75
CA LYS A 69 57.85 -8.11 -22.07
C LYS A 69 56.37 -8.39 -22.27
N LEU A 70 56.07 -9.32 -23.17
CA LEU A 70 54.68 -9.63 -23.46
C LEU A 70 53.97 -10.16 -22.22
N ASN A 71 54.59 -11.15 -21.56
CA ASN A 71 54.00 -11.69 -20.34
C ASN A 71 53.75 -10.58 -19.34
N ALA A 72 54.57 -9.52 -19.38
CA ALA A 72 54.40 -8.40 -18.48
C ALA A 72 53.15 -7.57 -18.83
N ALA A 73 52.93 -7.33 -20.14
CA ALA A 73 51.74 -6.60 -20.57
C ALA A 73 50.48 -7.39 -20.27
N ILE A 74 50.58 -8.72 -20.26
CA ILE A 74 49.41 -9.55 -20.02
C ILE A 74 48.97 -9.49 -18.57
N GLU A 75 49.89 -9.26 -17.61
CA GLU A 75 49.42 -9.34 -16.24
C GLU A 75 48.87 -8.00 -15.73
N LYS A 76 49.31 -6.88 -16.27
CA LYS A 76 48.62 -5.62 -15.97
C LYS A 76 47.16 -5.76 -16.29
N PRO A 77 46.22 -5.64 -15.28
CA PRO A 77 44.78 -5.66 -15.51
C PRO A 77 44.20 -5.45 -16.92
N ASN A 78 44.47 -4.33 -17.57
CA ASN A 78 43.75 -3.91 -18.79
C ASN A 78 42.24 -3.82 -18.52
N LEU A 79 41.87 -2.94 -17.61
CA LEU A 79 40.48 -2.82 -17.20
C LEU A 79 39.87 -1.57 -17.81
N GLN A 80 38.67 -1.71 -18.39
CA GLN A 80 38.06 -0.64 -19.17
C GLN A 80 36.54 -0.72 -19.08
N THR A 81 35.89 0.42 -19.18
CA THR A 81 34.43 0.44 -19.24
C THR A 81 33.99 0.75 -20.64
N VAL A 82 32.88 0.14 -21.07
CA VAL A 82 32.34 0.44 -22.39
C VAL A 82 30.86 0.80 -22.31
N ASP A 83 30.41 1.54 -23.29
CA ASP A 83 29.00 1.68 -23.54
C ASP A 83 28.49 0.44 -24.28
N VAL A 84 27.33 -0.07 -23.84
CA VAL A 84 26.63 -1.12 -24.59
C VAL A 84 25.16 -0.80 -24.64
N ALA A 85 24.52 -1.30 -25.70
CA ALA A 85 23.07 -1.26 -25.82
C ALA A 85 22.63 -2.66 -26.22
N THR A 86 21.51 -3.12 -25.65
CA THR A 86 21.00 -4.44 -25.96
C THR A 86 19.47 -4.48 -25.80
N LEU A 87 18.86 -5.55 -26.34
CA LEU A 87 17.45 -5.79 -26.10
C LEU A 87 17.20 -6.21 -24.67
N PRO A 88 15.99 -6.02 -24.17
CA PRO A 88 15.62 -6.62 -22.88
C PRO A 88 15.77 -8.13 -22.86
N PHE A 89 15.71 -8.72 -21.66
CA PHE A 89 15.66 -10.19 -21.56
C PHE A 89 14.36 -10.75 -22.12
N ASP A 90 13.34 -9.90 -22.32
CA ASP A 90 11.99 -10.34 -22.66
C ASP A 90 11.53 -9.77 -24.00
N SER A 91 12.47 -9.31 -24.82
CA SER A 91 12.17 -8.60 -26.06
C SER A 91 13.17 -9.01 -27.11
N ASP A 92 12.68 -9.53 -28.24
CA ASP A 92 13.50 -10.19 -29.24
C ASP A 92 13.66 -9.40 -30.51
N THR A 93 13.16 -8.16 -30.55
CA THR A 93 13.15 -7.42 -31.80
C THR A 93 13.49 -5.96 -31.56
N LEU A 94 14.32 -5.43 -32.46
CA LEU A 94 14.82 -4.07 -32.42
C LEU A 94 14.06 -3.19 -33.41
N LYS A 95 13.48 -2.09 -32.90
CA LYS A 95 12.78 -1.13 -33.74
C LYS A 95 13.66 0.10 -33.95
N VAL A 96 14.07 0.34 -35.19
CA VAL A 96 14.75 1.57 -35.60
C VAL A 96 13.72 2.47 -36.28
N GLU A 97 13.74 3.77 -35.98
CA GLU A 97 12.78 4.72 -36.53
C GLU A 97 13.43 6.08 -36.80
N PHE A 98 13.01 6.71 -37.89
CA PHE A 98 13.50 8.02 -38.31
C PHE A 98 12.56 8.56 -39.37
N THR A 99 12.70 9.85 -39.68
CA THR A 99 11.97 10.47 -40.76
C THR A 99 12.95 11.00 -41.80
N LEU A 100 12.47 11.08 -43.04
CA LEU A 100 13.31 11.44 -44.18
C LEU A 100 12.62 12.55 -44.97
N ARG A 101 13.38 13.57 -45.31
CA ARG A 101 12.89 14.72 -46.07
C ARG A 101 13.63 14.78 -47.39
N VAL A 102 12.89 14.93 -48.48
CA VAL A 102 13.46 15.13 -49.81
C VAL A 102 13.10 16.52 -50.26
N LEU A 103 14.12 17.31 -50.59
CA LEU A 103 13.91 18.68 -51.02
C LEU A 103 14.20 18.79 -52.51
N GLY A 104 13.50 19.72 -53.16
CA GLY A 104 13.83 20.07 -54.51
C GLY A 104 14.99 21.05 -54.55
N GLY A 105 15.36 21.43 -55.76
CA GLY A 105 16.39 22.42 -55.93
C GLY A 105 17.73 21.83 -56.27
N VAL A 106 17.76 20.65 -56.92
CA VAL A 106 19.00 19.90 -57.05
C VAL A 106 20.06 20.71 -57.76
N GLY A 107 19.71 21.36 -58.85
CA GLY A 107 20.74 22.13 -59.52
C GLY A 107 20.95 23.54 -59.00
N GLU A 108 20.09 24.05 -58.11
CA GLU A 108 20.26 25.42 -57.62
C GLU A 108 21.28 25.43 -56.50
N PRO A 109 22.44 26.06 -56.69
CA PRO A 109 23.42 26.13 -55.61
C PRO A 109 22.95 27.04 -54.48
N ALA A 110 23.55 26.85 -53.31
CA ALA A 110 23.18 27.64 -52.14
C ALA A 110 24.12 28.81 -51.92
N ALA A 111 25.36 28.69 -52.41
CA ALA A 111 26.31 29.79 -52.46
C ALA A 111 27.17 29.61 -53.70
N CYS A 112 27.60 30.72 -54.30
CA CYS A 112 28.13 30.70 -55.65
C CYS A 112 29.03 31.91 -55.91
N ASN A 113 30.28 31.65 -56.33
CA ASN A 113 31.24 32.74 -56.56
C ASN A 113 30.94 33.49 -57.86
N SER A 114 31.07 32.84 -59.00
CA SER A 114 30.93 33.49 -60.30
C SER A 114 29.55 33.16 -60.87
N MET A 115 28.76 34.19 -61.17
CA MET A 115 27.42 34.06 -61.70
C MET A 115 27.38 33.62 -63.16
N GLU A 116 28.53 33.52 -63.81
CA GLU A 116 28.59 32.90 -65.13
C GLU A 116 28.50 31.38 -64.99
N TYR A 117 29.35 30.82 -64.12
CA TYR A 117 29.25 29.40 -63.77
C TYR A 117 27.85 29.06 -63.29
N ARG A 118 27.28 29.87 -62.39
CA ARG A 118 25.92 29.60 -61.92
C ARG A 118 25.00 29.39 -63.09
N SER A 119 24.94 30.37 -64.01
CA SER A 119 24.01 30.31 -65.13
C SER A 119 24.30 29.14 -66.06
N LYS A 120 25.58 28.77 -66.18
CA LYS A 120 25.93 27.64 -67.02
C LYS A 120 25.58 26.33 -66.34
N LEU A 121 25.94 26.20 -65.05
CA LEU A 121 25.70 24.97 -64.31
C LEU A 121 24.22 24.62 -64.27
N VAL A 122 23.37 25.57 -63.90
CA VAL A 122 21.95 25.28 -63.83
C VAL A 122 21.42 24.82 -65.17
N ALA A 123 21.89 25.44 -66.26
CA ALA A 123 21.55 24.94 -67.59
C ALA A 123 21.89 23.46 -67.72
N THR A 124 23.16 23.13 -67.51
CA THR A 124 23.63 21.77 -67.70
C THR A 124 22.87 20.78 -66.84
N ILE A 125 22.50 21.17 -65.60
CA ILE A 125 21.81 20.19 -64.77
C ILE A 125 20.31 20.24 -65.00
N SER A 126 19.76 21.42 -65.32
CA SER A 126 18.36 21.50 -65.71
C SER A 126 18.08 20.62 -66.92
N HIS A 127 18.97 20.63 -67.91
CA HIS A 127 18.75 19.75 -69.05
C HIS A 127 18.74 18.30 -68.60
N TYR A 128 19.73 17.89 -67.79
CA TYR A 128 19.77 16.52 -67.28
C TYR A 128 18.44 16.14 -66.63
N ILE A 129 17.91 16.98 -65.75
CA ILE A 129 16.61 16.69 -65.16
C ILE A 129 15.52 16.65 -66.24
N ASP A 130 15.65 17.52 -67.26
CA ASP A 130 14.63 17.63 -68.31
C ASP A 130 14.58 16.37 -69.18
N THR A 131 15.73 15.84 -69.58
CA THR A 131 15.78 14.61 -70.37
C THR A 131 15.69 13.38 -69.46
N HIS A 132 16.82 12.84 -69.02
CA HIS A 132 16.77 11.80 -68.01
C HIS A 132 16.27 12.36 -66.70
N GLY A 133 14.97 12.31 -66.44
CA GLY A 133 14.47 12.69 -65.13
C GLY A 133 15.21 11.95 -64.04
N LEU A 134 15.20 12.48 -62.81
CA LEU A 134 15.92 11.87 -61.68
C LEU A 134 15.28 10.56 -61.22
N ASP A 135 14.74 9.77 -62.14
CA ASP A 135 14.07 8.52 -61.76
C ASP A 135 15.08 7.49 -61.28
N ILE A 136 16.22 7.40 -61.95
CA ILE A 136 17.31 6.51 -61.55
C ILE A 136 17.68 6.76 -60.09
N LEU A 137 18.05 8.00 -59.76
CA LEU A 137 18.47 8.33 -58.40
C LEU A 137 17.36 8.00 -57.40
N GLY A 138 16.16 8.50 -57.67
CA GLY A 138 15.03 8.11 -56.84
C GLY A 138 14.87 6.61 -56.72
N ASN A 139 15.22 5.85 -57.76
CA ASN A 139 15.03 4.42 -57.70
C ASN A 139 15.97 3.79 -56.68
N ARG A 140 17.22 4.20 -56.70
CA ARG A 140 18.20 3.58 -55.83
C ARG A 140 18.17 4.15 -54.40
N TYR A 141 17.87 5.45 -54.22
CA TYR A 141 17.56 5.91 -52.87
C TYR A 141 16.51 5.00 -52.27
N ALA A 142 15.39 4.83 -52.98
CA ALA A 142 14.29 4.07 -52.41
C ALA A 142 14.69 2.60 -52.20
N ALA A 143 15.56 2.07 -53.06
CA ALA A 143 16.05 0.72 -52.83
C ALA A 143 16.79 0.64 -51.52
N ASN A 144 17.53 1.67 -51.19
CA ASN A 144 18.29 1.69 -49.97
C ASN A 144 17.43 1.99 -48.74
N LEU A 145 16.17 2.42 -48.90
CA LEU A 145 15.24 2.26 -47.81
C LEU A 145 14.73 0.81 -47.75
N ALA A 146 14.30 0.28 -48.89
CA ALA A 146 13.63 -1.03 -48.95
C ALA A 146 14.53 -2.17 -48.45
N ASN A 147 15.81 -2.16 -48.84
CA ASN A 147 16.73 -3.19 -48.42
C ASN A 147 17.23 -2.99 -46.99
N GLY A 148 16.96 -1.84 -46.39
CA GLY A 148 17.45 -1.59 -45.05
C GLY A 148 18.95 -1.50 -44.90
N ARG A 149 19.66 -1.10 -45.96
CA ARG A 149 21.10 -0.84 -45.83
C ARG A 149 21.41 0.04 -44.61
N PHE A 150 20.52 0.97 -44.27
CA PHE A 150 20.71 1.94 -43.20
C PHE A 150 20.78 1.32 -41.79
N LEU A 151 20.44 0.03 -41.64
CA LEU A 151 20.57 -0.69 -40.37
C LEU A 151 21.99 -1.10 -40.07
N TRP A 152 22.92 -0.83 -40.95
CA TRP A 152 24.29 -1.32 -40.89
C TRP A 152 24.48 -2.67 -40.20
N ARG A 153 25.30 -2.71 -39.14
CA ARG A 153 25.60 -3.98 -38.50
C ARG A 153 24.35 -4.70 -38.03
N ASN A 154 23.29 -3.96 -37.70
CA ASN A 154 22.06 -4.59 -37.23
C ASN A 154 21.40 -5.46 -38.30
N ARG A 155 21.77 -5.27 -39.58
CA ARG A 155 21.20 -6.11 -40.63
C ARG A 155 21.78 -7.52 -40.57
N LEU A 156 23.05 -7.65 -40.18
CA LEU A 156 23.69 -8.95 -40.19
C LEU A 156 23.07 -9.84 -39.12
N GLY A 157 23.08 -11.14 -39.39
CA GLY A 157 22.54 -12.16 -38.51
C GLY A 157 21.05 -12.11 -38.24
N ALA A 158 20.27 -11.40 -39.05
CA ALA A 158 18.87 -11.17 -38.72
C ALA A 158 18.01 -12.35 -39.13
N ASP A 159 17.10 -12.75 -38.23
CA ASP A 159 16.05 -13.69 -38.58
C ASP A 159 15.14 -13.09 -39.64
N ALA A 160 14.59 -11.91 -39.35
CA ALA A 160 13.65 -11.24 -40.22
C ALA A 160 13.82 -9.73 -40.05
N ILE A 161 13.57 -8.98 -41.12
CA ILE A 161 13.70 -7.52 -41.14
C ILE A 161 12.53 -6.98 -41.93
N SER A 162 11.55 -6.40 -41.26
CA SER A 162 10.41 -5.78 -41.93
C SER A 162 10.48 -4.26 -41.76
N ILE A 163 10.26 -3.52 -42.83
CA ILE A 163 10.48 -2.09 -42.86
C ILE A 163 9.20 -1.42 -43.35
N GLN A 164 8.62 -0.51 -42.54
CA GLN A 164 7.34 0.13 -42.89
C GLN A 164 7.54 1.61 -43.15
N ILE A 165 7.43 2.02 -44.41
CA ILE A 165 7.61 3.41 -44.83
C ILE A 165 6.25 4.05 -45.08
N THR A 166 6.01 5.20 -44.46
CA THR A 166 4.77 5.95 -44.67
C THR A 166 5.11 7.38 -45.04
N ARG A 167 4.26 7.97 -45.88
CA ARG A 167 4.34 9.38 -46.20
C ARG A 167 3.48 10.13 -45.21
N LEU A 168 3.99 11.23 -44.69
CA LEU A 168 3.19 12.10 -43.83
C LEU A 168 3.04 13.43 -44.53
N SER A 169 1.82 13.93 -44.55
CA SER A 169 1.55 15.28 -45.02
C SER A 169 0.42 15.80 -44.16
N GLY A 170 0.60 17.03 -43.66
CA GLY A 170 -0.28 17.54 -42.63
C GLY A 170 -0.40 16.55 -41.50
N ASP A 171 -1.63 16.28 -41.11
CA ASP A 171 -1.88 15.32 -40.04
C ASP A 171 -1.97 13.90 -40.55
N GLU A 172 -2.05 13.71 -41.87
CA GLU A 172 -2.32 12.40 -42.45
C GLU A 172 -1.05 11.54 -42.51
N SER A 173 -1.25 10.22 -42.49
CA SER A 173 -0.19 9.29 -42.81
C SER A 173 -0.71 8.24 -43.79
N THR A 174 -0.12 8.20 -44.99
CA THR A 174 -0.42 7.23 -46.05
C THR A 174 0.67 6.17 -46.08
N LEU A 175 0.33 4.90 -45.90
CA LEU A 175 1.41 3.90 -45.92
C LEU A 175 1.87 3.64 -47.36
N VAL A 176 3.15 3.86 -47.61
CA VAL A 176 3.69 3.68 -48.95
C VAL A 176 4.01 2.20 -49.20
N GLY A 177 4.50 1.51 -48.17
CA GLY A 177 4.83 0.12 -48.37
C GLY A 177 5.55 -0.51 -47.20
N VAL A 178 5.47 -1.83 -47.11
CA VAL A 178 6.05 -2.62 -46.03
C VAL A 178 7.02 -3.61 -46.66
N PHE A 179 8.31 -3.32 -46.58
CA PHE A 179 9.31 -4.02 -47.35
C PHE A 179 10.03 -5.07 -46.51
N ASP A 180 10.20 -6.26 -47.07
CA ASP A 180 11.03 -7.33 -46.47
C ASP A 180 12.46 -7.07 -46.89
N ALA A 181 13.24 -6.39 -46.05
CA ALA A 181 14.60 -6.02 -46.42
C ALA A 181 15.43 -7.22 -46.84
N LEU A 182 15.18 -8.39 -46.26
CA LEU A 182 15.99 -9.52 -46.69
C LEU A 182 15.58 -9.99 -48.08
N ALA A 183 14.49 -9.48 -48.63
CA ALA A 183 14.06 -9.80 -49.98
C ALA A 183 14.73 -8.94 -51.05
N HIS A 184 15.56 -7.96 -50.70
CA HIS A 184 16.10 -7.10 -51.75
C HIS A 184 17.61 -7.10 -51.69
N PRO A 185 18.27 -6.95 -52.82
CA PRO A 185 19.72 -7.12 -52.84
C PRO A 185 20.45 -5.86 -52.39
N LEU A 186 21.68 -6.07 -51.87
CA LEU A 186 22.62 -4.97 -51.64
C LEU A 186 23.75 -4.92 -52.64
N ARG A 187 23.89 -5.91 -53.51
CA ARG A 187 24.99 -5.86 -54.49
C ARG A 187 24.59 -5.25 -55.82
N GLN A 188 23.33 -5.38 -56.24
CA GLN A 188 22.82 -4.61 -57.38
C GLN A 188 21.52 -3.95 -56.97
N PHE A 189 20.95 -3.21 -57.91
CA PHE A 189 19.66 -2.57 -57.73
C PHE A 189 18.62 -3.19 -58.66
N GLU A 190 17.55 -3.71 -58.09
CA GLU A 190 16.48 -4.23 -58.93
C GLU A 190 15.79 -3.09 -59.65
N GLU A 191 14.90 -3.48 -60.55
CA GLU A 191 14.21 -2.56 -61.44
C GLU A 191 12.99 -1.99 -60.72
N LYS A 192 12.76 -0.70 -60.91
CA LYS A 192 11.70 0.05 -60.25
C LYS A 192 10.33 -0.54 -60.53
N SER A 193 10.18 -1.85 -60.46
CA SER A 193 8.92 -2.43 -60.91
C SER A 193 8.62 -3.74 -60.23
N VAL A 194 9.58 -4.24 -59.44
CA VAL A 194 9.41 -5.54 -58.79
C VAL A 194 8.19 -5.54 -57.85
N SER A 195 7.84 -4.38 -57.30
CA SER A 195 6.66 -4.23 -56.45
C SER A 195 5.91 -2.99 -56.89
N GLU A 196 4.59 -2.98 -56.69
CA GLU A 196 3.92 -1.70 -56.79
C GLU A 196 4.44 -0.77 -55.71
N GLU A 197 4.79 -1.35 -54.55
CA GLU A 197 5.13 -0.52 -53.42
C GLU A 197 6.52 0.11 -53.57
N LEU A 198 7.52 -0.64 -54.05
CA LEU A 198 8.82 0.01 -54.29
C LEU A 198 8.70 1.17 -55.27
N GLU A 199 7.93 0.97 -56.34
CA GLU A 199 7.91 1.92 -57.44
C GLU A 199 7.13 3.17 -57.06
N ALA A 200 6.13 2.98 -56.21
CA ALA A 200 5.55 4.12 -55.50
C ALA A 200 6.64 4.94 -54.82
N LEU A 201 7.35 4.30 -53.87
CA LEU A 201 8.47 4.92 -53.18
C LEU A 201 9.43 5.60 -54.16
N ALA A 202 9.82 4.89 -55.23
CA ALA A 202 10.74 5.49 -56.19
C ALA A 202 10.10 6.62 -56.98
N LYS A 203 8.77 6.63 -57.11
CA LYS A 203 8.14 7.81 -57.70
C LYS A 203 8.08 8.96 -56.70
N LEU A 204 7.83 8.64 -55.42
CA LEU A 204 7.71 9.67 -54.40
C LEU A 204 9.01 10.43 -54.19
N ILE A 205 10.14 9.71 -54.15
CA ILE A 205 11.41 10.35 -53.87
C ILE A 205 11.82 11.26 -55.03
N THR A 206 11.71 10.78 -56.28
CA THR A 206 12.12 11.64 -57.40
C THR A 206 11.23 12.87 -57.51
N ALA A 207 9.92 12.73 -57.28
CA ALA A 207 9.08 13.93 -57.26
C ALA A 207 9.63 14.93 -56.26
N GLY A 208 10.04 14.42 -55.09
CA GLY A 208 10.62 15.29 -54.07
C GLY A 208 11.88 15.97 -54.57
N LEU A 209 12.76 15.20 -55.20
CA LEU A 209 13.93 15.81 -55.80
C LEU A 209 13.52 16.76 -56.91
N ALA A 210 12.49 16.36 -57.68
CA ALA A 210 11.98 17.16 -58.77
C ALA A 210 11.28 18.43 -58.31
N GLY A 211 10.92 18.53 -57.04
CA GLY A 211 10.17 19.67 -56.60
C GLY A 211 8.69 19.61 -56.86
N GLN A 212 8.18 18.50 -57.39
CA GLN A 212 6.75 18.42 -57.64
C GLN A 212 5.96 18.29 -56.34
N GLU A 213 6.50 17.58 -55.35
CA GLU A 213 5.74 17.39 -54.11
C GLU A 213 6.65 17.56 -52.91
N HIS A 214 6.02 17.81 -51.77
CA HIS A 214 6.71 17.93 -50.50
C HIS A 214 6.71 16.56 -49.85
N VAL A 215 7.91 16.02 -49.62
CA VAL A 215 8.08 14.62 -49.27
C VAL A 215 8.63 14.53 -47.84
N LEU A 216 7.83 13.94 -46.97
CA LEU A 216 8.26 13.65 -45.61
C LEU A 216 7.81 12.22 -45.32
N LEU A 217 8.77 11.31 -45.40
CA LEU A 217 8.64 9.90 -45.07
C LEU A 217 8.89 9.67 -43.59
N ARG A 218 8.33 8.57 -43.09
CA ARG A 218 8.67 8.03 -41.78
C ARG A 218 8.93 6.53 -41.92
N VAL A 219 10.14 6.11 -41.59
CA VAL A 219 10.63 4.73 -41.73
C VAL A 219 10.65 4.04 -40.36
N LYS A 220 10.11 2.82 -40.29
CA LYS A 220 10.23 1.98 -39.10
C LYS A 220 10.71 0.60 -39.50
N ALA A 221 11.92 0.23 -39.10
CA ALA A 221 12.45 -1.09 -39.37
C ALA A 221 12.39 -1.94 -38.10
N PHE A 222 11.97 -3.18 -38.25
CA PHE A 222 11.96 -4.12 -37.14
C PHE A 222 12.91 -5.25 -37.49
N ILE A 223 13.86 -5.53 -36.61
CA ILE A 223 14.88 -6.53 -36.86
C ILE A 223 14.78 -7.59 -35.77
N ARG A 224 14.25 -8.75 -36.11
CA ARG A 224 14.18 -9.84 -35.14
C ARG A 224 15.58 -10.40 -34.91
N MET A 225 16.19 -10.08 -33.75
CA MET A 225 17.50 -10.59 -33.38
C MET A 225 17.47 -11.64 -32.28
N GLY A 226 16.37 -11.76 -31.55
CA GLY A 226 16.38 -12.66 -30.39
C GLY A 226 16.65 -12.00 -29.04
N GLU A 227 15.94 -12.45 -28.00
CA GLU A 227 15.95 -11.78 -26.71
C GLU A 227 17.36 -11.59 -26.16
N GLY A 228 17.68 -10.35 -25.79
CA GLY A 228 18.91 -10.04 -25.07
C GLY A 228 20.09 -9.74 -25.94
N GLN A 229 19.99 -9.94 -27.25
CA GLN A 229 21.09 -9.71 -28.17
C GLN A 229 21.50 -8.23 -28.18
N GLU A 230 22.80 -8.02 -28.35
CA GLU A 230 23.35 -6.68 -28.56
C GLU A 230 22.79 -6.04 -29.84
N VAL A 231 22.51 -4.75 -29.76
CA VAL A 231 22.31 -3.91 -30.95
C VAL A 231 23.51 -2.99 -31.11
N PHE A 232 23.53 -2.14 -32.14
CA PHE A 232 24.75 -1.44 -32.54
C PHE A 232 24.43 -0.01 -32.91
N PRO A 233 24.46 0.88 -31.92
CA PRO A 233 24.28 2.29 -32.20
C PRO A 233 25.50 2.88 -32.89
N SER A 234 25.45 4.16 -33.20
CA SER A 234 26.63 4.77 -33.78
C SER A 234 27.70 4.82 -32.70
N GLN A 235 28.96 4.81 -33.13
CA GLN A 235 30.02 5.07 -32.17
C GLN A 235 30.23 6.58 -32.03
N GLU A 236 30.56 7.00 -30.81
CA GLU A 236 30.97 8.37 -30.54
C GLU A 236 32.43 8.36 -30.10
N LEU A 237 33.23 9.26 -30.66
CA LEU A 237 34.68 9.24 -30.52
C LEU A 237 35.15 10.51 -29.79
N LEU A 238 35.56 10.35 -28.54
CA LEU A 238 35.89 11.46 -27.64
C LEU A 238 37.25 11.19 -27.01
N LEU A 239 38.32 11.63 -27.68
CA LEU A 239 39.68 11.39 -27.21
C LEU A 239 40.12 12.47 -26.21
N ASP A 240 40.98 12.06 -25.26
CA ASP A 240 41.63 12.97 -24.31
C ASP A 240 40.61 13.72 -23.44
N LYS A 241 39.51 13.04 -23.10
CA LYS A 241 38.47 13.64 -22.27
C LYS A 241 37.97 12.59 -21.28
N GLY A 242 37.75 13.02 -20.04
CA GLY A 242 37.16 12.19 -19.01
C GLY A 242 38.17 11.71 -17.99
N LYS A 243 37.70 11.58 -16.74
CA LYS A 243 38.47 11.00 -15.64
C LYS A 243 38.32 9.50 -15.52
N SER A 244 37.33 8.90 -16.21
CA SER A 244 37.01 7.49 -16.06
C SER A 244 37.63 6.61 -17.15
N THR A 245 38.30 7.21 -18.14
CA THR A 245 38.92 6.52 -19.29
C THR A 245 38.05 5.38 -19.82
N LYS A 246 36.78 5.68 -20.01
CA LYS A 246 35.89 4.73 -20.67
C LYS A 246 36.43 4.47 -22.08
N SER A 247 36.46 3.20 -22.46
CA SER A 247 37.18 2.82 -23.68
C SER A 247 36.34 3.08 -24.94
N ARG A 248 35.04 2.80 -24.91
CA ARG A 248 34.18 3.02 -26.06
C ARG A 248 32.89 3.71 -25.64
N PHE A 249 32.52 4.76 -26.36
CA PHE A 249 31.24 5.46 -26.19
C PHE A 249 30.30 5.16 -27.34
N LEU A 250 29.00 5.34 -27.10
CA LEU A 250 27.97 5.14 -28.12
C LEU A 250 27.08 6.37 -28.20
N TYR A 251 26.38 6.50 -29.33
CA TYR A 251 25.53 7.65 -29.59
C TYR A 251 24.15 7.47 -28.97
N SER A 252 23.53 8.60 -28.63
CA SER A 252 22.24 8.61 -27.96
C SER A 252 21.71 10.03 -28.04
N VAL A 253 20.40 10.19 -27.89
CA VAL A 253 19.78 11.51 -27.97
C VAL A 253 18.65 11.55 -26.97
N GLY A 254 18.56 12.65 -26.23
CA GLY A 254 17.47 12.82 -25.29
C GLY A 254 17.90 13.24 -23.90
N GLN A 255 18.59 14.37 -23.81
CA GLN A 255 18.94 14.98 -22.52
C GLN A 255 19.82 13.99 -21.76
N ASP A 256 19.41 13.50 -20.59
CA ASP A 256 20.36 12.84 -19.68
C ASP A 256 20.14 11.34 -19.52
N GLU A 257 19.22 10.97 -18.61
CA GLU A 257 19.06 9.59 -18.18
C GLU A 257 17.95 8.86 -18.92
N LYS A 258 17.11 9.57 -19.67
CA LYS A 258 16.15 8.91 -20.55
C LYS A 258 16.52 9.06 -22.02
N ALA A 259 17.78 9.41 -22.28
CA ALA A 259 18.28 9.50 -23.65
C ALA A 259 18.25 8.14 -24.31
N ILE A 260 18.00 8.15 -25.63
CA ILE A 260 17.71 6.95 -26.39
C ILE A 260 18.86 6.65 -27.32
N ALA A 261 19.25 5.37 -27.39
CA ALA A 261 20.34 4.95 -28.25
C ALA A 261 19.98 5.10 -29.73
N ALA A 262 21.00 5.35 -30.57
CA ALA A 262 20.68 5.91 -31.88
C ALA A 262 21.80 5.68 -32.88
N ILE A 263 21.45 5.77 -34.17
CA ILE A 263 22.40 5.84 -35.29
C ILE A 263 22.48 7.30 -35.68
N HIS A 264 23.70 7.78 -35.93
CA HIS A 264 23.90 9.15 -36.39
C HIS A 264 23.02 9.41 -37.59
N SER A 265 22.46 10.61 -37.68
CA SER A 265 21.66 10.91 -38.86
C SER A 265 22.53 10.79 -40.12
N GLN A 266 23.75 11.30 -40.09
CA GLN A 266 24.62 11.20 -41.26
C GLN A 266 25.05 9.76 -41.53
N LYS A 267 24.96 8.87 -40.56
CA LYS A 267 25.23 7.49 -40.88
C LYS A 267 24.11 6.94 -41.77
N ILE A 268 22.86 7.28 -41.44
CA ILE A 268 21.72 6.83 -42.24
C ILE A 268 21.83 7.36 -43.66
N GLY A 269 22.09 8.65 -43.78
CA GLY A 269 22.25 9.24 -45.10
C GLY A 269 23.32 8.56 -45.93
N ASN A 270 24.43 8.21 -45.28
CA ASN A 270 25.46 7.46 -45.98
C ASN A 270 24.90 6.19 -46.59
N ALA A 271 23.98 5.55 -45.89
CA ALA A 271 23.42 4.31 -46.42
C ALA A 271 22.49 4.59 -47.60
N LEU A 272 21.66 5.64 -47.48
CA LEU A 272 20.73 5.96 -48.54
C LEU A 272 21.48 6.26 -49.84
N ARG A 273 22.56 7.03 -49.76
CA ARG A 273 23.32 7.42 -50.93
C ARG A 273 24.33 6.36 -51.38
N THR A 274 24.28 5.12 -50.84
CA THR A 274 25.11 4.02 -51.36
C THR A 274 24.49 3.51 -52.66
N ILE A 275 25.04 3.97 -53.77
CA ILE A 275 24.28 4.12 -55.00
C ILE A 275 25.21 4.12 -56.19
N ASP A 276 26.49 4.38 -55.95
CA ASP A 276 27.47 4.50 -57.02
C ASP A 276 27.94 3.10 -57.40
N THR A 277 27.40 2.61 -58.52
CA THR A 277 27.90 1.45 -59.24
C THR A 277 28.54 1.85 -60.56
N TRP A 278 28.61 3.15 -60.85
CA TRP A 278 29.09 3.72 -62.11
C TRP A 278 30.59 4.04 -62.09
N TYR A 279 31.34 3.51 -61.16
CA TYR A 279 32.74 3.85 -61.10
C TYR A 279 33.61 2.74 -61.69
N PRO A 280 34.78 3.09 -62.25
CA PRO A 280 35.63 2.13 -62.98
C PRO A 280 35.74 0.71 -62.43
N ASP A 281 35.98 0.54 -61.13
CA ASP A 281 36.25 -0.79 -60.60
C ASP A 281 35.05 -1.41 -59.88
N ALA A 282 33.85 -0.88 -60.08
CA ALA A 282 32.70 -1.67 -59.69
C ALA A 282 32.71 -3.00 -60.41
N GLU A 283 31.83 -3.90 -59.96
CA GLU A 283 31.82 -5.33 -60.28
C GLU A 283 32.47 -6.06 -59.11
N ILE A 284 33.65 -5.59 -58.75
CA ILE A 284 34.27 -5.86 -57.47
C ILE A 284 33.97 -4.65 -56.58
N ASN A 285 33.59 -4.90 -55.33
CA ASN A 285 33.22 -3.89 -54.33
C ASN A 285 31.81 -3.34 -54.51
N GLY A 286 31.23 -3.48 -55.70
CA GLY A 286 29.84 -3.15 -55.88
C GLY A 286 29.51 -1.70 -55.62
N PRO A 287 28.32 -1.44 -55.11
CA PRO A 287 27.94 -0.06 -54.82
C PRO A 287 28.79 0.52 -53.68
N ILE A 288 28.96 1.84 -53.74
CA ILE A 288 29.70 2.63 -52.76
C ILE A 288 28.94 3.95 -52.63
N ALA A 289 29.05 4.60 -51.47
CA ALA A 289 28.29 5.84 -51.32
C ALA A 289 28.87 6.94 -52.21
N VAL A 290 27.98 7.83 -52.64
CA VAL A 290 28.36 8.92 -53.54
C VAL A 290 29.26 9.90 -52.79
N GLU A 291 30.50 10.00 -53.28
CA GLU A 291 31.43 10.99 -52.74
C GLU A 291 32.20 11.58 -53.91
N PRO A 292 32.61 12.84 -53.80
CA PRO A 292 33.35 13.47 -54.92
C PRO A 292 34.50 12.64 -55.47
N TYR A 293 35.28 11.96 -54.63
CA TYR A 293 36.33 11.10 -55.14
C TYR A 293 36.02 9.63 -54.96
N GLY A 294 34.75 9.31 -54.75
CA GLY A 294 34.34 7.92 -54.57
C GLY A 294 35.18 7.20 -53.54
N SER A 295 35.49 7.89 -52.45
CA SER A 295 36.39 7.39 -51.43
C SER A 295 35.63 6.50 -50.48
N VAL A 296 36.29 5.45 -50.02
CA VAL A 296 35.75 4.55 -49.02
C VAL A 296 36.73 4.55 -47.87
N THR A 297 36.29 5.07 -46.71
CA THR A 297 37.17 5.20 -45.56
C THR A 297 37.64 3.84 -45.05
N THR A 298 36.72 2.87 -44.90
CA THR A 298 37.11 1.55 -44.42
C THR A 298 38.25 0.97 -45.27
N GLN A 299 38.10 0.96 -46.57
CA GLN A 299 39.14 0.34 -47.38
C GLN A 299 40.28 1.29 -47.72
N GLY A 300 40.26 2.52 -47.21
CA GLY A 300 41.37 3.43 -47.40
C GLY A 300 41.74 3.74 -48.83
N VAL A 301 40.83 3.53 -49.77
CA VAL A 301 41.08 3.78 -51.18
C VAL A 301 40.03 4.75 -51.71
N ALA A 302 40.34 5.39 -52.83
CA ALA A 302 39.36 6.19 -53.57
C ALA A 302 39.24 5.66 -55.00
N TYR A 303 38.18 4.89 -55.25
CA TYR A 303 37.71 4.71 -56.62
C TYR A 303 37.20 6.05 -57.14
N ARG A 304 37.53 6.36 -58.41
CA ARG A 304 37.36 7.69 -59.00
C ARG A 304 38.53 8.59 -58.65
N GLN A 305 39.73 8.14 -58.96
CA GLN A 305 40.90 8.98 -58.83
C GLN A 305 40.84 10.11 -59.84
N PRO A 306 41.32 11.30 -59.48
CA PRO A 306 41.40 12.38 -60.47
C PRO A 306 42.38 12.10 -61.60
N LYS A 307 43.32 11.17 -61.42
CA LYS A 307 44.22 10.83 -62.52
C LYS A 307 43.45 10.27 -63.70
N ALA A 308 42.53 9.35 -63.43
CA ALA A 308 41.68 8.79 -64.46
C ALA A 308 40.37 9.56 -64.51
N LYS A 309 40.46 10.80 -64.99
CA LYS A 309 39.44 11.85 -64.81
C LYS A 309 37.99 11.41 -64.63
N LYS A 310 37.70 10.71 -63.53
CA LYS A 310 36.33 10.32 -63.18
C LYS A 310 35.95 10.74 -61.75
N ASP A 311 36.66 11.71 -61.17
CA ASP A 311 36.23 12.38 -59.94
C ASP A 311 35.12 13.38 -60.24
N PHE A 312 34.36 13.72 -59.20
CA PHE A 312 33.26 14.67 -59.39
C PHE A 312 33.74 15.96 -60.01
N TYR A 313 34.93 16.43 -59.63
CA TYR A 313 35.32 17.77 -60.05
C TYR A 313 35.70 17.80 -61.52
N SER A 314 36.51 16.83 -61.97
CA SER A 314 36.91 16.88 -63.37
C SER A 314 35.72 16.66 -64.29
N LEU A 315 34.75 15.83 -63.89
CA LEU A 315 33.58 15.59 -64.73
C LEU A 315 32.67 16.81 -64.78
N LEU A 316 32.38 17.41 -63.63
CA LEU A 316 31.52 18.59 -63.66
C LEU A 316 32.15 19.71 -64.46
N ASP A 317 33.47 19.90 -64.34
CA ASP A 317 34.14 20.95 -65.08
C ASP A 317 34.04 20.75 -66.59
N ALA A 318 34.43 19.56 -67.07
CA ALA A 318 34.24 19.23 -68.48
C ALA A 318 32.81 19.51 -68.92
N TRP A 319 31.86 18.92 -68.21
CA TRP A 319 30.47 19.00 -68.62
C TRP A 319 29.95 20.44 -68.68
N VAL A 320 30.50 21.35 -67.88
CA VAL A 320 29.97 22.70 -67.77
C VAL A 320 30.83 23.72 -68.50
N LEU A 321 32.13 23.74 -68.21
CA LEU A 321 33.01 24.72 -68.86
C LEU A 321 33.22 24.37 -70.32
N LYS A 322 33.59 23.14 -70.62
CA LYS A 322 33.91 22.76 -71.99
C LYS A 322 32.75 22.04 -72.68
N ASP A 323 31.60 21.93 -72.03
CA ASP A 323 30.44 21.22 -72.57
C ASP A 323 30.88 19.91 -73.24
N LYS A 324 31.58 19.09 -72.45
CA LYS A 324 31.95 17.72 -72.79
C LYS A 324 31.01 16.84 -72.00
N GLU A 325 29.90 16.44 -72.61
CA GLU A 325 28.98 15.54 -71.93
C GLU A 325 29.75 14.32 -71.45
N PRO A 326 29.53 13.85 -70.22
CA PRO A 326 30.07 12.56 -69.81
C PRO A 326 29.06 11.44 -70.08
N THR A 327 29.57 10.21 -70.06
CA THR A 327 28.69 9.06 -70.20
C THR A 327 27.50 9.16 -69.27
N ILE A 328 26.38 8.56 -69.66
CA ILE A 328 25.13 8.73 -68.93
C ILE A 328 25.27 8.34 -67.47
N GLU A 329 26.12 7.34 -67.18
CA GLU A 329 26.28 6.91 -65.80
C GLU A 329 27.01 7.96 -64.97
N ASP A 330 28.06 8.55 -65.53
CA ASP A 330 28.78 9.60 -64.82
C ASP A 330 27.90 10.82 -64.62
N GLN A 331 26.99 11.08 -65.55
CA GLN A 331 26.00 12.11 -65.32
C GLN A 331 25.15 11.77 -64.10
N HIS A 332 24.70 10.51 -64.02
CA HIS A 332 23.95 10.07 -62.86
C HIS A 332 24.75 10.28 -61.58
N PHE A 333 26.05 10.01 -61.65
CA PHE A 333 26.96 10.30 -60.54
C PHE A 333 26.98 11.79 -60.20
N VAL A 334 27.33 12.63 -61.18
CA VAL A 334 27.51 14.06 -60.90
C VAL A 334 26.26 14.65 -60.27
N ALA A 335 25.09 14.33 -60.83
CA ALA A 335 23.83 14.69 -60.16
C ALA A 335 23.81 14.20 -58.71
N ALA A 336 24.24 12.95 -58.48
CA ALA A 336 24.12 12.36 -57.15
C ALA A 336 24.96 13.09 -56.12
N VAL A 337 26.16 13.53 -56.51
CA VAL A 337 26.94 14.39 -55.63
C VAL A 337 26.13 15.64 -55.27
N LEU A 338 25.43 16.23 -56.23
CA LEU A 338 24.68 17.44 -55.94
C LEU A 338 23.50 17.15 -55.03
N VAL A 339 22.99 15.92 -55.03
CA VAL A 339 21.95 15.59 -54.05
C VAL A 339 22.57 15.54 -52.67
N ARG A 340 23.78 15.00 -52.59
CA ARG A 340 24.49 14.95 -51.33
C ARG A 340 24.85 16.35 -50.86
N GLY A 341 25.29 17.22 -51.78
CA GLY A 341 25.75 18.53 -51.39
C GLY A 341 27.16 18.51 -50.84
N GLY A 342 27.66 19.70 -50.57
CA GLY A 342 29.05 19.85 -50.16
C GLY A 342 29.64 21.11 -50.75
N VAL A 343 30.82 21.46 -50.24
CA VAL A 343 31.46 22.72 -50.59
C VAL A 343 32.48 22.44 -51.68
N PHE A 344 32.29 23.05 -52.83
CA PHE A 344 33.14 22.81 -53.98
C PHE A 344 33.74 24.11 -54.54
N ALA B 12 51.65 -3.58 -45.56
CA ALA B 12 51.45 -4.70 -44.65
C ALA B 12 50.02 -5.23 -44.73
N SER B 13 49.14 -4.62 -43.93
CA SER B 13 47.72 -4.95 -43.84
C SER B 13 47.04 -4.02 -42.82
N VAL B 14 45.79 -3.63 -43.07
CA VAL B 14 45.00 -2.88 -42.10
C VAL B 14 43.55 -3.36 -42.18
N LEU B 15 43.10 -4.08 -41.15
CA LEU B 15 41.86 -4.83 -41.30
C LEU B 15 41.36 -5.32 -39.95
N SER B 16 40.04 -5.53 -39.87
CA SER B 16 39.38 -5.91 -38.63
C SER B 16 38.16 -6.77 -38.93
N PHE B 17 37.98 -7.84 -38.15
CA PHE B 17 36.88 -8.78 -38.32
C PHE B 17 35.90 -8.62 -37.16
N GLU B 18 34.61 -8.61 -37.46
CA GLU B 18 33.60 -8.73 -36.43
C GLU B 18 33.49 -10.18 -35.95
N ARG B 19 33.08 -10.34 -34.69
CA ARG B 19 32.93 -11.68 -34.11
C ARG B 19 31.74 -12.39 -34.72
N LYS B 20 31.85 -13.73 -34.85
CA LYS B 20 30.75 -14.52 -35.38
C LYS B 20 30.01 -15.33 -34.31
N LEU B 21 30.48 -15.31 -33.06
CA LEU B 21 29.80 -15.94 -31.93
C LEU B 21 29.23 -14.84 -31.03
N ASP B 22 27.89 -14.66 -31.07
CA ASP B 22 27.21 -13.54 -30.44
C ASP B 22 26.29 -14.00 -29.31
N PRO B 23 26.85 -14.32 -28.15
CA PRO B 23 26.01 -14.57 -26.98
C PRO B 23 25.58 -13.26 -26.32
N SER B 24 24.43 -13.34 -25.65
CA SER B 24 23.88 -12.27 -24.87
C SER B 24 24.47 -12.35 -23.48
N ASP B 25 24.12 -11.38 -22.62
CA ASP B 25 24.38 -11.56 -21.20
C ASP B 25 23.59 -12.76 -20.69
N ALA B 26 24.17 -13.52 -19.78
CA ALA B 26 23.45 -14.62 -19.15
C ALA B 26 22.92 -14.13 -17.80
N LEU B 27 21.61 -14.29 -17.60
CA LEU B 27 20.88 -13.67 -16.51
C LEU B 27 20.47 -14.74 -15.52
N PHE B 28 20.67 -14.47 -14.23
CA PHE B 28 20.39 -15.48 -13.23
C PHE B 28 18.91 -15.51 -12.88
N PHE B 29 18.42 -16.72 -12.63
CA PHE B 29 17.06 -16.95 -12.15
C PHE B 29 17.19 -18.04 -11.10
N SER B 30 16.17 -18.15 -10.27
CA SER B 30 16.20 -18.99 -9.08
C SER B 30 14.91 -19.78 -9.02
N GLY B 31 15.02 -21.03 -8.59
CA GLY B 31 13.84 -21.83 -8.40
C GLY B 31 14.24 -23.23 -7.97
N ASN B 32 13.23 -24.10 -7.93
CA ASN B 32 13.44 -25.49 -7.53
C ASN B 32 13.69 -26.40 -8.73
N TRP B 33 14.42 -27.47 -8.47
CA TRP B 33 14.96 -28.31 -9.54
C TRP B 33 13.89 -29.12 -10.23
N SER B 34 12.83 -29.49 -9.52
CA SER B 34 11.78 -30.28 -10.16
C SER B 34 11.17 -29.51 -11.33
N ASN B 35 11.03 -28.17 -11.19
CA ASN B 35 10.24 -27.33 -12.10
C ASN B 35 11.03 -26.73 -13.25
N LYS B 36 12.05 -27.41 -13.78
CA LYS B 36 12.77 -26.84 -14.92
C LYS B 36 11.81 -26.53 -16.07
N SER B 37 10.88 -27.44 -16.35
CA SER B 37 10.05 -27.31 -17.55
C SER B 37 8.98 -26.24 -17.44
N ASP B 38 8.93 -25.50 -16.35
CA ASP B 38 7.89 -24.48 -16.12
C ASP B 38 8.59 -23.13 -16.05
N ASP B 39 8.51 -22.35 -17.12
CA ASP B 39 9.22 -21.09 -17.18
C ASP B 39 8.76 -20.13 -16.07
N LYS B 40 7.48 -20.23 -15.68
CA LYS B 40 6.90 -19.31 -14.71
C LYS B 40 7.32 -19.61 -13.28
N ALA B 41 7.96 -20.76 -13.04
CA ALA B 41 8.43 -21.15 -11.72
C ALA B 41 9.86 -20.70 -11.44
N TRP B 42 10.39 -19.74 -12.19
CA TRP B 42 11.77 -19.30 -11.98
C TRP B 42 11.76 -17.80 -11.76
N GLN B 43 12.24 -17.37 -10.60
CA GLN B 43 12.10 -15.95 -10.37
C GLN B 43 13.47 -15.29 -10.35
N PRO B 44 13.55 -14.02 -10.71
CA PRO B 44 14.86 -13.42 -10.94
C PRO B 44 15.63 -13.19 -9.64
N ILE B 45 16.95 -13.20 -9.78
CA ILE B 45 17.88 -13.03 -8.69
C ILE B 45 18.39 -11.60 -8.77
N HIS B 46 18.07 -10.80 -7.75
CA HIS B 46 18.51 -9.42 -7.61
C HIS B 46 19.75 -9.30 -6.74
N LEU B 47 20.56 -8.31 -7.05
CA LEU B 47 21.72 -8.05 -6.21
C LEU B 47 21.26 -7.52 -4.86
N ARG B 48 21.98 -7.89 -3.82
CA ARG B 48 21.77 -7.34 -2.49
C ARG B 48 23.07 -6.70 -2.01
N GLU B 49 22.92 -5.90 -0.96
CA GLU B 49 24.04 -5.31 -0.25
C GLU B 49 24.16 -5.95 1.12
N LYS B 50 25.40 -6.23 1.52
CA LYS B 50 25.67 -6.63 2.87
C LYS B 50 27.00 -6.00 3.27
N SER B 51 27.15 -5.75 4.57
CA SER B 51 28.39 -5.24 5.14
C SER B 51 29.26 -6.40 5.58
N VAL B 52 30.57 -6.20 5.47
CA VAL B 52 31.57 -7.24 5.66
C VAL B 52 32.68 -6.68 6.52
N ARG B 53 32.94 -7.34 7.65
CA ARG B 53 34.07 -6.99 8.50
C ARG B 53 35.34 -7.58 7.88
N GLY B 54 36.20 -6.71 7.34
CA GLY B 54 37.40 -7.17 6.67
C GLY B 54 38.47 -7.68 7.63
N THR B 55 39.49 -8.31 7.05
CA THR B 55 40.63 -8.78 7.80
C THR B 55 41.90 -8.25 7.14
N ILE B 56 43.03 -8.53 7.77
CA ILE B 56 44.34 -8.18 7.24
C ILE B 56 44.95 -9.48 6.75
N SER B 57 45.03 -9.63 5.44
CA SER B 57 45.33 -10.92 4.85
C SER B 57 46.44 -10.86 3.80
N ASN B 58 46.83 -9.69 3.34
CA ASN B 58 47.81 -9.63 2.27
C ASN B 58 49.21 -9.60 2.86
N ARG B 59 50.18 -9.96 2.03
CA ARG B 59 51.57 -9.86 2.47
C ARG B 59 51.89 -8.41 2.80
N LEU B 60 52.40 -8.18 4.01
CA LEU B 60 52.77 -6.85 4.42
C LEU B 60 54.07 -6.44 3.75
N LYS B 61 54.22 -5.13 3.52
CA LYS B 61 55.42 -4.60 2.89
C LYS B 61 56.49 -4.40 3.96
N LYS B 62 57.73 -4.71 3.63
CA LYS B 62 58.78 -4.78 4.65
C LYS B 62 58.87 -3.48 5.43
N GLY B 63 59.28 -3.59 6.71
CA GLY B 63 59.14 -2.51 7.67
C GLY B 63 57.74 -2.34 8.22
N GLU B 64 56.70 -2.85 7.53
CA GLU B 64 55.37 -2.75 8.09
C GLU B 64 54.94 -4.02 8.80
N ALA B 65 55.91 -4.85 9.22
CA ALA B 65 55.68 -6.18 9.79
C ALA B 65 55.99 -6.26 11.28
N ASP B 66 56.25 -5.15 11.95
CA ASP B 66 56.52 -5.26 13.37
C ASP B 66 55.22 -5.37 14.16
N PRO B 67 55.27 -5.96 15.37
CA PRO B 67 54.01 -6.27 16.08
C PRO B 67 53.15 -5.05 16.39
N ALA B 68 53.75 -3.95 16.87
CA ALA B 68 52.94 -2.79 17.22
C ALA B 68 52.16 -2.27 16.02
N LYS B 69 52.77 -2.30 14.84
CA LYS B 69 52.10 -1.72 13.69
C LYS B 69 50.93 -2.59 13.23
N LEU B 70 51.17 -3.90 13.07
CA LEU B 70 50.12 -4.81 12.60
C LEU B 70 48.95 -4.89 13.55
N ASN B 71 49.27 -5.00 14.84
CA ASN B 71 48.23 -4.97 15.88
C ASN B 71 47.32 -3.76 15.72
N ALA B 72 47.90 -2.58 15.47
CA ALA B 72 47.08 -1.39 15.30
C ALA B 72 46.15 -1.54 14.11
N ALA B 73 46.63 -2.17 13.03
CA ALA B 73 45.82 -2.33 11.83
C ALA B 73 44.70 -3.34 12.03
N ILE B 74 44.95 -4.39 12.83
CA ILE B 74 43.87 -5.29 13.20
C ILE B 74 42.78 -4.51 13.93
N GLU B 75 43.17 -3.42 14.62
CA GLU B 75 42.24 -2.69 15.47
C GLU B 75 41.32 -1.78 14.67
N LYS B 76 41.82 -1.13 13.62
CA LYS B 76 40.95 -0.27 12.83
C LYS B 76 39.87 -1.11 12.12
N PRO B 77 38.68 -0.54 11.95
CA PRO B 77 37.49 -1.39 11.68
C PRO B 77 37.57 -2.22 10.41
N ASN B 78 38.04 -1.66 9.29
CA ASN B 78 38.02 -2.32 7.97
C ASN B 78 36.61 -2.80 7.63
N LEU B 79 35.65 -1.88 7.66
CA LEU B 79 34.28 -2.17 7.29
C LEU B 79 34.03 -1.86 5.83
N GLN B 80 33.45 -2.81 5.10
CA GLN B 80 33.18 -2.65 3.68
C GLN B 80 31.74 -3.04 3.40
N THR B 81 31.28 -2.67 2.21
CA THR B 81 30.00 -3.13 1.68
C THR B 81 30.26 -3.89 0.39
N VAL B 82 29.59 -5.03 0.22
CA VAL B 82 29.71 -5.77 -1.04
C VAL B 82 28.33 -6.00 -1.62
N ASP B 83 28.28 -6.18 -2.94
CA ASP B 83 27.15 -6.78 -3.63
C ASP B 83 27.23 -8.31 -3.51
N VAL B 84 26.13 -8.95 -3.17
CA VAL B 84 26.06 -10.40 -3.27
C VAL B 84 24.83 -10.80 -4.06
N ALA B 85 24.91 -11.95 -4.72
CA ALA B 85 23.74 -12.62 -5.28
C ALA B 85 23.66 -14.03 -4.72
N THR B 86 22.50 -14.39 -4.17
CA THR B 86 22.29 -15.71 -3.59
C THR B 86 20.97 -16.33 -4.03
N LEU B 87 20.87 -17.66 -3.82
CA LEU B 87 19.57 -18.30 -3.99
C LEU B 87 18.64 -17.97 -2.81
N PRO B 88 17.33 -17.99 -3.03
CA PRO B 88 16.40 -17.82 -1.92
C PRO B 88 16.48 -18.95 -0.91
N PHE B 89 15.76 -18.76 0.19
CA PHE B 89 15.76 -19.76 1.26
C PHE B 89 14.93 -20.97 0.88
N ASP B 90 14.00 -20.80 -0.06
CA ASP B 90 13.09 -21.86 -0.50
C ASP B 90 13.40 -22.36 -1.91
N SER B 91 14.61 -22.11 -2.41
CA SER B 91 14.93 -22.36 -3.81
C SER B 91 16.36 -22.87 -3.90
N ASP B 92 16.50 -24.08 -4.40
CA ASP B 92 17.76 -24.80 -4.37
C ASP B 92 18.52 -24.72 -5.68
N THR B 93 17.94 -24.14 -6.73
CA THR B 93 18.51 -24.26 -8.08
C THR B 93 18.60 -22.91 -8.78
N LEU B 94 19.80 -22.64 -9.30
CA LEU B 94 20.11 -21.52 -10.18
C LEU B 94 19.80 -21.87 -11.64
N LYS B 95 19.04 -21.00 -12.31
CA LYS B 95 18.77 -21.05 -13.74
C LYS B 95 19.52 -19.90 -14.43
N VAL B 96 20.50 -20.23 -15.25
CA VAL B 96 21.18 -19.25 -16.12
C VAL B 96 20.63 -19.40 -17.53
N GLU B 97 20.18 -18.31 -18.15
CA GLU B 97 19.61 -18.34 -19.51
C GLU B 97 20.31 -17.33 -20.42
N PHE B 98 20.61 -17.73 -21.65
CA PHE B 98 21.11 -16.77 -22.64
C PHE B 98 20.86 -17.27 -24.07
N THR B 99 20.86 -16.34 -25.02
CA THR B 99 20.69 -16.68 -26.43
C THR B 99 21.99 -16.45 -27.18
N LEU B 100 22.27 -17.35 -28.13
CA LEU B 100 23.49 -17.30 -28.93
C LEU B 100 23.11 -17.10 -30.39
N ARG B 101 23.91 -16.30 -31.09
CA ARG B 101 23.79 -16.10 -32.53
C ARG B 101 25.10 -16.49 -33.17
N VAL B 102 25.05 -17.38 -34.15
CA VAL B 102 26.22 -17.65 -34.98
C VAL B 102 25.97 -17.07 -36.37
N LEU B 103 26.97 -16.35 -36.86
CA LEU B 103 26.89 -15.61 -38.11
C LEU B 103 27.88 -16.22 -39.08
N GLY B 104 27.50 -16.26 -40.36
CA GLY B 104 28.39 -16.65 -41.41
C GLY B 104 29.35 -15.54 -41.79
N GLY B 105 30.16 -15.81 -42.81
CA GLY B 105 31.07 -14.80 -43.32
C GLY B 105 32.41 -14.76 -42.62
N VAL B 106 32.91 -15.92 -42.15
CA VAL B 106 34.14 -15.98 -41.35
C VAL B 106 35.31 -15.36 -42.09
N GLY B 107 35.38 -15.57 -43.41
CA GLY B 107 36.54 -15.15 -44.16
C GLY B 107 36.56 -13.66 -44.47
N GLU B 108 35.39 -13.07 -44.78
CA GLU B 108 35.36 -11.68 -45.25
C GLU B 108 35.52 -10.72 -44.08
N PRO B 109 36.48 -9.79 -44.13
CA PRO B 109 36.60 -8.77 -43.09
C PRO B 109 35.75 -7.52 -43.32
N ALA B 110 35.42 -6.85 -42.22
CA ALA B 110 34.59 -5.67 -42.28
C ALA B 110 35.37 -4.43 -42.70
N ALA B 111 36.67 -4.37 -42.39
CA ALA B 111 37.55 -3.30 -42.86
C ALA B 111 38.83 -3.93 -43.39
N CYS B 112 39.39 -3.37 -44.47
CA CYS B 112 40.50 -4.01 -45.15
C CYS B 112 41.26 -2.96 -45.97
N ASN B 113 42.57 -2.84 -45.74
CA ASN B 113 43.37 -1.83 -46.42
C ASN B 113 43.75 -2.26 -47.83
N SER B 114 44.66 -3.23 -47.94
CA SER B 114 45.05 -3.73 -49.25
C SER B 114 43.96 -4.63 -49.77
N MET B 115 43.43 -4.32 -50.96
CA MET B 115 42.46 -5.20 -51.59
C MET B 115 43.09 -6.49 -52.06
N GLU B 116 44.37 -6.46 -52.46
CA GLU B 116 45.05 -7.69 -52.84
C GLU B 116 45.27 -8.59 -51.62
N TYR B 117 45.69 -8.01 -50.50
CA TYR B 117 45.74 -8.77 -49.25
C TYR B 117 44.39 -9.41 -48.95
N ARG B 118 43.30 -8.65 -49.08
CA ARG B 118 41.98 -9.22 -48.87
C ARG B 118 41.67 -10.28 -49.91
N SER B 119 42.06 -10.05 -51.16
CA SER B 119 41.82 -11.06 -52.19
C SER B 119 42.51 -12.36 -51.84
N LYS B 120 43.76 -12.26 -51.37
CA LYS B 120 44.52 -13.46 -51.06
C LYS B 120 44.06 -14.05 -49.73
N LEU B 121 43.64 -13.20 -48.78
CA LEU B 121 43.15 -13.69 -47.51
C LEU B 121 41.85 -14.49 -47.68
N VAL B 122 40.88 -13.97 -48.43
CA VAL B 122 39.62 -14.68 -48.57
C VAL B 122 39.83 -16.00 -49.31
N ALA B 123 40.66 -16.00 -50.35
CA ALA B 123 41.02 -17.25 -51.01
C ALA B 123 41.55 -18.26 -50.00
N THR B 124 42.56 -17.86 -49.22
CA THR B 124 43.12 -18.72 -48.20
C THR B 124 42.03 -19.35 -47.34
N ILE B 125 41.21 -18.53 -46.69
CA ILE B 125 40.18 -19.08 -45.80
C ILE B 125 39.15 -19.87 -46.59
N SER B 126 38.67 -19.31 -47.72
CA SER B 126 37.76 -20.05 -48.60
C SER B 126 38.30 -21.43 -48.94
N HIS B 127 39.60 -21.53 -49.23
CA HIS B 127 40.18 -22.84 -49.45
C HIS B 127 40.15 -23.66 -48.17
N TYR B 128 40.58 -23.06 -47.04
CA TYR B 128 40.51 -23.75 -45.76
C TYR B 128 39.16 -24.40 -45.56
N ILE B 129 38.08 -23.65 -45.80
CA ILE B 129 36.75 -24.14 -45.44
C ILE B 129 36.44 -25.46 -46.13
N ASP B 130 36.88 -25.65 -47.38
CA ASP B 130 36.46 -26.89 -48.04
C ASP B 130 37.54 -27.97 -48.16
N THR B 131 38.82 -27.65 -47.93
CA THR B 131 39.76 -28.77 -47.78
C THR B 131 39.39 -29.60 -46.56
N HIS B 132 39.22 -28.92 -45.43
CA HIS B 132 38.64 -29.50 -44.21
C HIS B 132 37.61 -28.51 -43.69
N GLY B 133 36.35 -28.92 -43.70
CA GLY B 133 35.29 -28.10 -43.16
C GLY B 133 35.62 -27.61 -41.77
N LEU B 134 35.16 -26.41 -41.41
CA LEU B 134 35.31 -25.92 -40.04
C LEU B 134 34.40 -26.71 -39.11
N ASP B 135 34.29 -28.02 -39.34
CA ASP B 135 33.44 -28.84 -38.50
C ASP B 135 34.00 -28.93 -37.09
N ILE B 136 35.31 -29.05 -36.94
CA ILE B 136 35.86 -29.16 -35.59
C ILE B 136 35.58 -27.88 -34.80
N LEU B 137 35.65 -26.71 -35.44
CA LEU B 137 35.29 -25.50 -34.70
C LEU B 137 33.88 -25.60 -34.16
N GLY B 138 32.91 -25.86 -35.03
CA GLY B 138 31.55 -26.05 -34.57
C GLY B 138 31.39 -27.15 -33.55
N ASN B 139 32.14 -28.25 -33.70
CA ASN B 139 32.10 -29.28 -32.66
C ASN B 139 32.59 -28.71 -31.34
N ARG B 140 33.74 -28.03 -31.39
CA ARG B 140 34.39 -27.62 -30.17
C ARG B 140 33.64 -26.48 -29.50
N TYR B 141 33.14 -25.52 -30.29
CA TYR B 141 32.18 -24.57 -29.73
C TYR B 141 30.98 -25.31 -29.16
N ALA B 142 30.48 -26.30 -29.88
CA ALA B 142 29.30 -27.02 -29.39
C ALA B 142 29.59 -27.67 -28.05
N ALA B 143 30.79 -28.23 -27.89
CA ALA B 143 31.15 -28.89 -26.63
C ALA B 143 31.05 -27.92 -25.46
N ASN B 144 31.52 -26.70 -25.66
CA ASN B 144 31.56 -25.76 -24.56
C ASN B 144 30.18 -25.24 -24.20
N LEU B 145 29.18 -25.38 -25.06
CA LEU B 145 27.82 -25.29 -24.53
C LEU B 145 27.51 -26.51 -23.67
N ALA B 146 27.89 -27.72 -24.15
CA ALA B 146 27.41 -28.95 -23.55
C ALA B 146 28.10 -29.27 -22.23
N ASN B 147 29.36 -28.89 -22.10
CA ASN B 147 30.02 -29.05 -20.82
C ASN B 147 29.67 -27.95 -19.80
N GLY B 148 29.01 -26.88 -20.22
CA GLY B 148 28.67 -25.85 -19.27
C GLY B 148 29.84 -25.00 -18.81
N ARG B 149 30.93 -24.99 -19.58
CA ARG B 149 32.06 -24.12 -19.25
C ARG B 149 31.59 -22.73 -18.89
N PHE B 150 30.61 -22.20 -19.64
CA PHE B 150 30.12 -20.83 -19.50
C PHE B 150 29.49 -20.54 -18.14
N LEU B 151 29.33 -21.54 -17.27
CA LEU B 151 28.87 -21.26 -15.92
C LEU B 151 29.99 -20.73 -15.02
N TRP B 152 31.22 -20.88 -15.46
CA TRP B 152 32.39 -20.60 -14.64
C TRP B 152 32.24 -21.10 -13.20
N ARG B 153 32.41 -20.20 -12.22
CA ARG B 153 32.47 -20.59 -10.81
C ARG B 153 31.18 -21.25 -10.36
N ASN B 154 30.08 -21.00 -11.05
CA ASN B 154 28.85 -21.71 -10.73
C ASN B 154 28.91 -23.21 -11.03
N ARG B 155 29.90 -23.66 -11.79
CA ARG B 155 29.96 -25.10 -12.06
C ARG B 155 30.58 -25.90 -10.92
N LEU B 156 31.39 -25.27 -10.07
CA LEU B 156 32.10 -26.01 -9.02
C LEU B 156 31.13 -26.46 -7.95
N GLY B 157 31.27 -27.71 -7.54
CA GLY B 157 30.49 -28.21 -6.42
C GLY B 157 29.00 -28.27 -6.65
N ALA B 158 28.58 -28.50 -7.89
CA ALA B 158 27.17 -28.64 -8.21
C ALA B 158 26.72 -30.07 -8.01
N ASP B 159 25.53 -30.23 -7.45
CA ASP B 159 24.91 -31.54 -7.39
C ASP B 159 24.67 -32.10 -8.78
N ALA B 160 24.11 -31.29 -9.68
CA ALA B 160 23.66 -31.76 -10.98
C ALA B 160 23.36 -30.56 -11.88
N ILE B 161 23.86 -30.60 -13.12
CA ILE B 161 23.72 -29.52 -14.08
C ILE B 161 23.07 -30.06 -15.34
N SER B 162 22.03 -29.38 -15.82
CA SER B 162 21.28 -29.80 -17.00
C SER B 162 21.12 -28.59 -17.91
N ILE B 163 21.70 -28.66 -19.10
CA ILE B 163 21.73 -27.53 -20.02
C ILE B 163 20.77 -27.84 -21.16
N GLN B 164 19.66 -27.11 -21.26
CA GLN B 164 18.67 -27.30 -22.33
C GLN B 164 18.92 -26.32 -23.47
N ILE B 165 19.27 -26.83 -24.65
CA ILE B 165 19.57 -25.97 -25.79
C ILE B 165 18.49 -26.14 -26.84
N THR B 166 17.93 -25.02 -27.30
CA THR B 166 16.99 -25.01 -28.41
C THR B 166 17.49 -24.07 -29.50
N ARG B 167 17.09 -24.39 -30.74
CA ARG B 167 17.18 -23.48 -31.88
C ARG B 167 15.87 -22.72 -31.97
N LEU B 168 15.96 -21.41 -32.16
CA LEU B 168 14.78 -20.60 -32.35
C LEU B 168 14.72 -20.13 -33.80
N SER B 169 13.51 -20.09 -34.33
CA SER B 169 13.36 -19.85 -35.76
C SER B 169 11.95 -19.28 -35.94
N GLY B 170 11.87 -18.04 -36.42
CA GLY B 170 10.58 -17.39 -36.45
C GLY B 170 9.94 -17.46 -35.09
N ASP B 171 8.78 -18.09 -34.98
CA ASP B 171 8.18 -18.38 -33.69
C ASP B 171 8.37 -19.83 -33.28
N GLU B 172 9.14 -20.59 -34.03
CA GLU B 172 9.27 -22.01 -33.74
C GLU B 172 10.44 -22.22 -32.78
N SER B 173 10.20 -23.03 -31.76
CA SER B 173 11.24 -23.47 -30.85
C SER B 173 11.41 -24.97 -31.04
N THR B 174 12.55 -25.37 -31.59
CA THR B 174 12.90 -26.75 -31.85
C THR B 174 13.86 -27.23 -30.77
N LEU B 175 13.46 -28.21 -29.98
CA LEU B 175 14.38 -28.77 -28.99
C LEU B 175 15.59 -29.33 -29.72
N VAL B 176 16.78 -28.93 -29.30
CA VAL B 176 18.00 -29.47 -29.86
C VAL B 176 18.62 -30.51 -28.94
N GLY B 177 18.64 -30.24 -27.64
CA GLY B 177 19.22 -31.18 -26.69
C GLY B 177 19.19 -30.64 -25.27
N VAL B 178 19.14 -31.58 -24.33
CA VAL B 178 19.33 -31.27 -22.93
C VAL B 178 20.51 -32.10 -22.45
N PHE B 179 21.53 -31.44 -21.92
CA PHE B 179 22.85 -32.01 -21.73
C PHE B 179 23.25 -32.00 -20.25
N ASP B 180 23.81 -33.12 -19.80
CA ASP B 180 24.43 -33.25 -18.47
C ASP B 180 25.84 -32.68 -18.58
N ALA B 181 25.98 -31.39 -18.28
CA ALA B 181 27.28 -30.74 -18.31
C ALA B 181 28.32 -31.51 -17.50
N LEU B 182 27.89 -32.29 -16.52
CA LEU B 182 28.85 -33.03 -15.71
C LEU B 182 29.27 -34.33 -16.35
N ALA B 183 28.62 -34.73 -17.43
CA ALA B 183 29.01 -35.88 -18.22
C ALA B 183 30.04 -35.54 -19.31
N HIS B 184 30.25 -34.28 -19.59
CA HIS B 184 31.15 -33.96 -20.68
C HIS B 184 32.38 -33.28 -20.12
N PRO B 185 33.54 -33.50 -20.72
CA PRO B 185 34.79 -33.06 -20.10
C PRO B 185 35.06 -31.57 -20.32
N LEU B 186 36.03 -31.05 -19.56
CA LEU B 186 36.58 -29.72 -19.77
C LEU B 186 37.95 -29.74 -20.42
N ARG B 187 38.78 -30.68 -20.03
CA ARG B 187 40.19 -30.61 -20.34
C ARG B 187 40.54 -31.32 -21.64
N GLN B 188 39.62 -32.06 -22.24
CA GLN B 188 39.78 -32.38 -23.64
C GLN B 188 38.40 -32.60 -24.26
N PHE B 189 38.36 -32.56 -25.59
CA PHE B 189 37.11 -32.71 -26.35
C PHE B 189 36.89 -34.17 -26.73
N GLU B 190 35.62 -34.54 -26.85
CA GLU B 190 35.26 -35.95 -26.83
C GLU B 190 35.59 -36.65 -28.14
N GLU B 191 36.35 -37.75 -28.00
CA GLU B 191 36.91 -38.53 -29.09
C GLU B 191 35.87 -39.55 -29.57
N LYS B 192 35.16 -39.20 -30.66
CA LYS B 192 34.13 -40.04 -31.25
C LYS B 192 33.06 -40.44 -30.23
N SER B 193 32.24 -41.42 -30.59
CA SER B 193 30.95 -41.63 -29.94
C SER B 193 30.12 -40.34 -30.00
N VAL B 194 29.92 -39.71 -28.83
CA VAL B 194 29.10 -38.53 -28.57
C VAL B 194 27.63 -38.78 -28.89
N SER B 195 26.75 -38.09 -28.16
CA SER B 195 25.32 -38.22 -28.37
C SER B 195 24.95 -37.73 -29.77
N GLU B 196 23.79 -38.18 -30.24
CA GLU B 196 23.21 -37.58 -31.43
C GLU B 196 22.92 -36.11 -31.20
N GLU B 197 22.64 -35.71 -29.96
CA GLU B 197 22.26 -34.33 -29.68
C GLU B 197 23.46 -33.40 -29.68
N LEU B 198 24.62 -33.85 -29.19
CA LEU B 198 25.82 -33.02 -29.30
C LEU B 198 26.22 -32.82 -30.75
N GLU B 199 26.17 -33.89 -31.55
CA GLU B 199 26.57 -33.79 -32.96
C GLU B 199 25.57 -32.95 -33.74
N ALA B 200 24.27 -33.11 -33.45
CA ALA B 200 23.25 -32.25 -34.05
C ALA B 200 23.56 -30.77 -33.78
N LEU B 201 23.91 -30.44 -32.54
CA LEU B 201 24.36 -29.10 -32.23
C LEU B 201 25.63 -28.73 -32.99
N ALA B 202 26.59 -29.65 -33.04
CA ALA B 202 27.84 -29.38 -33.75
C ALA B 202 27.57 -28.93 -35.19
N LYS B 203 26.69 -29.65 -35.89
CA LYS B 203 26.38 -29.29 -37.27
C LYS B 203 25.75 -27.90 -37.33
N LEU B 204 24.90 -27.58 -36.38
CA LEU B 204 24.18 -26.32 -36.40
C LEU B 204 25.10 -25.13 -36.23
N ILE B 205 26.08 -25.25 -35.35
CA ILE B 205 26.99 -24.14 -35.22
C ILE B 205 27.87 -24.01 -36.47
N THR B 206 28.20 -25.12 -37.12
CA THR B 206 29.06 -25.05 -38.31
C THR B 206 28.33 -24.50 -39.52
N ALA B 207 27.06 -24.88 -39.69
CA ALA B 207 26.26 -24.36 -40.81
C ALA B 207 26.04 -22.88 -40.67
N GLY B 208 25.82 -22.42 -39.43
CA GLY B 208 25.73 -21.00 -39.18
C GLY B 208 27.02 -20.29 -39.48
N LEU B 209 28.13 -20.87 -39.03
CA LEU B 209 29.42 -20.29 -39.38
C LEU B 209 29.65 -20.36 -40.88
N ALA B 210 29.19 -21.43 -41.51
CA ALA B 210 29.42 -21.61 -42.94
C ALA B 210 28.53 -20.75 -43.81
N GLY B 211 27.43 -20.23 -43.26
CA GLY B 211 26.51 -19.41 -44.00
C GLY B 211 25.27 -20.14 -44.45
N GLN B 212 25.23 -21.47 -44.30
CA GLN B 212 24.10 -22.21 -44.85
C GLN B 212 22.79 -21.79 -44.19
N GLU B 213 22.82 -21.42 -42.91
CA GLU B 213 21.57 -21.19 -42.17
C GLU B 213 21.70 -20.07 -41.16
N HIS B 214 20.53 -19.62 -40.68
CA HIS B 214 20.42 -18.61 -39.63
C HIS B 214 20.19 -19.31 -38.31
N VAL B 215 21.08 -19.09 -37.37
CA VAL B 215 21.11 -19.93 -36.20
C VAL B 215 20.96 -19.01 -35.00
N LEU B 216 19.95 -19.26 -34.20
CA LEU B 216 19.67 -18.49 -33.01
C LEU B 216 19.28 -19.49 -31.95
N LEU B 217 20.17 -19.70 -30.98
CA LEU B 217 19.98 -20.68 -29.92
C LEU B 217 19.57 -20.00 -28.61
N ARG B 218 18.76 -20.71 -27.82
CA ARG B 218 18.35 -20.33 -26.47
C ARG B 218 18.93 -21.36 -25.48
N VAL B 219 20.02 -20.98 -24.78
CA VAL B 219 20.68 -21.84 -23.77
C VAL B 219 20.07 -21.60 -22.38
N LYS B 220 19.69 -22.69 -21.68
CA LYS B 220 19.13 -22.61 -20.33
C LYS B 220 19.83 -23.61 -19.42
N ALA B 221 20.88 -23.16 -18.74
CA ALA B 221 21.58 -23.98 -17.75
C ALA B 221 20.76 -24.05 -16.47
N PHE B 222 20.75 -25.20 -15.82
CA PHE B 222 20.22 -25.32 -14.46
C PHE B 222 21.28 -25.93 -13.58
N ILE B 223 21.67 -25.20 -12.54
CA ILE B 223 22.63 -25.67 -11.56
C ILE B 223 21.91 -25.86 -10.24
N ARG B 224 21.95 -27.10 -9.73
CA ARG B 224 21.40 -27.41 -8.40
C ARG B 224 22.52 -27.27 -7.37
N MET B 225 22.46 -26.20 -6.56
CA MET B 225 23.52 -25.93 -5.59
C MET B 225 23.04 -25.85 -4.15
N GLY B 226 21.75 -25.91 -3.88
CA GLY B 226 21.27 -26.03 -2.51
C GLY B 226 20.66 -24.72 -2.02
N GLU B 227 19.55 -24.82 -1.28
CA GLU B 227 18.82 -23.63 -0.82
C GLU B 227 19.77 -22.60 -0.21
N GLY B 228 19.46 -21.33 -0.42
CA GLY B 228 20.20 -20.25 0.18
C GLY B 228 21.57 -19.96 -0.38
N GLN B 229 22.16 -20.91 -1.11
CA GLN B 229 23.56 -20.81 -1.49
C GLN B 229 23.84 -19.58 -2.35
N GLU B 230 25.12 -19.19 -2.38
CA GLU B 230 25.60 -18.06 -3.17
C GLU B 230 25.79 -18.44 -4.63
N VAL B 231 25.38 -17.56 -5.54
CA VAL B 231 25.68 -17.72 -6.96
C VAL B 231 26.79 -16.72 -7.31
N PHE B 232 27.27 -16.71 -8.55
CA PHE B 232 28.45 -15.90 -8.87
C PHE B 232 28.33 -15.18 -10.20
N PRO B 233 27.83 -13.95 -10.19
CA PRO B 233 27.81 -13.12 -11.40
C PRO B 233 29.20 -12.57 -11.74
N SER B 234 29.31 -11.99 -12.92
CA SER B 234 30.55 -11.29 -13.21
C SER B 234 30.73 -10.14 -12.23
N GLN B 235 31.94 -9.61 -12.18
CA GLN B 235 32.24 -8.47 -11.35
C GLN B 235 32.41 -7.23 -12.20
N GLU B 236 31.94 -6.11 -11.67
CA GLU B 236 32.04 -4.84 -12.35
C GLU B 236 33.06 -3.99 -11.58
N LEU B 237 34.06 -3.49 -12.28
CA LEU B 237 35.28 -3.01 -11.65
C LEU B 237 35.42 -1.51 -11.85
N LEU B 238 35.42 -0.77 -10.75
CA LEU B 238 35.58 0.68 -10.73
C LEU B 238 36.35 1.06 -9.47
N LEU B 239 37.46 1.79 -9.64
CA LEU B 239 38.40 2.10 -8.57
C LEU B 239 37.93 3.34 -7.81
N ASP B 240 37.65 3.18 -6.51
CA ASP B 240 37.20 4.26 -5.63
C ASP B 240 36.24 5.25 -6.29
N LYS B 241 35.29 4.76 -7.08
CA LYS B 241 34.42 5.62 -7.87
C LYS B 241 33.12 5.87 -7.12
N GLY B 242 32.79 7.15 -6.91
CA GLY B 242 31.63 7.53 -6.15
C GLY B 242 31.93 7.63 -4.68
N LYS B 243 30.95 8.11 -3.93
CA LYS B 243 31.05 8.23 -2.49
C LYS B 243 30.69 6.95 -1.76
N SER B 244 30.45 5.85 -2.49
CA SER B 244 29.91 4.65 -1.85
C SER B 244 30.92 3.95 -0.94
N THR B 245 32.22 4.01 -1.29
CA THR B 245 33.27 3.17 -0.68
C THR B 245 32.80 1.72 -0.52
N LYS B 246 32.14 1.24 -1.57
CA LYS B 246 31.71 -0.13 -1.70
C LYS B 246 32.91 -0.93 -2.21
N SER B 247 33.15 -2.11 -1.64
CA SER B 247 34.39 -2.78 -2.01
C SER B 247 34.24 -3.68 -3.23
N ARG B 248 33.07 -4.27 -3.44
CA ARG B 248 32.88 -5.17 -4.56
C ARG B 248 31.54 -4.92 -5.25
N PHE B 249 31.56 -4.89 -6.57
CA PHE B 249 30.39 -4.57 -7.37
C PHE B 249 30.08 -5.75 -8.29
N LEU B 250 28.80 -6.12 -8.36
CA LEU B 250 28.38 -7.22 -9.22
C LEU B 250 27.62 -6.69 -10.45
N TYR B 251 27.68 -7.46 -11.55
CA TYR B 251 27.06 -7.09 -12.81
C TYR B 251 25.59 -7.50 -12.87
N SER B 252 24.78 -6.63 -13.47
CA SER B 252 23.33 -6.82 -13.51
C SER B 252 22.75 -6.00 -14.65
N VAL B 253 21.70 -6.50 -15.30
CA VAL B 253 21.10 -5.77 -16.42
C VAL B 253 19.62 -5.63 -16.17
N GLY B 254 19.10 -4.44 -16.35
CA GLY B 254 17.71 -4.30 -16.03
C GLY B 254 17.26 -2.88 -16.13
N GLN B 255 16.92 -2.29 -15.00
CA GLN B 255 16.53 -0.89 -14.94
C GLN B 255 17.14 -0.27 -13.68
N ASP B 256 16.51 -0.50 -12.54
CA ASP B 256 16.96 0.05 -11.26
C ASP B 256 16.93 -1.01 -10.17
N GLU B 257 15.73 -1.31 -9.67
CA GLU B 257 15.59 -2.35 -8.66
C GLU B 257 14.93 -3.62 -9.20
N LYS B 258 14.53 -3.63 -10.47
CA LYS B 258 14.13 -4.84 -11.16
C LYS B 258 15.29 -5.53 -11.84
N ALA B 259 16.50 -4.97 -11.76
CA ALA B 259 17.64 -5.47 -12.52
C ALA B 259 18.10 -6.84 -12.00
N ILE B 260 18.70 -7.63 -12.90
CA ILE B 260 18.96 -9.04 -12.66
C ILE B 260 20.45 -9.31 -12.62
N ALA B 261 20.86 -10.16 -11.69
CA ALA B 261 22.26 -10.57 -11.63
C ALA B 261 22.66 -11.33 -12.89
N ALA B 262 23.88 -11.08 -13.33
CA ALA B 262 24.26 -11.46 -14.67
C ALA B 262 25.73 -11.84 -14.77
N ILE B 263 26.02 -12.80 -15.69
CA ILE B 263 27.35 -12.99 -16.26
C ILE B 263 27.44 -12.18 -17.53
N HIS B 264 28.62 -11.56 -17.74
CA HIS B 264 28.89 -10.73 -18.90
C HIS B 264 28.75 -11.52 -20.20
N SER B 265 28.08 -10.92 -21.19
CA SER B 265 28.07 -11.50 -22.52
C SER B 265 29.47 -11.97 -22.87
N GLN B 266 30.43 -11.06 -23.00
CA GLN B 266 31.77 -11.46 -23.42
C GLN B 266 32.42 -12.48 -22.49
N LYS B 267 31.91 -12.64 -21.26
CA LYS B 267 32.41 -13.72 -20.42
C LYS B 267 31.95 -15.07 -20.95
N ILE B 268 30.64 -15.20 -21.18
CA ILE B 268 30.10 -16.36 -21.88
C ILE B 268 30.85 -16.61 -23.18
N GLY B 269 31.09 -15.55 -23.95
CA GLY B 269 32.01 -15.63 -25.06
C GLY B 269 33.30 -16.35 -24.70
N ASN B 270 34.08 -15.78 -23.77
CA ASN B 270 35.39 -16.35 -23.46
C ASN B 270 35.33 -17.85 -23.21
N ALA B 271 34.21 -18.35 -22.67
CA ALA B 271 34.09 -19.78 -22.41
C ALA B 271 33.85 -20.57 -23.70
N LEU B 272 32.99 -20.06 -24.59
CA LEU B 272 32.74 -20.74 -25.86
C LEU B 272 34.05 -20.95 -26.64
N ARG B 273 34.87 -19.91 -26.74
CA ARG B 273 36.11 -19.97 -27.50
C ARG B 273 37.23 -20.71 -26.78
N THR B 274 36.94 -21.47 -25.72
CA THR B 274 38.03 -22.16 -25.03
C THR B 274 38.18 -23.52 -25.71
N ILE B 275 38.89 -23.51 -26.84
CA ILE B 275 39.03 -24.68 -27.71
C ILE B 275 40.42 -24.79 -28.32
N ASP B 276 41.30 -23.82 -28.06
CA ASP B 276 42.67 -23.88 -28.57
C ASP B 276 43.46 -24.86 -27.70
N THR B 277 43.49 -26.12 -28.16
CA THR B 277 44.38 -27.16 -27.66
C THR B 277 45.66 -27.25 -28.49
N TRP B 278 45.78 -26.42 -29.52
CA TRP B 278 46.78 -26.55 -30.57
C TRP B 278 48.01 -25.68 -30.34
N TYR B 279 48.22 -25.17 -29.14
CA TYR B 279 49.39 -24.33 -28.87
C TYR B 279 50.58 -25.20 -28.50
N PRO B 280 51.80 -24.61 -28.54
CA PRO B 280 53.01 -25.38 -28.22
C PRO B 280 52.86 -26.31 -27.04
N ASP B 281 52.44 -25.75 -25.92
CA ASP B 281 52.56 -26.50 -24.67
C ASP B 281 51.45 -27.55 -24.52
N ALA B 282 50.20 -27.17 -24.80
CA ALA B 282 49.08 -28.10 -25.02
C ALA B 282 48.96 -29.27 -24.04
N GLU B 283 50.02 -30.07 -23.91
CA GLU B 283 50.01 -31.25 -23.02
C GLU B 283 49.70 -30.87 -21.59
N ILE B 284 50.41 -29.87 -21.05
CA ILE B 284 50.06 -29.29 -19.77
C ILE B 284 48.94 -28.27 -20.01
N ASN B 285 48.48 -27.62 -18.94
CA ASN B 285 47.51 -26.53 -19.03
C ASN B 285 46.16 -26.96 -19.61
N GLY B 286 46.14 -27.51 -20.81
CA GLY B 286 44.90 -27.96 -21.39
C GLY B 286 44.34 -26.96 -22.37
N PRO B 287 43.04 -27.05 -22.62
CA PRO B 287 42.40 -26.09 -23.53
C PRO B 287 42.42 -24.69 -22.93
N ILE B 288 42.55 -23.69 -23.79
CA ILE B 288 42.52 -22.29 -23.39
C ILE B 288 41.66 -21.52 -24.38
N ALA B 289 41.29 -20.31 -24.00
CA ALA B 289 40.46 -19.52 -24.92
C ALA B 289 41.32 -18.86 -25.98
N VAL B 290 40.84 -18.95 -27.23
CA VAL B 290 41.58 -18.50 -28.41
C VAL B 290 41.87 -17.02 -28.30
N GLU B 291 43.14 -16.65 -28.39
CA GLU B 291 43.53 -15.26 -28.46
C GLU B 291 44.72 -15.13 -29.39
N PRO B 292 44.91 -13.97 -30.02
CA PRO B 292 46.03 -13.81 -30.97
C PRO B 292 47.39 -14.23 -30.41
N TYR B 293 47.70 -13.92 -29.16
CA TYR B 293 48.95 -14.35 -28.55
C TYR B 293 48.72 -15.37 -27.44
N GLY B 294 47.66 -16.18 -27.57
CA GLY B 294 47.33 -17.22 -26.61
C GLY B 294 47.40 -16.79 -25.16
N SER B 295 46.88 -15.60 -24.86
CA SER B 295 47.04 -15.01 -23.53
C SER B 295 46.11 -15.67 -22.52
N VAL B 296 46.60 -15.79 -21.28
CA VAL B 296 45.80 -16.23 -20.15
C VAL B 296 46.09 -15.26 -19.01
N THR B 297 45.11 -14.42 -18.69
CA THR B 297 45.35 -13.36 -17.72
C THR B 297 45.44 -13.89 -16.30
N THR B 298 44.78 -15.02 -15.99
CA THR B 298 44.91 -15.55 -14.63
C THR B 298 46.32 -16.09 -14.40
N GLN B 299 46.92 -16.71 -15.41
CA GLN B 299 48.30 -17.20 -15.29
C GLN B 299 49.34 -16.19 -15.76
N GLY B 300 48.93 -15.00 -16.19
CA GLY B 300 49.86 -13.93 -16.50
C GLY B 300 50.92 -14.29 -17.52
N VAL B 301 50.64 -15.33 -18.27
CA VAL B 301 51.57 -15.85 -19.25
C VAL B 301 50.92 -15.79 -20.62
N ALA B 302 51.76 -15.92 -21.65
CA ALA B 302 51.35 -15.97 -23.05
C ALA B 302 51.90 -17.23 -23.68
N TYR B 303 51.07 -18.27 -23.80
CA TYR B 303 51.37 -19.29 -24.79
C TYR B 303 51.34 -18.65 -26.17
N ARG B 304 51.82 -19.38 -27.18
CA ARG B 304 51.85 -18.84 -28.55
C ARG B 304 52.62 -17.52 -28.58
N GLN B 305 53.87 -17.58 -28.11
CA GLN B 305 54.71 -16.38 -28.13
C GLN B 305 55.14 -16.09 -29.57
N PRO B 306 55.26 -14.81 -29.93
CA PRO B 306 55.79 -14.49 -31.26
C PRO B 306 57.18 -15.02 -31.49
N LYS B 307 58.01 -15.13 -30.44
CA LYS B 307 59.36 -15.64 -30.61
C LYS B 307 59.34 -17.04 -31.21
N ALA B 308 58.50 -17.92 -30.68
CA ALA B 308 58.29 -19.25 -31.26
C ALA B 308 57.11 -19.18 -32.22
N LYS B 309 57.33 -18.49 -33.33
CA LYS B 309 56.30 -18.00 -34.26
C LYS B 309 55.04 -18.87 -34.32
N LYS B 310 54.33 -19.03 -33.19
CA LYS B 310 53.02 -19.68 -33.18
C LYS B 310 51.89 -18.73 -32.83
N ASP B 311 52.15 -17.41 -32.81
CA ASP B 311 51.11 -16.42 -32.60
C ASP B 311 50.27 -16.22 -33.86
N PHE B 312 49.04 -15.72 -33.66
CA PHE B 312 48.10 -15.56 -34.78
C PHE B 312 48.71 -14.74 -35.92
N TYR B 313 49.37 -13.64 -35.57
CA TYR B 313 49.90 -12.74 -36.59
C TYR B 313 51.01 -13.42 -37.40
N SER B 314 52.01 -14.01 -36.71
CA SER B 314 53.04 -14.78 -37.40
C SER B 314 52.44 -15.77 -38.39
N LEU B 315 51.45 -16.54 -37.92
CA LEU B 315 50.90 -17.60 -38.76
C LEU B 315 50.09 -17.04 -39.92
N LEU B 316 49.25 -16.02 -39.67
CA LEU B 316 48.37 -15.53 -40.74
C LEU B 316 49.18 -14.91 -41.87
N ASP B 317 50.23 -14.17 -41.54
CA ASP B 317 51.08 -13.60 -42.58
C ASP B 317 51.72 -14.69 -43.43
N ALA B 318 52.29 -15.71 -42.78
CA ALA B 318 52.92 -16.80 -43.51
C ALA B 318 51.91 -17.54 -44.39
N TRP B 319 50.71 -17.79 -43.88
CA TRP B 319 49.72 -18.54 -44.65
C TRP B 319 49.24 -17.74 -45.86
N VAL B 320 49.29 -16.43 -45.77
CA VAL B 320 48.64 -15.55 -46.74
C VAL B 320 49.65 -14.81 -47.60
N LEU B 321 50.65 -14.21 -46.98
CA LEU B 321 51.60 -13.40 -47.74
C LEU B 321 52.69 -14.24 -48.40
N LYS B 322 53.39 -15.07 -47.64
CA LYS B 322 54.44 -15.93 -48.19
C LYS B 322 53.93 -17.32 -48.58
N ASP B 323 52.61 -17.55 -48.49
CA ASP B 323 51.97 -18.81 -48.92
C ASP B 323 52.75 -20.05 -48.45
N LYS B 324 53.09 -20.05 -47.15
CA LYS B 324 53.68 -21.21 -46.47
C LYS B 324 52.58 -21.81 -45.59
N GLU B 325 51.90 -22.84 -46.11
CA GLU B 325 50.79 -23.45 -45.40
C GLU B 325 51.26 -23.97 -44.04
N PRO B 326 50.64 -23.53 -42.92
CA PRO B 326 51.06 -24.03 -41.61
C PRO B 326 50.29 -25.29 -41.21
N THR B 327 50.59 -25.83 -40.04
CA THR B 327 50.04 -27.12 -39.68
C THR B 327 48.52 -27.06 -39.59
N ILE B 328 47.90 -28.25 -39.65
CA ILE B 328 46.44 -28.32 -39.64
C ILE B 328 45.86 -27.66 -38.40
N GLU B 329 46.57 -27.75 -37.28
CA GLU B 329 46.01 -27.34 -36.00
C GLU B 329 46.05 -25.81 -35.83
N ASP B 330 47.05 -25.16 -36.42
CA ASP B 330 47.06 -23.70 -36.50
C ASP B 330 46.00 -23.18 -37.45
N GLN B 331 45.80 -23.89 -38.57
CA GLN B 331 44.71 -23.56 -39.49
C GLN B 331 43.37 -23.47 -38.76
N HIS B 332 43.14 -24.36 -37.81
CA HIS B 332 42.02 -24.19 -36.89
C HIS B 332 42.19 -22.93 -36.05
N PHE B 333 43.38 -22.71 -35.51
CA PHE B 333 43.60 -21.57 -34.63
C PHE B 333 43.40 -20.24 -35.37
N VAL B 334 43.87 -20.16 -36.62
CA VAL B 334 43.72 -18.91 -37.37
C VAL B 334 42.26 -18.70 -37.78
N ALA B 335 41.55 -19.78 -38.11
CA ALA B 335 40.10 -19.67 -38.28
C ALA B 335 39.45 -19.28 -36.97
N ALA B 336 39.97 -19.78 -35.84
CA ALA B 336 39.34 -19.58 -34.54
C ALA B 336 39.49 -18.15 -34.02
N VAL B 337 40.59 -17.49 -34.36
CA VAL B 337 40.72 -16.05 -34.09
C VAL B 337 39.78 -15.26 -34.98
N LEU B 338 39.60 -15.70 -36.23
CA LEU B 338 38.71 -15.02 -37.15
C LEU B 338 37.26 -15.16 -36.72
N VAL B 339 36.89 -16.29 -36.12
CA VAL B 339 35.56 -16.38 -35.53
C VAL B 339 35.43 -15.40 -34.36
N ARG B 340 36.46 -15.30 -33.53
CA ARG B 340 36.44 -14.36 -32.42
C ARG B 340 36.41 -12.92 -32.92
N GLY B 341 37.13 -12.65 -34.01
CA GLY B 341 37.21 -11.30 -34.54
C GLY B 341 38.03 -10.37 -33.67
N GLY B 342 38.08 -9.11 -34.10
CA GLY B 342 38.84 -8.09 -33.40
C GLY B 342 39.73 -7.29 -34.32
N VAL B 343 40.05 -6.05 -33.94
CA VAL B 343 40.90 -5.21 -34.77
C VAL B 343 42.31 -5.77 -34.80
N PHE B 344 42.85 -5.93 -35.99
CA PHE B 344 44.16 -6.55 -36.20
C PHE B 344 45.11 -5.61 -36.96
N ALA C 12 58.14 -13.02 -7.79
CA ALA C 12 57.24 -13.41 -6.71
C ALA C 12 55.89 -13.87 -7.27
N SER C 13 55.57 -15.14 -7.04
CA SER C 13 54.31 -15.67 -7.54
C SER C 13 53.15 -15.12 -6.74
N VAL C 14 52.22 -14.48 -7.45
CA VAL C 14 51.01 -13.89 -6.90
C VAL C 14 49.86 -14.84 -7.21
N LEU C 15 49.00 -15.09 -6.21
CA LEU C 15 48.04 -16.17 -6.38
C LEU C 15 46.95 -16.08 -5.32
N SER C 16 45.76 -16.59 -5.69
CA SER C 16 44.60 -16.58 -4.80
C SER C 16 43.93 -17.95 -4.83
N PHE C 17 43.20 -18.28 -3.76
CA PHE C 17 42.45 -19.51 -3.64
C PHE C 17 40.99 -19.19 -3.32
N GLU C 18 40.08 -20.04 -3.77
CA GLU C 18 38.66 -19.86 -3.48
C GLU C 18 38.29 -20.70 -2.28
N ARG C 19 37.19 -20.34 -1.63
CA ARG C 19 36.88 -20.88 -0.31
C ARG C 19 36.16 -22.21 -0.44
N LYS C 20 36.63 -23.21 0.30
CA LYS C 20 36.10 -24.55 0.16
C LYS C 20 34.94 -24.83 1.10
N LEU C 21 34.76 -24.03 2.14
CA LEU C 21 33.54 -24.07 2.95
C LEU C 21 32.62 -22.94 2.52
N ASP C 22 31.38 -23.27 2.18
CA ASP C 22 30.43 -22.32 1.59
C ASP C 22 29.11 -22.36 2.35
N PRO C 23 29.06 -21.75 3.54
CA PRO C 23 27.79 -21.61 4.25
C PRO C 23 26.96 -20.48 3.66
N SER C 24 25.64 -20.67 3.69
CA SER C 24 24.69 -19.67 3.25
C SER C 24 24.40 -18.70 4.41
N ASP C 25 23.75 -17.59 4.13
CA ASP C 25 23.18 -16.82 5.23
C ASP C 25 22.28 -17.72 6.07
N ALA C 26 22.29 -17.49 7.38
CA ALA C 26 21.54 -18.31 8.31
C ALA C 26 20.32 -17.51 8.72
N LEU C 27 19.14 -18.05 8.47
CA LEU C 27 17.92 -17.29 8.64
C LEU C 27 17.18 -17.74 9.88
N PHE C 28 16.46 -16.80 10.49
CA PHE C 28 15.89 -16.97 11.82
C PHE C 28 14.42 -17.35 11.73
N PHE C 29 13.99 -18.35 12.47
CA PHE C 29 12.57 -18.68 12.51
C PHE C 29 12.17 -18.88 13.97
N SER C 30 10.86 -18.85 14.21
CA SER C 30 10.32 -18.81 15.57
C SER C 30 9.28 -19.90 15.73
N GLY C 31 9.32 -20.57 16.87
CA GLY C 31 8.26 -21.51 17.22
C GLY C 31 8.45 -22.04 18.63
N ASN C 32 7.79 -23.15 18.90
CA ASN C 32 7.90 -23.82 20.19
C ASN C 32 8.79 -25.05 20.10
N TRP C 33 9.28 -25.49 21.26
CA TRP C 33 10.32 -26.51 21.27
C TRP C 33 9.77 -27.89 20.91
N SER C 34 8.50 -28.14 21.20
CA SER C 34 7.86 -29.41 20.95
C SER C 34 7.55 -29.68 19.49
N ASN C 35 7.75 -28.72 18.59
CA ASN C 35 7.46 -28.91 17.18
C ASN C 35 8.69 -28.80 16.31
N LYS C 36 9.82 -29.36 16.76
CA LYS C 36 11.01 -29.27 15.93
C LYS C 36 10.81 -30.02 14.62
N SER C 37 10.13 -31.18 14.68
CA SER C 37 9.97 -32.02 13.51
C SER C 37 9.20 -31.32 12.41
N ASP C 38 8.12 -30.66 12.77
CA ASP C 38 7.21 -30.05 11.81
C ASP C 38 7.86 -28.81 11.20
N ASP C 39 8.14 -28.83 9.90
CA ASP C 39 8.80 -27.67 9.30
C ASP C 39 7.86 -26.48 9.22
N LYS C 40 6.55 -26.72 9.14
CA LYS C 40 5.59 -25.65 8.97
C LYS C 40 5.16 -25.08 10.29
N ALA C 41 5.89 -25.34 11.36
CA ALA C 41 5.58 -24.79 12.67
C ALA C 41 6.47 -23.62 13.02
N TRP C 42 7.23 -23.10 12.06
CA TRP C 42 8.25 -22.08 12.32
C TRP C 42 8.00 -20.84 11.45
N GLN C 43 7.43 -19.74 12.06
CA GLN C 43 7.25 -18.48 11.35
C GLN C 43 8.57 -17.75 11.20
N PRO C 44 8.77 -17.02 10.10
CA PRO C 44 9.97 -16.18 10.00
C PRO C 44 9.97 -15.08 11.04
N ILE C 45 11.18 -14.64 11.40
CA ILE C 45 11.36 -13.51 12.31
C ILE C 45 11.76 -12.31 11.46
N HIS C 46 10.95 -11.25 11.51
CA HIS C 46 11.26 -10.00 10.83
C HIS C 46 11.77 -8.95 11.81
N LEU C 47 12.57 -8.03 11.27
CA LEU C 47 13.03 -6.88 12.04
C LEU C 47 11.86 -5.96 12.38
N ARG C 48 11.96 -5.29 13.54
CA ARG C 48 11.11 -4.18 13.95
C ARG C 48 12.01 -3.01 14.34
N GLU C 49 11.41 -1.83 14.50
CA GLU C 49 12.14 -0.73 15.10
C GLU C 49 11.50 -0.35 16.41
N LYS C 50 12.31 0.27 17.27
CA LYS C 50 11.82 0.81 18.52
C LYS C 50 12.68 2.00 18.86
N SER C 51 12.02 2.95 19.54
CA SER C 51 12.61 4.11 20.18
C SER C 51 13.40 3.70 21.41
N VAL C 52 14.57 4.32 21.56
CA VAL C 52 15.48 4.04 22.67
C VAL C 52 16.04 5.37 23.12
N ARG C 53 15.85 5.72 24.38
CA ARG C 53 16.37 7.00 24.88
C ARG C 53 17.76 6.75 25.45
N GLY C 54 18.73 7.53 24.98
CA GLY C 54 20.11 7.21 25.22
C GLY C 54 20.53 7.58 26.63
N THR C 55 21.80 7.31 26.90
CA THR C 55 22.36 7.44 28.23
C THR C 55 23.81 7.86 28.06
N ILE C 56 24.19 8.98 28.64
CA ILE C 56 25.59 9.37 28.55
C ILE C 56 26.38 8.25 29.21
N SER C 57 27.00 7.39 28.42
CA SER C 57 27.67 6.22 28.97
C SER C 57 29.15 6.09 28.61
N ASN C 58 29.65 6.84 27.66
CA ASN C 58 31.02 6.64 27.21
C ASN C 58 31.99 7.42 28.11
N ARG C 59 33.27 7.13 27.95
CA ARG C 59 34.29 7.97 28.55
C ARG C 59 34.25 9.38 27.95
N LEU C 60 34.40 10.38 28.79
CA LEU C 60 34.40 11.77 28.35
C LEU C 60 35.81 12.20 28.00
N LYS C 61 35.91 13.28 27.24
CA LYS C 61 37.21 13.78 26.81
C LYS C 61 37.81 14.70 27.86
N LYS C 62 38.53 15.74 27.44
CA LYS C 62 38.73 16.89 28.31
C LYS C 62 37.48 17.77 28.36
N GLY C 63 36.55 17.57 27.43
CA GLY C 63 35.26 18.26 27.36
C GLY C 63 34.09 17.43 27.84
N GLU C 64 33.78 17.54 29.13
CA GLU C 64 34.56 18.40 30.00
C GLU C 64 34.89 17.72 31.32
N ALA C 65 33.88 17.09 31.93
CA ALA C 65 33.83 16.52 33.27
C ALA C 65 33.60 17.60 34.33
N ASP C 66 33.67 18.89 33.97
CA ASP C 66 33.03 19.93 34.77
C ASP C 66 31.58 19.54 35.01
N PRO C 67 31.13 19.46 36.26
CA PRO C 67 29.75 19.00 36.51
C PRO C 67 28.68 19.70 35.68
N ALA C 68 28.82 20.98 35.33
CA ALA C 68 27.79 21.65 34.53
C ALA C 68 27.79 21.13 33.09
N LYS C 69 28.97 20.80 32.56
CA LYS C 69 29.05 20.28 31.20
C LYS C 69 28.51 18.85 31.13
N LEU C 70 28.85 18.02 32.13
CA LEU C 70 28.23 16.71 32.24
C LEU C 70 26.72 16.87 32.36
N ASN C 71 26.26 17.56 33.40
CA ASN C 71 24.82 17.77 33.62
C ASN C 71 24.10 18.27 32.36
N ALA C 72 24.71 19.22 31.67
CA ALA C 72 24.09 19.73 30.45
C ALA C 72 23.81 18.61 29.49
N ALA C 73 24.75 17.67 29.37
CA ALA C 73 24.63 16.57 28.41
C ALA C 73 23.48 15.64 28.76
N ILE C 74 23.22 15.39 30.04
CA ILE C 74 22.19 14.42 30.40
C ILE C 74 20.79 14.95 30.11
N GLU C 75 20.62 16.27 29.98
CA GLU C 75 19.29 16.78 29.68
C GLU C 75 19.00 16.84 28.20
N LYS C 76 20.00 16.62 27.34
CA LYS C 76 19.75 16.46 25.92
C LYS C 76 18.77 15.29 25.70
N PRO C 77 17.91 15.38 24.69
CA PRO C 77 17.03 14.23 24.38
C PRO C 77 17.76 12.89 24.30
N ASN C 78 18.72 12.78 23.38
CA ASN C 78 19.46 11.55 23.09
C ASN C 78 18.52 10.36 22.83
N LEU C 79 17.86 10.50 21.69
CA LEU C 79 16.87 9.59 21.16
C LEU C 79 17.42 8.83 19.96
N GLN C 80 16.97 7.59 19.80
CA GLN C 80 17.46 6.75 18.73
C GLN C 80 16.36 5.79 18.36
N THR C 81 16.50 5.23 17.18
CA THR C 81 15.64 4.15 16.72
C THR C 81 16.57 3.01 16.39
N VAL C 82 16.25 1.82 16.85
CA VAL C 82 17.11 0.67 16.55
C VAL C 82 16.28 -0.42 15.89
N ASP C 83 16.94 -1.24 15.08
CA ASP C 83 16.39 -2.54 14.70
C ASP C 83 16.49 -3.52 15.86
N VAL C 84 15.39 -4.21 16.17
CA VAL C 84 15.47 -5.40 17.00
C VAL C 84 14.71 -6.56 16.38
N ALA C 85 15.23 -7.77 16.57
CA ALA C 85 14.54 -9.03 16.32
C ALA C 85 14.20 -9.71 17.64
N THR C 86 12.98 -10.23 17.79
CA THR C 86 12.67 -11.00 19.00
C THR C 86 11.85 -12.25 18.68
N LEU C 87 11.55 -12.99 19.73
CA LEU C 87 10.61 -14.10 19.62
C LEU C 87 9.19 -13.61 19.88
N PRO C 88 8.19 -14.28 19.34
CA PRO C 88 6.81 -13.96 19.68
C PRO C 88 6.50 -14.13 21.16
N PHE C 89 5.43 -13.49 21.59
CA PHE C 89 4.87 -13.76 22.91
C PHE C 89 4.46 -15.21 23.07
N ASP C 90 4.24 -15.93 21.96
CA ASP C 90 3.68 -17.28 21.98
C ASP C 90 4.67 -18.35 21.53
N SER C 91 5.97 -18.03 21.53
CA SER C 91 6.99 -18.93 20.99
C SER C 91 8.29 -18.73 21.77
N ASP C 92 8.85 -19.86 22.26
CA ASP C 92 10.03 -19.88 23.11
C ASP C 92 11.31 -20.32 22.39
N THR C 93 11.23 -20.73 21.12
CA THR C 93 12.36 -21.40 20.48
C THR C 93 12.76 -20.68 19.20
N LEU C 94 14.02 -20.28 19.12
CA LEU C 94 14.60 -19.75 17.90
C LEU C 94 15.08 -20.90 17.01
N LYS C 95 14.80 -20.80 15.71
CA LYS C 95 15.28 -21.73 14.70
C LYS C 95 16.23 -20.99 13.78
N VAL C 96 17.46 -21.49 13.65
CA VAL C 96 18.47 -20.96 12.74
C VAL C 96 18.77 -22.04 11.73
N GLU C 97 18.69 -21.71 10.42
CA GLU C 97 18.81 -22.70 9.35
C GLU C 97 19.72 -22.19 8.25
N PHE C 98 20.57 -23.06 7.71
CA PHE C 98 21.49 -22.68 6.64
C PHE C 98 22.02 -23.95 5.98
N THR C 99 22.59 -23.80 4.79
CA THR C 99 23.13 -24.95 4.07
C THR C 99 24.63 -24.75 3.87
N LEU C 100 25.36 -25.86 3.80
CA LEU C 100 26.81 -25.82 3.75
C LEU C 100 27.27 -26.69 2.60
N ARG C 101 28.17 -26.14 1.78
CA ARG C 101 28.83 -26.89 0.72
C ARG C 101 30.28 -27.08 1.10
N VAL C 102 30.79 -28.28 0.86
CA VAL C 102 32.21 -28.55 1.00
C VAL C 102 32.72 -28.89 -0.38
N LEU C 103 33.48 -27.98 -0.95
CA LEU C 103 34.19 -28.25 -2.17
C LEU C 103 35.56 -28.80 -1.81
N GLY C 104 36.11 -29.62 -2.72
CA GLY C 104 37.51 -29.97 -2.69
C GLY C 104 38.30 -29.14 -3.69
N GLY C 105 39.58 -29.46 -3.78
CA GLY C 105 40.48 -28.66 -4.58
C GLY C 105 41.40 -27.84 -3.73
N VAL C 106 41.55 -28.21 -2.46
CA VAL C 106 42.36 -27.46 -1.51
C VAL C 106 43.71 -27.07 -2.10
N GLY C 107 44.37 -28.01 -2.74
CA GLY C 107 45.70 -27.71 -3.23
C GLY C 107 45.75 -26.86 -4.47
N GLU C 108 44.63 -26.70 -5.18
CA GLU C 108 44.66 -26.09 -6.50
C GLU C 108 44.31 -24.60 -6.40
N PRO C 109 45.26 -23.70 -6.60
CA PRO C 109 44.93 -22.28 -6.61
C PRO C 109 43.98 -21.96 -7.74
N ALA C 110 43.14 -20.93 -7.53
CA ALA C 110 42.22 -20.52 -8.60
C ALA C 110 42.91 -19.61 -9.60
N ALA C 111 43.90 -18.84 -9.15
CA ALA C 111 44.73 -18.01 -10.02
C ALA C 111 46.13 -17.98 -9.43
N CYS C 112 47.15 -18.03 -10.29
CA CYS C 112 48.53 -18.07 -9.79
C CYS C 112 49.49 -17.49 -10.83
N ASN C 113 50.37 -16.59 -10.36
CA ASN C 113 51.26 -15.82 -11.22
C ASN C 113 52.31 -16.71 -11.90
N SER C 114 53.19 -17.31 -11.10
CA SER C 114 54.33 -18.06 -11.61
C SER C 114 54.02 -19.55 -11.58
N MET C 115 54.19 -20.20 -12.72
CA MET C 115 53.77 -21.59 -12.86
C MET C 115 54.71 -22.58 -12.19
N GLU C 116 55.93 -22.16 -11.87
CA GLU C 116 56.82 -23.06 -11.14
C GLU C 116 56.51 -23.04 -9.65
N TYR C 117 56.15 -21.88 -9.10
CA TYR C 117 55.67 -21.84 -7.72
C TYR C 117 54.42 -22.69 -7.56
N ARG C 118 53.53 -22.65 -8.54
CA ARG C 118 52.31 -23.44 -8.44
C ARG C 118 52.63 -24.92 -8.28
N SER C 119 53.54 -25.43 -9.11
CA SER C 119 53.80 -26.87 -9.07
C SER C 119 54.39 -27.27 -7.73
N LYS C 120 55.32 -26.47 -7.21
CA LYS C 120 55.90 -26.81 -5.91
C LYS C 120 54.85 -26.74 -4.82
N LEU C 121 53.92 -25.78 -4.92
CA LEU C 121 52.86 -25.66 -3.93
C LEU C 121 51.88 -26.83 -4.01
N VAL C 122 51.47 -27.20 -5.23
CA VAL C 122 50.52 -28.30 -5.36
C VAL C 122 51.10 -29.58 -4.79
N ALA C 123 52.37 -29.83 -5.08
CA ALA C 123 53.04 -31.01 -4.54
C ALA C 123 53.07 -30.97 -3.02
N THR C 124 53.56 -29.85 -2.46
CA THR C 124 53.70 -29.73 -1.02
C THR C 124 52.37 -29.95 -0.32
N ILE C 125 51.27 -29.45 -0.90
CA ILE C 125 49.97 -29.65 -0.26
C ILE C 125 49.47 -31.06 -0.53
N SER C 126 49.68 -31.56 -1.74
CA SER C 126 49.22 -32.90 -2.05
C SER C 126 49.84 -33.92 -1.11
N HIS C 127 51.15 -33.79 -0.88
CA HIS C 127 51.82 -34.67 0.06
C HIS C 127 51.20 -34.56 1.45
N TYR C 128 51.01 -33.32 1.94
CA TYR C 128 50.31 -33.14 3.22
C TYR C 128 49.01 -33.91 3.20
N ILE C 129 48.19 -33.69 2.17
CA ILE C 129 46.95 -34.46 2.04
C ILE C 129 47.26 -35.95 2.01
N ASP C 130 48.31 -36.33 1.27
CA ASP C 130 48.69 -37.74 1.14
C ASP C 130 49.11 -38.33 2.49
N THR C 131 50.08 -37.70 3.17
CA THR C 131 50.58 -38.19 4.45
C THR C 131 49.49 -38.12 5.53
N HIS C 132 49.12 -36.92 5.97
CA HIS C 132 48.00 -36.73 6.89
C HIS C 132 46.78 -36.30 6.08
N GLY C 133 45.77 -37.18 6.01
CA GLY C 133 44.50 -36.76 5.45
C GLY C 133 43.98 -35.52 6.13
N LEU C 134 43.04 -34.84 5.48
CA LEU C 134 42.42 -33.66 6.08
C LEU C 134 41.41 -34.07 7.15
N ASP C 135 41.78 -35.01 8.01
CA ASP C 135 40.85 -35.54 9.00
C ASP C 135 40.72 -34.59 10.18
N ILE C 136 41.85 -34.03 10.60
CA ILE C 136 41.88 -33.08 11.70
C ILE C 136 41.00 -31.88 11.39
N LEU C 137 41.26 -31.22 10.25
CA LEU C 137 40.40 -30.14 9.75
C LEU C 137 38.95 -30.55 9.71
N GLY C 138 38.66 -31.67 9.03
CA GLY C 138 37.29 -32.18 9.03
C GLY C 138 36.77 -32.42 10.43
N ASN C 139 37.62 -32.90 11.33
CA ASN C 139 37.20 -33.12 12.70
C ASN C 139 36.76 -31.80 13.35
N ARG C 140 37.54 -30.76 13.18
CA ARG C 140 37.25 -29.52 13.88
C ARG C 140 36.11 -28.74 13.20
N TYR C 141 36.06 -28.74 11.86
CA TYR C 141 34.89 -28.18 11.18
C TYR C 141 33.61 -28.82 11.70
N ALA C 142 33.57 -30.15 11.72
CA ALA C 142 32.37 -30.81 12.18
C ALA C 142 32.09 -30.46 13.63
N ALA C 143 33.13 -30.27 14.44
CA ALA C 143 32.87 -29.91 15.83
C ALA C 143 32.19 -28.56 15.90
N ASN C 144 32.68 -27.61 15.11
CA ASN C 144 32.07 -26.30 15.09
C ASN C 144 30.63 -26.30 14.56
N LEU C 145 30.20 -27.37 13.87
CA LEU C 145 28.76 -27.52 13.65
C LEU C 145 28.08 -28.05 14.91
N ALA C 146 28.60 -29.15 15.47
CA ALA C 146 27.98 -29.82 16.60
C ALA C 146 27.98 -28.94 17.84
N ASN C 147 29.04 -28.17 18.08
CA ASN C 147 29.04 -27.38 19.30
C ASN C 147 28.11 -26.16 19.20
N GLY C 148 27.82 -25.71 17.99
CA GLY C 148 26.93 -24.58 17.81
C GLY C 148 27.59 -23.22 17.85
N ARG C 149 28.92 -23.16 17.75
CA ARG C 149 29.65 -21.90 17.69
C ARG C 149 28.99 -20.87 16.77
N PHE C 150 28.39 -21.31 15.67
CA PHE C 150 27.83 -20.42 14.66
C PHE C 150 26.57 -19.72 15.14
N LEU C 151 26.04 -20.07 16.32
CA LEU C 151 24.89 -19.35 16.86
C LEU C 151 25.29 -18.02 17.49
N TRP C 152 26.59 -17.73 17.52
CA TRP C 152 27.17 -16.68 18.33
C TRP C 152 26.31 -16.27 19.51
N ARG C 153 25.95 -14.99 19.61
CA ARG C 153 25.33 -14.49 20.82
C ARG C 153 24.05 -15.25 21.18
N ASN C 154 23.43 -15.93 20.20
CA ASN C 154 22.24 -16.71 20.51
C ASN C 154 22.53 -17.93 21.37
N ARG C 155 23.77 -18.42 21.33
CA ARG C 155 24.12 -19.59 22.15
C ARG C 155 24.11 -19.25 23.65
N LEU C 156 24.62 -18.08 24.04
CA LEU C 156 24.68 -17.72 25.46
C LEU C 156 23.28 -17.69 26.09
N GLY C 157 23.14 -18.30 27.26
CA GLY C 157 21.90 -18.31 28.03
C GLY C 157 20.87 -19.31 27.59
N ALA C 158 21.26 -20.32 26.84
CA ALA C 158 20.31 -21.13 26.08
C ALA C 158 19.81 -22.27 26.93
N ASP C 159 18.51 -22.31 27.19
CA ASP C 159 17.95 -23.42 27.95
C ASP C 159 18.37 -24.74 27.34
N ALA C 160 18.21 -24.90 26.03
CA ALA C 160 18.60 -26.09 25.30
C ALA C 160 18.97 -25.70 23.87
N ILE C 161 19.78 -26.53 23.22
CA ILE C 161 20.17 -26.30 21.83
C ILE C 161 20.28 -27.64 21.12
N SER C 162 19.36 -27.91 20.22
CA SER C 162 19.35 -29.13 19.41
C SER C 162 19.70 -28.76 17.97
N ILE C 163 20.77 -29.32 17.46
CA ILE C 163 21.22 -29.02 16.10
C ILE C 163 21.06 -30.27 15.24
N GLN C 164 20.12 -30.25 14.29
CA GLN C 164 19.90 -31.36 13.35
C GLN C 164 20.65 -31.10 12.05
N ILE C 165 21.48 -32.05 11.62
CA ILE C 165 22.27 -31.91 10.40
C ILE C 165 21.92 -33.04 9.45
N THR C 166 21.63 -32.72 8.20
CA THR C 166 21.31 -33.74 7.22
C THR C 166 22.12 -33.49 5.95
N ARG C 167 22.50 -34.58 5.30
CA ARG C 167 23.20 -34.55 4.02
C ARG C 167 22.14 -34.53 2.92
N LEU C 168 22.38 -33.72 1.90
CA LEU C 168 21.43 -33.56 0.79
C LEU C 168 22.08 -34.03 -0.49
N SER C 169 21.42 -34.97 -1.17
CA SER C 169 21.86 -35.34 -2.51
C SER C 169 20.64 -35.62 -3.37
N GLY C 170 20.60 -34.94 -4.50
CA GLY C 170 19.41 -34.92 -5.33
C GLY C 170 18.19 -34.60 -4.51
N ASP C 171 17.19 -35.46 -4.63
CA ASP C 171 15.95 -35.32 -3.88
C ASP C 171 16.02 -36.01 -2.52
N GLU C 172 17.21 -36.43 -2.08
CA GLU C 172 17.32 -37.22 -0.85
C GLU C 172 17.79 -36.36 0.32
N SER C 173 17.25 -36.64 1.50
CA SER C 173 17.82 -36.13 2.73
C SER C 173 18.14 -37.33 3.62
N THR C 174 19.41 -37.42 4.02
CA THR C 174 19.92 -38.41 4.96
C THR C 174 20.30 -37.72 6.25
N LEU C 175 19.71 -38.16 7.37
CA LEU C 175 19.99 -37.61 8.70
C LEU C 175 21.42 -37.93 9.09
N VAL C 176 22.30 -36.94 9.08
CA VAL C 176 23.66 -37.21 9.53
C VAL C 176 23.73 -37.25 11.05
N GLY C 177 22.99 -36.36 11.73
CA GLY C 177 23.08 -36.35 13.19
C GLY C 177 22.34 -35.24 13.90
N VAL C 178 21.63 -35.57 14.97
CA VAL C 178 20.99 -34.60 15.85
C VAL C 178 21.93 -34.32 17.02
N PHE C 179 22.44 -33.11 17.16
CA PHE C 179 23.47 -32.84 18.16
C PHE C 179 22.95 -31.95 19.29
N ASP C 180 23.47 -32.20 20.51
CA ASP C 180 23.18 -31.38 21.70
C ASP C 180 24.33 -30.40 21.88
N ALA C 181 24.18 -29.20 21.31
CA ALA C 181 25.32 -28.29 21.21
C ALA C 181 25.94 -28.05 22.57
N LEU C 182 25.12 -27.94 23.61
CA LEU C 182 25.66 -27.61 24.91
C LEU C 182 26.40 -28.77 25.55
N ALA C 183 26.48 -29.92 24.87
CA ALA C 183 27.27 -31.06 25.31
C ALA C 183 28.61 -31.15 24.61
N HIS C 184 28.89 -30.28 23.73
CA HIS C 184 30.22 -30.35 23.19
C HIS C 184 30.99 -29.13 23.62
N PRO C 185 32.30 -29.25 23.81
CA PRO C 185 33.08 -28.12 24.29
C PRO C 185 33.26 -27.06 23.21
N LEU C 186 33.52 -25.83 23.69
CA LEU C 186 33.93 -24.75 22.82
C LEU C 186 35.41 -24.40 22.92
N ARG C 187 36.15 -24.98 23.88
CA ARG C 187 37.51 -24.55 24.21
C ARG C 187 38.59 -25.56 23.88
N GLN C 188 38.22 -26.83 23.70
CA GLN C 188 39.07 -27.84 23.07
C GLN C 188 38.19 -28.61 22.10
N PHE C 189 38.84 -29.39 21.25
CA PHE C 189 38.14 -30.30 20.35
C PHE C 189 38.21 -31.71 20.91
N GLU C 190 37.07 -32.38 20.93
CA GLU C 190 37.02 -33.76 21.36
C GLU C 190 37.50 -34.68 20.23
N GLU C 191 37.70 -35.93 20.59
CA GLU C 191 38.15 -36.94 19.66
C GLU C 191 37.05 -37.18 18.62
N LYS C 192 37.48 -37.49 17.39
CA LYS C 192 36.59 -37.70 16.26
C LYS C 192 35.53 -38.77 16.55
N SER C 193 35.80 -39.64 17.51
CA SER C 193 35.05 -40.86 17.77
C SER C 193 34.10 -40.73 18.95
N VAL C 194 33.96 -39.51 19.50
CA VAL C 194 33.15 -39.27 20.70
C VAL C 194 31.72 -39.75 20.49
N SER C 195 31.24 -39.72 19.26
CA SER C 195 29.89 -40.12 18.92
C SER C 195 29.95 -40.77 17.55
N GLU C 196 28.96 -41.62 17.28
CA GLU C 196 28.85 -42.16 15.94
C GLU C 196 28.64 -41.05 14.93
N GLU C 197 27.74 -40.13 15.24
CA GLU C 197 27.36 -39.12 14.26
C GLU C 197 28.40 -38.03 14.14
N LEU C 198 29.07 -37.65 15.22
CA LEU C 198 30.14 -36.69 15.01
C LEU C 198 31.18 -37.26 14.04
N GLU C 199 31.57 -38.52 14.24
CA GLU C 199 32.55 -39.15 13.35
C GLU C 199 32.02 -39.24 11.93
N ALA C 200 30.73 -39.61 11.78
CA ALA C 200 30.09 -39.57 10.47
C ALA C 200 30.28 -38.20 9.85
N LEU C 201 29.94 -37.14 10.60
CA LEU C 201 30.12 -35.78 10.12
C LEU C 201 31.57 -35.51 9.74
N ALA C 202 32.49 -35.79 10.65
CA ALA C 202 33.90 -35.53 10.36
C ALA C 202 34.36 -36.26 9.09
N LYS C 203 33.95 -37.51 8.90
CA LYS C 203 34.32 -38.22 7.67
C LYS C 203 33.68 -37.55 6.45
N LEU C 204 32.41 -37.14 6.58
CA LEU C 204 31.68 -36.53 5.47
C LEU C 204 32.29 -35.20 5.03
N ILE C 205 32.72 -34.37 5.98
CA ILE C 205 33.33 -33.09 5.60
C ILE C 205 34.70 -33.34 4.98
N THR C 206 35.51 -34.18 5.64
CA THR C 206 36.82 -34.50 5.12
C THR C 206 36.72 -35.04 3.70
N ALA C 207 35.73 -35.90 3.44
CA ALA C 207 35.59 -36.45 2.09
C ALA C 207 35.42 -35.34 1.06
N GLY C 208 34.55 -34.36 1.36
CA GLY C 208 34.33 -33.26 0.45
C GLY C 208 35.56 -32.40 0.26
N LEU C 209 36.22 -32.04 1.34
CA LEU C 209 37.51 -31.38 1.21
C LEU C 209 38.45 -32.22 0.35
N ALA C 210 38.38 -33.55 0.52
CA ALA C 210 39.27 -34.47 -0.14
C ALA C 210 38.89 -34.74 -1.60
N GLY C 211 37.65 -34.46 -1.99
CA GLY C 211 37.23 -34.70 -3.35
C GLY C 211 36.51 -36.00 -3.58
N GLN C 212 36.28 -36.80 -2.53
CA GLN C 212 35.63 -38.10 -2.75
C GLN C 212 34.13 -37.93 -2.98
N GLU C 213 33.47 -37.03 -2.25
CA GLU C 213 32.01 -36.95 -2.30
C GLU C 213 31.55 -35.51 -2.52
N HIS C 214 30.31 -35.39 -3.02
CA HIS C 214 29.64 -34.09 -3.17
C HIS C 214 28.83 -33.84 -1.90
N VAL C 215 29.28 -32.87 -1.12
CA VAL C 215 28.80 -32.66 0.24
C VAL C 215 27.94 -31.41 0.28
N LEU C 216 26.67 -31.59 0.63
CA LEU C 216 25.76 -30.47 0.81
C LEU C 216 24.97 -30.76 2.07
N LEU C 217 25.27 -30.04 3.14
CA LEU C 217 24.64 -30.24 4.44
C LEU C 217 23.57 -29.19 4.65
N ARG C 218 22.66 -29.51 5.57
CA ARG C 218 21.57 -28.62 5.95
C ARG C 218 21.47 -28.62 7.48
N VAL C 219 21.93 -27.55 8.11
CA VAL C 219 21.92 -27.37 9.56
C VAL C 219 20.61 -26.73 10.01
N LYS C 220 20.06 -27.21 11.13
CA LYS C 220 18.87 -26.59 11.73
C LYS C 220 19.07 -26.53 13.25
N ALA C 221 19.54 -25.38 13.74
CA ALA C 221 19.77 -25.17 15.16
C ALA C 221 18.49 -24.68 15.83
N PHE C 222 18.10 -25.32 16.91
CA PHE C 222 16.96 -24.85 17.72
C PHE C 222 17.48 -24.42 19.08
N ILE C 223 17.25 -23.16 19.43
CA ILE C 223 17.65 -22.61 20.72
C ILE C 223 16.39 -22.33 21.52
N ARG C 224 16.27 -22.96 22.67
CA ARG C 224 15.16 -22.63 23.57
C ARG C 224 15.60 -21.45 24.45
N MET C 225 15.11 -20.24 24.13
CA MET C 225 15.46 -19.05 24.89
C MET C 225 14.31 -18.54 25.74
N GLY C 226 13.08 -18.90 25.42
CA GLY C 226 11.95 -18.43 26.20
C GLY C 226 11.15 -17.30 25.56
N GLU C 227 9.83 -17.34 25.74
CA GLU C 227 8.93 -16.50 24.97
C GLU C 227 9.35 -15.04 25.04
N GLY C 228 9.44 -14.40 23.88
CA GLY C 228 9.67 -12.98 23.83
C GLY C 228 11.11 -12.59 23.77
N GLN C 229 12.02 -13.50 24.00
CA GLN C 229 13.42 -13.14 24.13
C GLN C 229 13.95 -12.58 22.82
N GLU C 230 14.85 -11.62 22.95
CA GLU C 230 15.55 -11.03 21.82
C GLU C 230 16.56 -12.03 21.26
N VAL C 231 16.46 -12.29 19.95
CA VAL C 231 17.47 -13.05 19.22
C VAL C 231 18.50 -12.07 18.66
N PHE C 232 19.58 -12.54 18.06
CA PHE C 232 20.72 -11.65 17.77
C PHE C 232 21.25 -11.87 16.36
N PRO C 233 20.66 -11.19 15.38
CA PRO C 233 21.15 -11.27 14.00
C PRO C 233 22.46 -10.55 13.79
N SER C 234 22.93 -10.54 12.55
CA SER C 234 24.15 -9.80 12.26
C SER C 234 23.87 -8.30 12.30
N GLN C 235 24.93 -7.54 12.58
CA GLN C 235 24.84 -6.09 12.53
C GLN C 235 25.20 -5.60 11.13
N GLU C 236 24.49 -4.58 10.69
CA GLU C 236 24.78 -3.96 9.41
C GLU C 236 25.17 -2.51 9.68
N LEU C 237 26.18 -2.03 8.96
CA LEU C 237 26.82 -0.76 9.25
C LEU C 237 26.70 0.19 8.05
N LEU C 238 25.78 1.17 8.17
CA LEU C 238 25.37 2.08 7.10
C LEU C 238 24.61 3.32 7.62
N LEU C 239 25.23 4.13 8.48
CA LEU C 239 24.56 5.21 9.21
C LEU C 239 24.68 6.56 8.48
N ASP C 240 23.91 7.53 8.99
CA ASP C 240 23.89 8.93 8.54
C ASP C 240 23.86 9.06 7.02
N LYS C 241 23.06 8.21 6.36
CA LYS C 241 22.80 8.28 4.93
C LYS C 241 21.30 8.10 4.71
N GLY C 242 20.52 8.96 5.33
CA GLY C 242 19.07 8.87 5.30
C GLY C 242 18.46 9.54 6.51
N LYS C 243 17.12 9.65 6.48
CA LYS C 243 16.36 10.28 7.55
C LYS C 243 15.66 9.26 8.45
N SER C 244 16.06 7.98 8.38
CA SER C 244 15.68 7.01 9.42
C SER C 244 16.38 7.33 10.74
N THR C 245 17.61 7.86 10.66
CA THR C 245 18.56 8.04 11.77
C THR C 245 18.52 6.90 12.79
N LYS C 246 18.36 5.67 12.31
CA LYS C 246 18.63 4.51 13.15
C LYS C 246 20.05 4.56 13.65
N SER C 247 20.24 4.12 14.89
CA SER C 247 21.59 3.95 15.40
C SER C 247 22.11 2.53 15.22
N ARG C 248 21.23 1.54 15.07
CA ARG C 248 21.70 0.20 14.77
C ARG C 248 20.80 -0.46 13.73
N PHE C 249 21.42 -1.11 12.76
CA PHE C 249 20.73 -1.80 11.69
C PHE C 249 21.07 -3.28 11.73
N LEU C 250 20.06 -4.14 11.72
CA LEU C 250 20.37 -5.57 11.64
C LEU C 250 20.12 -6.10 10.23
N TYR C 251 20.64 -7.29 10.00
CA TYR C 251 20.71 -7.88 8.68
C TYR C 251 19.50 -8.77 8.41
N SER C 252 19.02 -8.74 7.17
CA SER C 252 17.87 -9.53 6.76
C SER C 252 18.05 -9.87 5.29
N VAL C 253 17.37 -10.92 4.81
CA VAL C 253 17.36 -11.22 3.37
C VAL C 253 15.93 -11.50 2.95
N GLY C 254 15.51 -10.88 1.85
CA GLY C 254 14.18 -11.11 1.35
C GLY C 254 13.33 -9.87 1.13
N GLN C 255 13.84 -8.91 0.34
CA GLN C 255 13.01 -7.87 -0.28
C GLN C 255 12.45 -6.88 0.73
N ASP C 256 11.14 -6.87 0.97
CA ASP C 256 10.55 -5.77 1.71
C ASP C 256 9.98 -6.26 3.01
N GLU C 257 8.65 -6.40 3.11
CA GLU C 257 7.95 -6.85 4.32
C GLU C 257 8.16 -8.34 4.59
N LYS C 258 8.66 -9.10 3.63
CA LYS C 258 8.83 -10.53 3.79
C LYS C 258 10.21 -10.88 4.34
N ALA C 259 11.06 -9.87 4.58
CA ALA C 259 12.48 -10.14 4.79
C ALA C 259 12.71 -10.70 6.17
N ILE C 260 13.63 -11.67 6.25
CA ILE C 260 13.84 -12.50 7.42
C ILE C 260 15.18 -12.14 8.04
N ALA C 261 15.22 -12.09 9.38
CA ALA C 261 16.45 -11.74 10.06
C ALA C 261 17.50 -12.86 9.93
N ALA C 262 18.75 -12.45 9.75
CA ALA C 262 19.77 -13.41 9.36
C ALA C 262 21.07 -13.12 10.10
N ILE C 263 21.93 -14.14 10.12
CA ILE C 263 23.37 -14.02 10.37
C ILE C 263 24.10 -14.07 9.03
N HIS C 264 25.04 -13.14 8.82
CA HIS C 264 25.81 -13.12 7.60
C HIS C 264 26.40 -14.48 7.30
N SER C 265 26.44 -14.84 6.01
CA SER C 265 27.11 -16.07 5.64
C SER C 265 28.54 -16.09 6.17
N GLN C 266 29.33 -15.06 5.87
CA GLN C 266 30.73 -15.06 6.30
C GLN C 266 30.87 -15.04 7.82
N LYS C 267 29.81 -14.69 8.56
CA LYS C 267 29.87 -14.79 10.01
C LYS C 267 29.75 -16.26 10.45
N ILE C 268 28.88 -17.01 9.77
CA ILE C 268 28.82 -18.45 9.95
C ILE C 268 30.16 -19.08 9.64
N GLY C 269 30.83 -18.60 8.61
CA GLY C 269 32.07 -19.22 8.20
C GLY C 269 33.19 -18.97 9.18
N ASN C 270 33.21 -17.76 9.74
CA ASN C 270 34.13 -17.48 10.85
C ASN C 270 33.98 -18.49 11.98
N ALA C 271 32.75 -18.84 12.33
CA ALA C 271 32.55 -19.83 13.38
C ALA C 271 33.16 -21.15 12.98
N LEU C 272 32.91 -21.57 11.74
CA LEU C 272 33.29 -22.90 11.32
C LEU C 272 34.80 -23.08 11.41
N ARG C 273 35.58 -22.08 10.99
CA ARG C 273 37.02 -22.22 11.04
C ARG C 273 37.64 -21.70 12.35
N THR C 274 36.84 -21.51 13.41
CA THR C 274 37.47 -21.25 14.71
C THR C 274 38.04 -22.57 15.21
N ILE C 275 39.35 -22.74 15.01
CA ILE C 275 39.95 -24.05 14.78
C ILE C 275 41.42 -23.99 15.15
N ASP C 276 42.02 -22.83 14.95
CA ASP C 276 43.45 -22.65 15.22
C ASP C 276 43.67 -22.64 16.73
N THR C 277 44.08 -23.79 17.27
CA THR C 277 44.69 -23.85 18.59
C THR C 277 46.20 -24.00 18.50
N TRP C 278 46.78 -23.89 17.30
CA TRP C 278 48.17 -24.18 17.03
C TRP C 278 49.06 -22.94 17.04
N TYR C 279 48.61 -21.88 17.70
CA TYR C 279 49.38 -20.64 17.71
C TYR C 279 50.02 -20.42 19.10
N PRO C 280 51.19 -19.75 19.15
CA PRO C 280 51.92 -19.58 20.41
C PRO C 280 51.09 -19.35 21.66
N ASP C 281 50.37 -18.24 21.75
CA ASP C 281 49.70 -17.98 23.02
C ASP C 281 48.41 -18.79 23.21
N ALA C 282 48.21 -19.85 22.43
CA ALA C 282 47.06 -20.71 22.68
C ALA C 282 47.22 -21.37 24.05
N GLU C 283 46.07 -21.68 24.65
CA GLU C 283 45.88 -22.27 25.98
C GLU C 283 45.42 -21.12 26.86
N ILE C 284 45.96 -19.93 26.62
CA ILE C 284 45.44 -18.78 27.33
C ILE C 284 44.18 -18.27 26.65
N ASN C 285 44.22 -18.04 25.34
CA ASN C 285 43.05 -17.54 24.64
C ASN C 285 42.06 -18.64 24.26
N GLY C 286 42.55 -19.76 23.73
CA GLY C 286 41.66 -20.76 23.20
C GLY C 286 41.74 -20.81 21.69
N PRO C 287 40.78 -21.47 21.06
CA PRO C 287 40.80 -21.52 19.59
C PRO C 287 40.36 -20.20 19.01
N ILE C 288 40.99 -19.83 17.89
CA ILE C 288 40.64 -18.62 17.16
C ILE C 288 40.33 -19.02 15.71
N ALA C 289 39.61 -18.17 15.01
CA ALA C 289 39.33 -18.47 13.61
C ALA C 289 40.62 -18.40 12.80
N VAL C 290 40.67 -19.18 11.73
CA VAL C 290 41.88 -19.28 10.94
C VAL C 290 42.00 -18.06 10.08
N GLU C 291 43.10 -17.33 10.21
CA GLU C 291 43.39 -16.20 9.36
C GLU C 291 44.86 -16.13 9.14
N PRO C 292 45.34 -15.53 8.06
CA PRO C 292 46.78 -15.48 7.76
C PRO C 292 47.65 -15.02 8.92
N TYR C 293 47.34 -13.88 9.53
CA TYR C 293 48.14 -13.41 10.65
C TYR C 293 47.46 -13.73 11.98
N GLY C 294 46.55 -14.71 11.97
CA GLY C 294 45.91 -15.18 13.18
C GLY C 294 45.40 -14.04 14.02
N SER C 295 44.61 -13.19 13.37
CA SER C 295 44.18 -11.91 13.92
C SER C 295 42.79 -12.04 14.52
N VAL C 296 42.61 -11.47 15.71
CA VAL C 296 41.30 -11.42 16.35
C VAL C 296 40.90 -9.96 16.51
N THR C 297 39.93 -9.51 15.69
CA THR C 297 39.61 -8.09 15.62
C THR C 297 38.97 -7.59 16.91
N THR C 298 38.17 -8.42 17.59
CA THR C 298 37.55 -8.00 18.84
C THR C 298 38.57 -7.78 19.96
N GLN C 299 39.79 -8.27 19.79
CA GLN C 299 40.85 -8.00 20.74
C GLN C 299 42.00 -7.21 20.12
N GLY C 300 41.89 -6.82 18.85
CA GLY C 300 42.90 -5.97 18.25
C GLY C 300 44.30 -6.54 18.29
N VAL C 301 44.41 -7.82 18.60
CA VAL C 301 45.69 -8.51 18.75
C VAL C 301 45.95 -9.38 17.51
N ALA C 302 47.23 -9.61 17.24
CA ALA C 302 47.68 -10.58 16.25
C ALA C 302 48.47 -11.68 16.97
N TYR C 303 47.81 -12.81 17.26
CA TYR C 303 48.51 -14.07 17.41
C TYR C 303 49.12 -14.46 16.07
N ARG C 304 50.25 -15.14 16.10
CA ARG C 304 51.01 -15.43 14.88
C ARG C 304 51.55 -14.15 14.25
N GLN C 305 52.49 -13.53 14.99
CA GLN C 305 53.18 -12.39 14.42
C GLN C 305 54.22 -12.86 13.41
N PRO C 306 54.41 -12.11 12.32
CA PRO C 306 55.46 -12.49 11.35
C PRO C 306 56.87 -12.29 11.89
N LYS C 307 57.02 -11.53 12.98
CA LYS C 307 58.27 -11.50 13.72
C LYS C 307 58.66 -12.90 14.17
N ALA C 308 57.74 -13.63 14.81
CA ALA C 308 57.98 -15.01 15.22
C ALA C 308 57.39 -15.91 14.15
N LYS C 309 58.15 -16.07 13.06
CA LYS C 309 57.67 -16.56 11.76
C LYS C 309 56.61 -17.65 11.83
N LYS C 310 55.40 -17.32 12.29
CA LYS C 310 54.34 -18.31 12.39
C LYS C 310 53.02 -17.83 11.78
N ASP C 311 53.09 -16.78 10.97
CA ASP C 311 52.03 -16.37 10.08
C ASP C 311 52.03 -17.24 8.82
N PHE C 312 50.85 -17.39 8.21
CA PHE C 312 50.68 -18.16 7.00
C PHE C 312 51.81 -17.95 5.99
N TYR C 313 52.26 -16.70 5.82
CA TYR C 313 53.21 -16.43 4.74
C TYR C 313 54.63 -16.90 5.07
N SER C 314 55.11 -16.65 6.29
CA SER C 314 56.43 -17.15 6.67
C SER C 314 56.46 -18.68 6.61
N LEU C 315 55.34 -19.32 6.97
CA LEU C 315 55.30 -20.77 7.02
C LEU C 315 55.18 -21.37 5.63
N LEU C 316 54.24 -20.89 4.82
CA LEU C 316 54.10 -21.45 3.49
C LEU C 316 55.37 -21.27 2.67
N ASP C 317 55.99 -20.09 2.75
CA ASP C 317 57.16 -19.80 1.93
C ASP C 317 58.29 -20.77 2.22
N ALA C 318 58.68 -20.89 3.49
CA ALA C 318 59.70 -21.87 3.88
C ALA C 318 59.30 -23.28 3.45
N TRP C 319 58.03 -23.63 3.64
CA TRP C 319 57.60 -24.99 3.34
C TRP C 319 57.69 -25.29 1.85
N VAL C 320 57.52 -24.29 0.99
CA VAL C 320 57.48 -24.54 -0.44
C VAL C 320 58.78 -24.15 -1.13
N LEU C 321 59.38 -23.02 -0.73
CA LEU C 321 60.54 -22.53 -1.47
C LEU C 321 61.84 -23.15 -0.97
N LYS C 322 61.98 -23.26 0.36
CA LYS C 322 63.18 -23.83 0.94
C LYS C 322 62.99 -25.27 1.39
N ASP C 323 61.77 -25.81 1.21
CA ASP C 323 61.46 -27.20 1.61
C ASP C 323 61.75 -27.43 3.08
N LYS C 324 61.48 -26.41 3.89
CA LYS C 324 61.65 -26.44 5.35
C LYS C 324 60.31 -26.81 5.97
N GLU C 325 60.09 -28.11 6.15
CA GLU C 325 58.83 -28.61 6.71
C GLU C 325 58.54 -27.94 8.06
N PRO C 326 57.35 -27.38 8.24
CA PRO C 326 56.99 -26.80 9.54
C PRO C 326 56.38 -27.86 10.45
N THR C 327 56.25 -27.52 11.73
CA THR C 327 55.67 -28.47 12.68
C THR C 327 54.34 -28.99 12.16
N ILE C 328 53.95 -30.16 12.63
CA ILE C 328 52.73 -30.79 12.14
C ILE C 328 51.52 -29.90 12.38
N GLU C 329 51.44 -29.27 13.57
CA GLU C 329 50.29 -28.45 13.88
C GLU C 329 50.24 -27.20 13.00
N ASP C 330 51.40 -26.64 12.68
CA ASP C 330 51.41 -25.52 11.75
C ASP C 330 51.03 -25.97 10.36
N GLN C 331 51.40 -27.20 9.99
CA GLN C 331 50.98 -27.73 8.69
C GLN C 331 49.45 -27.80 8.58
N HIS C 332 48.78 -28.23 9.65
CA HIS C 332 47.33 -28.16 9.72
C HIS C 332 46.84 -26.74 9.48
N PHE C 333 47.43 -25.76 10.18
CA PHE C 333 47.05 -24.37 10.00
C PHE C 333 47.14 -23.96 8.53
N VAL C 334 48.28 -24.20 7.89
CA VAL C 334 48.47 -23.74 6.52
C VAL C 334 47.41 -24.32 5.60
N ALA C 335 47.06 -25.59 5.78
CA ALA C 335 45.92 -26.12 5.04
C ALA C 335 44.65 -25.34 5.36
N ALA C 336 44.43 -24.99 6.63
CA ALA C 336 43.17 -24.37 7.02
C ALA C 336 43.01 -22.97 6.40
N VAL C 337 44.10 -22.21 6.23
CA VAL C 337 44.01 -20.97 5.49
C VAL C 337 43.57 -21.25 4.06
N LEU C 338 44.22 -22.21 3.41
CA LEU C 338 43.86 -22.57 2.05
C LEU C 338 42.39 -22.97 1.95
N VAL C 339 41.90 -23.79 2.88
CA VAL C 339 40.48 -24.09 2.91
C VAL C 339 39.67 -22.80 2.96
N ARG C 340 40.11 -21.86 3.81
CA ARG C 340 39.43 -20.57 3.90
C ARG C 340 39.50 -19.81 2.58
N GLY C 341 40.65 -19.84 1.91
CA GLY C 341 40.83 -19.10 0.69
C GLY C 341 41.18 -17.66 0.96
N GLY C 342 41.47 -16.95 -0.13
CA GLY C 342 41.89 -15.57 0.00
C GLY C 342 42.93 -15.24 -1.06
N VAL C 343 43.30 -13.96 -1.14
CA VAL C 343 44.29 -13.50 -2.10
C VAL C 343 45.64 -13.43 -1.39
N PHE C 344 46.64 -14.11 -1.95
CA PHE C 344 47.95 -14.13 -1.35
C PHE C 344 49.01 -13.70 -2.36
N ALA D 12 45.41 1.52 26.16
CA ALA D 12 44.34 1.96 27.04
C ALA D 12 43.53 0.78 27.53
N SER D 13 42.35 0.60 26.94
CA SER D 13 41.45 -0.47 27.33
C SER D 13 40.54 -0.83 26.15
N VAL D 14 39.53 0.03 25.90
CA VAL D 14 38.58 -0.11 24.80
C VAL D 14 37.85 -1.46 24.90
N LEU D 15 37.04 -1.61 25.96
CA LEU D 15 36.29 -2.82 26.31
C LEU D 15 34.78 -2.63 26.10
N SER D 16 34.05 -3.74 26.16
CA SER D 16 32.60 -3.69 26.23
C SER D 16 32.04 -4.97 26.85
N PHE D 17 30.87 -4.83 27.46
CA PHE D 17 30.23 -5.88 28.24
C PHE D 17 28.80 -6.06 27.76
N GLU D 18 28.39 -7.30 27.52
CA GLU D 18 27.02 -7.60 27.16
C GLU D 18 26.15 -7.70 28.40
N ARG D 19 24.92 -7.21 28.29
CA ARG D 19 24.03 -7.18 29.44
C ARG D 19 23.76 -8.60 29.94
N LYS D 20 23.56 -8.70 31.25
CA LYS D 20 23.31 -9.98 31.90
C LYS D 20 21.88 -10.15 32.39
N LEU D 21 21.10 -9.08 32.46
CA LEU D 21 19.66 -9.17 32.66
C LEU D 21 18.97 -8.89 31.31
N ASP D 22 18.22 -9.88 30.83
CA ASP D 22 17.62 -9.87 29.49
C ASP D 22 16.12 -10.04 29.65
N PRO D 23 15.40 -8.95 29.94
CA PRO D 23 13.93 -9.03 29.91
C PRO D 23 13.46 -8.83 28.48
N SER D 24 12.38 -9.53 28.17
CA SER D 24 11.60 -9.36 26.96
C SER D 24 10.79 -8.07 27.06
N ASP D 25 10.30 -7.59 25.92
CA ASP D 25 9.25 -6.57 25.98
C ASP D 25 8.16 -7.08 26.92
N ALA D 26 7.48 -6.16 27.59
CA ALA D 26 6.39 -6.50 28.50
C ALA D 26 5.09 -6.12 27.83
N LEU D 27 4.22 -7.09 27.63
CA LEU D 27 2.99 -6.89 26.87
C LEU D 27 1.80 -6.68 27.82
N PHE D 28 0.79 -6.00 27.31
CA PHE D 28 -0.38 -5.68 28.10
C PHE D 28 -1.53 -6.61 27.76
N PHE D 29 -2.20 -7.10 28.79
CA PHE D 29 -3.40 -7.89 28.65
C PHE D 29 -4.44 -7.28 29.57
N SER D 30 -5.69 -7.65 29.40
CA SER D 30 -6.78 -7.03 30.13
C SER D 30 -7.72 -8.13 30.58
N GLY D 31 -8.47 -7.84 31.63
CA GLY D 31 -9.32 -8.86 32.23
C GLY D 31 -9.74 -8.44 33.62
N ASN D 32 -10.39 -9.38 34.30
CA ASN D 32 -10.98 -9.13 35.60
C ASN D 32 -10.21 -9.82 36.72
N TRP D 33 -10.14 -9.11 37.86
CA TRP D 33 -9.21 -9.44 38.94
C TRP D 33 -9.43 -10.84 39.50
N SER D 34 -10.68 -11.29 39.56
CA SER D 34 -10.94 -12.63 40.07
C SER D 34 -10.14 -13.69 39.30
N ASN D 35 -10.17 -13.65 37.97
CA ASN D 35 -9.66 -14.73 37.12
C ASN D 35 -8.16 -14.66 36.85
N LYS D 36 -7.33 -14.31 37.84
CA LYS D 36 -5.88 -14.28 37.61
C LYS D 36 -5.35 -15.66 37.26
N SER D 37 -5.89 -16.70 37.88
CA SER D 37 -5.32 -18.04 37.69
C SER D 37 -5.60 -18.58 36.30
N ASP D 38 -6.65 -18.12 35.66
CA ASP D 38 -7.02 -18.61 34.33
C ASP D 38 -6.21 -17.87 33.26
N ASP D 39 -5.36 -18.58 32.53
CA ASP D 39 -4.62 -17.90 31.45
C ASP D 39 -5.58 -17.42 30.37
N LYS D 40 -6.62 -18.21 30.08
CA LYS D 40 -7.49 -17.97 28.94
C LYS D 40 -8.46 -16.81 29.15
N ALA D 41 -8.38 -16.09 30.27
CA ALA D 41 -9.33 -15.04 30.56
C ALA D 41 -8.74 -13.65 30.39
N TRP D 42 -7.76 -13.49 29.50
CA TRP D 42 -7.02 -12.24 29.44
C TRP D 42 -6.85 -11.83 27.99
N GLN D 43 -7.68 -10.84 27.55
CA GLN D 43 -7.58 -10.52 26.14
C GLN D 43 -6.48 -9.49 25.91
N PRO D 44 -5.76 -9.53 24.79
CA PRO D 44 -4.72 -8.51 24.56
C PRO D 44 -5.35 -7.13 24.45
N ILE D 45 -4.54 -6.12 24.77
CA ILE D 45 -4.89 -4.72 24.67
C ILE D 45 -4.24 -4.18 23.41
N HIS D 46 -5.05 -3.63 22.49
CA HIS D 46 -4.54 -3.05 21.26
C HIS D 46 -4.55 -1.52 21.34
N LEU D 47 -3.62 -0.91 20.61
CA LEU D 47 -3.68 0.53 20.50
C LEU D 47 -4.93 0.95 19.71
N ARG D 48 -5.46 2.11 20.06
CA ARG D 48 -6.45 2.82 19.26
C ARG D 48 -5.93 4.21 18.96
N GLU D 49 -6.49 4.82 17.91
CA GLU D 49 -6.29 6.23 17.63
C GLU D 49 -7.50 7.00 18.10
N LYS D 50 -7.27 8.19 18.64
CA LYS D 50 -8.35 9.13 18.90
C LYS D 50 -7.84 10.53 18.63
N SER D 51 -8.76 11.37 18.15
CA SER D 51 -8.48 12.76 17.86
C SER D 51 -8.61 13.57 19.13
N VAL D 52 -7.79 14.61 19.22
CA VAL D 52 -7.62 15.43 20.40
C VAL D 52 -7.58 16.87 19.94
N ARG D 53 -8.38 17.73 20.56
CA ARG D 53 -8.38 19.16 20.27
C ARG D 53 -7.29 19.80 21.10
N GLY D 54 -6.24 20.27 20.44
CA GLY D 54 -5.14 20.89 21.14
C GLY D 54 -5.55 22.14 21.89
N THR D 55 -4.70 22.48 22.86
CA THR D 55 -4.81 23.65 23.71
C THR D 55 -3.42 24.27 23.73
N ILE D 56 -3.32 25.59 23.62
CA ILE D 56 -1.94 26.06 23.70
C ILE D 56 -1.55 26.06 25.17
N SER D 57 -0.53 25.25 25.50
CA SER D 57 -0.14 24.95 26.88
C SER D 57 1.28 25.38 27.24
N ASN D 58 2.18 25.40 26.27
CA ASN D 58 3.59 25.62 26.49
C ASN D 58 3.91 27.10 26.76
N ARG D 59 5.12 27.31 27.20
CA ARG D 59 5.59 28.65 27.45
C ARG D 59 5.79 29.46 26.16
N LEU D 60 5.28 30.70 26.09
CA LEU D 60 5.41 31.44 24.84
C LEU D 60 6.68 32.27 24.84
N LYS D 61 7.22 32.44 23.64
CA LYS D 61 8.45 33.17 23.40
C LYS D 61 8.18 34.68 23.37
N LYS D 62 9.23 35.46 23.13
CA LYS D 62 9.07 36.89 22.93
C LYS D 62 8.03 37.20 21.84
N GLY D 63 8.08 36.45 20.73
CA GLY D 63 7.16 36.69 19.61
C GLY D 63 5.72 36.92 20.03
N GLU D 64 5.15 36.00 20.83
CA GLU D 64 3.75 36.09 21.23
C GLU D 64 3.51 37.10 22.35
N ALA D 65 2.94 36.63 23.45
CA ALA D 65 2.67 37.40 24.66
C ALA D 65 1.43 38.29 24.55
N ASP D 66 1.41 39.27 23.64
CA ASP D 66 0.29 40.21 23.64
C ASP D 66 -1.01 39.53 23.18
N PRO D 67 -2.17 40.04 23.62
CA PRO D 67 -3.42 39.29 23.46
C PRO D 67 -3.78 38.92 22.03
N ALA D 68 -3.45 39.76 21.05
CA ALA D 68 -3.86 39.45 19.68
C ALA D 68 -3.18 38.19 19.18
N LYS D 69 -1.87 38.05 19.41
CA LYS D 69 -1.23 36.93 18.73
C LYS D 69 -1.57 35.63 19.43
N LEU D 70 -1.78 35.65 20.74
CA LEU D 70 -2.17 34.44 21.43
C LEU D 70 -3.57 33.98 21.03
N ASN D 71 -4.54 34.89 21.12
CA ASN D 71 -5.91 34.58 20.73
C ASN D 71 -6.03 34.14 19.28
N ALA D 72 -5.08 34.54 18.44
CA ALA D 72 -5.04 33.99 17.10
C ALA D 72 -4.80 32.49 17.14
N ALA D 73 -3.80 32.07 17.92
CA ALA D 73 -3.45 30.65 18.04
C ALA D 73 -4.55 29.86 18.73
N ILE D 74 -5.24 30.46 19.72
CA ILE D 74 -6.33 29.78 20.39
C ILE D 74 -7.44 29.44 19.40
N GLU D 75 -7.65 30.31 18.39
CA GLU D 75 -8.72 30.12 17.42
C GLU D 75 -8.39 29.03 16.41
N LYS D 76 -7.12 28.88 16.06
CA LYS D 76 -6.72 27.82 15.15
C LYS D 76 -7.18 26.47 15.71
N PRO D 77 -7.51 25.51 14.84
CA PRO D 77 -8.13 24.26 15.34
C PRO D 77 -7.23 23.45 16.29
N ASN D 78 -5.93 23.36 16.00
CA ASN D 78 -4.92 22.57 16.74
C ASN D 78 -5.36 21.12 16.93
N LEU D 79 -5.83 20.52 15.85
CA LEU D 79 -6.34 19.15 15.91
C LEU D 79 -5.18 18.17 15.87
N GLN D 80 -5.30 17.08 16.64
CA GLN D 80 -4.22 16.11 16.73
C GLN D 80 -4.80 14.74 16.95
N THR D 81 -4.03 13.73 16.53
CA THR D 81 -4.35 12.32 16.71
C THR D 81 -3.31 11.73 17.66
N VAL D 82 -3.76 10.88 18.59
CA VAL D 82 -2.84 10.19 19.49
C VAL D 82 -3.23 8.72 19.62
N ASP D 83 -2.22 7.86 19.79
CA ASP D 83 -2.44 6.50 20.22
C ASP D 83 -2.94 6.47 21.68
N VAL D 84 -3.81 5.51 21.99
CA VAL D 84 -4.24 5.34 23.38
C VAL D 84 -4.51 3.86 23.65
N ALA D 85 -4.14 3.40 24.84
CA ALA D 85 -4.46 2.05 25.28
C ALA D 85 -5.31 2.12 26.53
N THR D 86 -6.40 1.36 26.58
CA THR D 86 -7.25 1.34 27.76
C THR D 86 -7.72 -0.07 28.09
N LEU D 87 -8.24 -0.19 29.28
CA LEU D 87 -8.93 -1.41 29.64
C LEU D 87 -10.31 -1.42 28.99
N PRO D 88 -10.85 -2.60 28.72
CA PRO D 88 -12.25 -2.68 28.29
C PRO D 88 -13.23 -2.11 29.29
N PHE D 89 -14.43 -1.80 28.78
CA PHE D 89 -15.56 -1.43 29.63
C PHE D 89 -15.92 -2.54 30.63
N ASP D 90 -15.51 -3.79 30.39
CA ASP D 90 -15.92 -4.94 31.21
C ASP D 90 -14.73 -5.64 31.86
N SER D 91 -13.58 -4.99 31.92
CA SER D 91 -12.37 -5.57 32.50
C SER D 91 -11.73 -4.51 33.38
N ASP D 92 -11.53 -4.83 34.67
CA ASP D 92 -10.98 -3.89 35.63
C ASP D 92 -9.49 -4.04 35.88
N THR D 93 -8.83 -5.06 35.33
CA THR D 93 -7.45 -5.36 35.68
C THR D 93 -6.56 -5.46 34.44
N LEU D 94 -5.37 -4.84 34.54
CA LEU D 94 -4.32 -4.91 33.53
C LEU D 94 -3.32 -6.01 33.89
N LYS D 95 -3.01 -6.88 32.94
CA LYS D 95 -1.98 -7.91 33.10
C LYS D 95 -0.76 -7.57 32.25
N VAL D 96 0.40 -7.41 32.91
CA VAL D 96 1.69 -7.26 32.24
C VAL D 96 2.46 -8.57 32.40
N GLU D 97 3.02 -9.08 31.30
CA GLU D 97 3.72 -10.37 31.30
C GLU D 97 4.99 -10.26 30.47
N PHE D 98 6.08 -10.86 30.95
CA PHE D 98 7.35 -10.86 30.22
C PHE D 98 8.23 -11.98 30.74
N THR D 99 9.32 -12.24 30.06
CA THR D 99 10.24 -13.26 30.53
C THR D 99 11.62 -12.66 30.65
N LEU D 100 12.32 -13.08 31.70
CA LEU D 100 13.56 -12.48 32.14
C LEU D 100 14.61 -13.57 32.24
N ARG D 101 15.78 -13.30 31.70
CA ARG D 101 16.87 -14.25 31.57
C ARG D 101 18.04 -13.70 32.34
N VAL D 102 18.55 -14.45 33.31
CA VAL D 102 19.72 -14.02 34.05
C VAL D 102 20.90 -14.86 33.59
N LEU D 103 21.90 -14.19 33.02
CA LEU D 103 23.08 -14.81 32.46
C LEU D 103 24.29 -14.61 33.36
N GLY D 104 25.16 -15.62 33.38
CA GLY D 104 26.44 -15.52 34.05
C GLY D 104 27.48 -14.86 33.17
N GLY D 105 28.73 -14.94 33.64
CA GLY D 105 29.85 -14.41 32.89
C GLY D 105 30.22 -13.01 33.25
N VAL D 106 29.77 -12.53 34.42
CA VAL D 106 29.75 -11.11 34.75
C VAL D 106 31.11 -10.47 34.52
N GLY D 107 32.17 -11.13 35.00
CA GLY D 107 33.48 -10.52 34.94
C GLY D 107 34.07 -10.47 33.54
N GLU D 108 33.69 -11.41 32.68
CA GLU D 108 34.36 -11.53 31.38
C GLU D 108 33.90 -10.50 30.37
N PRO D 109 34.78 -9.72 29.76
CA PRO D 109 34.38 -8.79 28.71
C PRO D 109 33.98 -9.52 27.43
N ALA D 110 33.14 -8.86 26.65
CA ALA D 110 32.83 -9.34 25.31
C ALA D 110 33.78 -8.82 24.25
N ALA D 111 34.42 -7.67 24.48
CA ALA D 111 35.58 -7.27 23.68
C ALA D 111 36.48 -6.41 24.54
N CYS D 112 37.75 -6.28 24.12
CA CYS D 112 38.77 -5.72 24.98
C CYS D 112 40.09 -5.51 24.25
N ASN D 113 40.45 -4.27 23.97
CA ASN D 113 41.53 -3.96 23.07
C ASN D 113 42.91 -3.91 23.77
N SER D 114 43.02 -4.38 25.03
CA SER D 114 44.26 -4.27 25.80
C SER D 114 44.72 -5.54 26.51
N MET D 115 43.80 -6.44 26.87
CA MET D 115 44.12 -7.84 27.15
C MET D 115 44.89 -8.08 28.44
N GLU D 116 45.89 -7.25 28.74
CA GLU D 116 46.39 -7.30 30.10
C GLU D 116 45.45 -6.57 31.04
N TYR D 117 44.76 -5.53 30.54
CA TYR D 117 43.60 -5.00 31.24
C TYR D 117 42.57 -6.10 31.53
N ARG D 118 42.35 -6.99 30.57
CA ARG D 118 41.45 -8.11 30.83
C ARG D 118 41.97 -8.99 31.96
N SER D 119 43.27 -9.31 31.92
CA SER D 119 43.83 -10.19 32.94
C SER D 119 43.53 -9.66 34.32
N LYS D 120 43.82 -8.36 34.56
CA LYS D 120 43.49 -7.77 35.85
C LYS D 120 41.99 -7.76 36.10
N LEU D 121 41.22 -7.30 35.11
CA LEU D 121 39.79 -7.07 35.31
C LEU D 121 39.04 -8.35 35.65
N VAL D 122 39.37 -9.48 35.02
CA VAL D 122 38.67 -10.71 35.39
C VAL D 122 39.15 -11.19 36.73
N ALA D 123 40.40 -10.88 37.07
CA ALA D 123 40.91 -11.19 38.39
C ALA D 123 40.14 -10.43 39.47
N THR D 124 40.08 -9.08 39.36
CA THR D 124 39.51 -8.30 40.46
C THR D 124 38.01 -8.55 40.62
N ILE D 125 37.28 -8.75 39.52
CA ILE D 125 35.87 -9.10 39.70
C ILE D 125 35.75 -10.46 40.34
N SER D 126 36.63 -11.39 39.95
CA SER D 126 36.57 -12.75 40.46
C SER D 126 36.77 -12.76 41.96
N HIS D 127 37.74 -11.99 42.44
CA HIS D 127 37.93 -11.82 43.87
C HIS D 127 36.70 -11.18 44.51
N TYR D 128 36.15 -10.14 43.87
CA TYR D 128 34.91 -9.55 44.36
C TYR D 128 33.81 -10.62 44.44
N ILE D 129 33.70 -11.45 43.40
CA ILE D 129 32.62 -12.43 43.37
C ILE D 129 32.76 -13.44 44.49
N ASP D 130 33.99 -13.92 44.73
CA ASP D 130 34.21 -14.96 45.74
C ASP D 130 34.08 -14.39 47.13
N THR D 131 34.55 -13.17 47.34
CA THR D 131 34.44 -12.44 48.59
C THR D 131 32.99 -12.10 48.94
N HIS D 132 32.66 -10.81 48.80
CA HIS D 132 31.27 -10.39 48.88
C HIS D 132 30.53 -11.05 47.73
N GLY D 133 29.98 -12.24 47.96
CA GLY D 133 29.21 -12.89 46.93
C GLY D 133 28.16 -11.91 46.46
N LEU D 134 27.92 -11.81 45.14
CA LEU D 134 27.01 -10.79 44.64
C LEU D 134 25.57 -11.07 45.03
N ASP D 135 25.35 -11.53 46.27
CA ASP D 135 23.98 -11.67 46.75
C ASP D 135 23.32 -10.32 46.90
N ILE D 136 24.09 -9.25 47.08
CA ILE D 136 23.48 -7.93 47.18
C ILE D 136 22.80 -7.58 45.88
N LEU D 137 23.49 -7.80 44.75
CA LEU D 137 22.94 -7.48 43.44
C LEU D 137 21.67 -8.28 43.17
N GLY D 138 21.78 -9.60 43.20
CA GLY D 138 20.60 -10.41 43.02
C GLY D 138 19.50 -10.11 44.01
N ASN D 139 19.86 -9.70 45.23
CA ASN D 139 18.84 -9.39 46.24
C ASN D 139 18.00 -8.22 45.79
N ARG D 140 18.66 -7.17 45.32
CA ARG D 140 17.95 -5.96 44.99
C ARG D 140 17.25 -6.10 43.64
N TYR D 141 17.86 -6.79 42.67
CA TYR D 141 17.15 -7.14 41.45
C TYR D 141 15.85 -7.84 41.79
N ALA D 142 15.87 -8.78 42.74
CA ALA D 142 14.63 -9.48 43.02
C ALA D 142 13.61 -8.56 43.67
N ALA D 143 14.05 -7.69 44.60
CA ALA D 143 13.14 -6.68 45.15
C ALA D 143 12.43 -5.91 44.05
N ASN D 144 13.18 -5.45 43.06
CA ASN D 144 12.60 -4.66 42.00
C ASN D 144 11.64 -5.45 41.11
N LEU D 145 11.65 -6.78 41.16
CA LEU D 145 10.52 -7.51 40.61
C LEU D 145 9.36 -7.57 41.60
N ALA D 146 9.66 -7.63 42.90
CA ALA D 146 8.56 -7.82 43.84
C ALA D 146 7.80 -6.53 44.05
N ASN D 147 8.49 -5.40 44.00
CA ASN D 147 7.80 -4.13 44.21
C ASN D 147 7.02 -3.69 42.98
N GLY D 148 7.36 -4.19 41.80
CA GLY D 148 6.69 -3.76 40.60
C GLY D 148 7.19 -2.44 40.04
N ARG D 149 8.43 -2.07 40.34
CA ARG D 149 9.02 -0.87 39.75
C ARG D 149 8.88 -0.89 38.24
N PHE D 150 8.86 -2.07 37.64
CA PHE D 150 8.76 -2.20 36.18
C PHE D 150 7.37 -1.83 35.63
N LEU D 151 6.37 -1.62 36.49
CA LEU D 151 5.07 -1.18 36.01
C LEU D 151 5.07 0.29 35.64
N TRP D 152 6.14 1.00 35.95
CA TRP D 152 6.16 2.45 35.87
C TRP D 152 4.80 3.10 36.16
N ARG D 153 4.34 4.00 35.27
CA ARG D 153 3.16 4.79 35.57
C ARG D 153 1.92 3.94 35.82
N ASN D 154 1.98 2.64 35.50
CA ASN D 154 0.83 1.81 35.80
C ASN D 154 0.71 1.48 37.30
N ARG D 155 1.77 1.70 38.08
CA ARG D 155 1.70 1.43 39.52
C ARG D 155 0.88 2.49 40.26
N LEU D 156 1.05 3.77 39.88
CA LEU D 156 0.39 4.87 40.58
C LEU D 156 -1.11 4.70 40.58
N GLY D 157 -1.71 4.82 41.75
CA GLY D 157 -3.13 4.76 41.90
C GLY D 157 -3.71 3.37 41.96
N ALA D 158 -2.87 2.33 41.91
CA ALA D 158 -3.39 0.98 41.85
C ALA D 158 -4.18 0.65 43.11
N ASP D 159 -5.30 -0.03 42.92
CA ASP D 159 -5.99 -0.59 44.06
C ASP D 159 -5.19 -1.74 44.66
N ALA D 160 -4.76 -2.68 43.81
CA ALA D 160 -4.07 -3.89 44.22
C ALA D 160 -3.13 -4.30 43.11
N ILE D 161 -1.99 -4.86 43.48
CA ILE D 161 -1.01 -5.37 42.51
C ILE D 161 -0.49 -6.70 43.02
N SER D 162 -0.60 -7.74 42.21
CA SER D 162 -0.10 -9.06 42.58
C SER D 162 0.79 -9.56 41.46
N ILE D 163 2.04 -9.87 41.78
CA ILE D 163 3.03 -10.23 40.78
C ILE D 163 3.34 -11.71 40.96
N GLN D 164 3.12 -12.52 39.94
CA GLN D 164 3.40 -13.95 40.04
C GLN D 164 4.69 -14.24 39.27
N ILE D 165 5.66 -14.86 39.95
CA ILE D 165 6.96 -15.13 39.35
C ILE D 165 7.17 -16.63 39.35
N THR D 166 7.39 -17.18 38.16
CA THR D 166 7.63 -18.62 37.98
C THR D 166 8.94 -18.84 37.26
N ARG D 167 9.67 -19.87 37.70
CA ARG D 167 10.88 -20.34 37.04
C ARG D 167 10.49 -21.35 35.98
N LEU D 168 11.14 -21.29 34.83
CA LEU D 168 10.86 -22.21 33.73
C LEU D 168 12.13 -22.96 33.39
N SER D 169 12.06 -24.27 33.49
CA SER D 169 13.18 -25.13 33.20
C SER D 169 12.64 -26.21 32.28
N GLY D 170 13.30 -26.39 31.14
CA GLY D 170 12.76 -27.19 30.04
C GLY D 170 11.31 -26.86 29.79
N ASP D 171 10.45 -27.86 29.98
CA ASP D 171 9.01 -27.73 29.94
C ASP D 171 8.41 -27.55 31.34
N GLU D 172 9.20 -27.67 32.40
CA GLU D 172 8.70 -27.47 33.75
C GLU D 172 8.39 -26.01 34.01
N SER D 173 7.47 -25.77 34.94
CA SER D 173 7.24 -24.43 35.46
C SER D 173 7.00 -24.55 36.95
N THR D 174 7.98 -24.12 37.73
CA THR D 174 7.90 -24.09 39.18
C THR D 174 7.59 -22.67 39.62
N LEU D 175 6.51 -22.51 40.40
CA LEU D 175 6.20 -21.21 40.98
C LEU D 175 7.28 -20.81 41.97
N VAL D 176 7.80 -19.60 41.81
CA VAL D 176 8.74 -19.06 42.80
C VAL D 176 8.00 -18.29 43.87
N GLY D 177 7.05 -17.43 43.48
CA GLY D 177 6.27 -16.69 44.47
C GLY D 177 5.32 -15.64 43.92
N VAL D 178 4.29 -15.34 44.71
CA VAL D 178 3.28 -14.32 44.43
C VAL D 178 3.49 -13.14 45.39
N PHE D 179 3.76 -11.96 44.85
CA PHE D 179 4.20 -10.81 45.65
C PHE D 179 3.17 -9.69 45.61
N ASP D 180 2.79 -9.20 46.77
CA ASP D 180 1.97 -8.00 46.87
C ASP D 180 2.91 -6.82 46.68
N ALA D 181 3.07 -6.40 45.43
CA ALA D 181 4.00 -5.31 45.11
C ALA D 181 3.79 -4.10 46.01
N LEU D 182 2.57 -3.87 46.49
CA LEU D 182 2.32 -2.70 47.33
C LEU D 182 2.69 -2.92 48.79
N ALA D 183 3.19 -4.10 49.14
CA ALA D 183 3.83 -4.31 50.42
C ALA D 183 5.32 -4.11 50.36
N HIS D 184 5.92 -4.14 49.18
CA HIS D 184 7.36 -3.98 49.24
C HIS D 184 7.77 -2.54 49.01
N PRO D 185 8.80 -2.07 49.68
CA PRO D 185 9.19 -0.67 49.52
C PRO D 185 9.80 -0.40 48.16
N LEU D 186 9.69 0.85 47.71
CA LEU D 186 10.48 1.33 46.58
C LEU D 186 11.56 2.31 46.98
N ARG D 187 11.43 2.96 48.12
CA ARG D 187 12.42 3.94 48.56
C ARG D 187 13.65 3.27 49.17
N GLN D 188 13.50 2.06 49.69
CA GLN D 188 14.67 1.37 50.19
C GLN D 188 14.38 -0.13 50.12
N PHE D 189 15.44 -0.93 50.26
CA PHE D 189 15.40 -2.38 50.18
C PHE D 189 15.36 -2.98 51.59
N GLU D 190 15.15 -4.30 51.64
CA GLU D 190 14.72 -4.92 52.89
C GLU D 190 15.74 -5.86 53.53
N GLU D 191 16.47 -5.33 54.51
CA GLU D 191 16.22 -5.65 55.94
C GLU D 191 16.30 -7.00 56.70
N LYS D 192 16.53 -8.14 56.03
CA LYS D 192 16.26 -9.44 56.65
C LYS D 192 14.79 -9.59 57.01
N SER D 193 14.38 -10.79 57.41
CA SER D 193 12.96 -11.15 57.53
C SER D 193 12.21 -10.79 56.25
N VAL D 194 12.81 -11.16 55.12
CA VAL D 194 12.36 -10.67 53.84
C VAL D 194 11.07 -11.37 53.43
N SER D 195 11.06 -12.70 53.51
CA SER D 195 10.06 -13.63 52.97
C SER D 195 10.84 -14.84 52.48
N GLU D 196 10.28 -16.04 52.55
CA GLU D 196 10.94 -17.14 51.86
C GLU D 196 10.99 -16.87 50.36
N GLU D 197 9.87 -16.39 49.79
CA GLU D 197 9.74 -16.29 48.34
C GLU D 197 10.61 -15.17 47.78
N LEU D 198 10.70 -14.03 48.50
CA LEU D 198 11.70 -13.03 48.14
C LEU D 198 13.11 -13.55 48.30
N GLU D 199 13.33 -14.45 49.27
CA GLU D 199 14.66 -15.01 49.45
C GLU D 199 14.98 -16.02 48.35
N ALA D 200 14.05 -16.94 48.07
CA ALA D 200 14.23 -17.86 46.95
C ALA D 200 14.63 -17.11 45.69
N LEU D 201 13.80 -16.12 45.28
CA LEU D 201 14.03 -15.29 44.09
C LEU D 201 15.43 -14.67 44.08
N ALA D 202 15.81 -14.02 45.18
CA ALA D 202 17.13 -13.38 45.24
C ALA D 202 18.26 -14.40 45.11
N LYS D 203 18.07 -15.64 45.56
CA LYS D 203 19.14 -16.60 45.32
C LYS D 203 19.13 -17.06 43.87
N LEU D 204 17.94 -17.21 43.31
CA LEU D 204 17.79 -17.62 41.92
C LEU D 204 18.52 -16.67 40.99
N ILE D 205 18.45 -15.37 41.26
CA ILE D 205 19.06 -14.42 40.33
C ILE D 205 20.57 -14.40 40.51
N THR D 206 21.06 -14.40 41.75
CA THR D 206 22.51 -14.44 41.94
C THR D 206 23.08 -15.76 41.42
N ALA D 207 22.38 -16.87 41.62
CA ALA D 207 22.87 -18.12 41.04
C ALA D 207 23.05 -17.98 39.53
N GLY D 208 22.04 -17.39 38.85
CA GLY D 208 22.15 -17.14 37.43
C GLY D 208 23.25 -16.15 37.10
N LEU D 209 23.33 -15.06 37.87
CA LEU D 209 24.43 -14.13 37.68
C LEU D 209 25.77 -14.82 37.91
N ALA D 210 25.79 -15.82 38.80
CA ALA D 210 27.02 -16.51 39.17
C ALA D 210 27.40 -17.61 38.20
N GLY D 211 26.48 -18.07 37.35
CA GLY D 211 26.79 -19.18 36.47
C GLY D 211 26.39 -20.51 37.01
N GLN D 212 25.88 -20.57 38.23
CA GLN D 212 25.58 -21.87 38.83
C GLN D 212 24.31 -22.48 38.27
N GLU D 213 23.42 -21.67 37.72
CA GLU D 213 22.13 -22.17 37.24
C GLU D 213 21.73 -21.43 35.97
N HIS D 214 20.93 -22.10 35.14
CA HIS D 214 20.26 -21.47 34.02
C HIS D 214 18.96 -20.91 34.54
N VAL D 215 18.80 -19.59 34.45
CA VAL D 215 17.71 -18.89 35.12
C VAL D 215 16.84 -18.25 34.06
N LEU D 216 15.57 -18.67 34.00
CA LEU D 216 14.60 -18.06 33.09
C LEU D 216 13.28 -17.90 33.84
N LEU D 217 12.87 -16.66 34.09
CA LEU D 217 11.65 -16.40 34.81
C LEU D 217 10.56 -15.85 33.89
N ARG D 218 9.31 -16.01 34.32
CA ARG D 218 8.13 -15.48 33.65
C ARG D 218 7.36 -14.69 34.71
N VAL D 219 7.31 -13.37 34.54
CA VAL D 219 6.59 -12.46 35.43
C VAL D 219 5.20 -12.19 34.87
N LYS D 220 4.20 -12.21 35.74
CA LYS D 220 2.81 -11.91 35.40
C LYS D 220 2.26 -10.93 36.43
N ALA D 221 2.24 -9.65 36.10
CA ALA D 221 1.81 -8.61 37.04
C ALA D 221 0.35 -8.27 36.75
N PHE D 222 -0.45 -8.14 37.80
CA PHE D 222 -1.86 -7.80 37.69
C PHE D 222 -2.13 -6.52 38.48
N ILE D 223 -2.38 -5.43 37.75
CA ILE D 223 -2.71 -4.14 38.33
C ILE D 223 -4.20 -3.94 38.20
N ARG D 224 -4.93 -3.97 39.31
CA ARG D 224 -6.34 -3.64 39.27
C ARG D 224 -6.49 -2.12 39.22
N MET D 225 -7.13 -1.62 38.16
CA MET D 225 -7.19 -0.18 37.93
C MET D 225 -8.59 0.38 37.79
N GLY D 226 -9.63 -0.44 37.68
CA GLY D 226 -10.95 0.10 37.38
C GLY D 226 -11.36 0.00 35.91
N GLU D 227 -12.60 -0.43 35.68
CA GLU D 227 -13.10 -0.64 34.33
C GLU D 227 -12.83 0.58 33.47
N GLY D 228 -12.39 0.36 32.23
CA GLY D 228 -12.21 1.42 31.27
C GLY D 228 -10.96 2.26 31.40
N GLN D 229 -10.27 2.21 32.53
CA GLN D 229 -9.15 3.12 32.79
C GLN D 229 -8.04 3.02 31.74
N GLU D 230 -7.45 4.18 31.42
CA GLU D 230 -6.26 4.22 30.58
C GLU D 230 -5.13 3.40 31.21
N VAL D 231 -4.33 2.74 30.37
CA VAL D 231 -3.07 2.14 30.79
C VAL D 231 -1.96 2.83 30.02
N PHE D 232 -0.72 2.49 30.32
CA PHE D 232 0.40 3.35 29.95
C PHE D 232 1.52 2.52 29.34
N PRO D 233 1.43 2.25 28.04
CA PRO D 233 2.54 1.63 27.32
C PRO D 233 3.71 2.59 27.20
N SER D 234 4.81 2.06 26.70
CA SER D 234 5.93 2.90 26.35
C SER D 234 5.53 3.87 25.26
N GLN D 235 6.22 5.01 25.20
CA GLN D 235 6.11 5.94 24.09
C GLN D 235 7.07 5.58 22.97
N GLU D 236 6.62 5.70 21.73
CA GLU D 236 7.51 5.61 20.59
C GLU D 236 7.69 7.02 20.02
N LEU D 237 8.94 7.41 19.76
CA LEU D 237 9.23 8.81 19.43
C LEU D 237 9.79 8.94 18.02
N LEU D 238 8.96 9.45 17.12
CA LEU D 238 9.21 9.53 15.69
C LEU D 238 8.40 10.67 15.08
N LEU D 239 8.32 11.82 15.77
CA LEU D 239 7.37 12.86 15.38
C LEU D 239 7.61 13.35 13.96
N ASP D 240 6.52 13.61 13.24
CA ASP D 240 6.55 14.04 11.85
C ASP D 240 7.42 13.12 11.00
N LYS D 241 7.14 11.82 11.09
CA LYS D 241 7.80 10.80 10.28
C LYS D 241 7.08 10.54 8.97
N GLY D 242 6.11 11.37 8.60
CA GLY D 242 5.35 11.15 7.39
C GLY D 242 4.15 12.07 7.33
N LYS D 243 3.29 11.82 6.33
CA LYS D 243 2.10 12.64 6.10
C LYS D 243 1.05 12.46 7.19
N SER D 244 1.24 11.52 8.14
CA SER D 244 0.20 11.20 9.11
C SER D 244 0.05 12.24 10.22
N THR D 245 0.92 13.26 10.25
CA THR D 245 1.20 14.09 11.43
C THR D 245 1.10 13.27 12.72
N LYS D 246 0.11 13.53 13.57
CA LYS D 246 -0.24 12.69 14.73
C LYS D 246 0.72 12.85 15.90
N SER D 247 0.25 13.40 17.01
CA SER D 247 1.06 13.46 18.21
C SER D 247 1.09 12.10 18.86
N ARG D 248 2.10 11.87 19.70
CA ARG D 248 2.10 10.71 20.59
C ARG D 248 1.92 9.35 19.91
N PHE D 249 3.00 8.57 19.83
CA PHE D 249 2.96 7.21 19.35
C PHE D 249 3.23 6.24 20.50
N LEU D 250 2.48 5.14 20.54
CA LEU D 250 2.65 4.14 21.58
C LEU D 250 3.28 2.88 21.03
N TYR D 251 4.10 2.24 21.87
CA TYR D 251 4.81 1.03 21.51
C TYR D 251 3.86 -0.17 21.46
N SER D 252 4.23 -1.15 20.66
CA SER D 252 3.34 -2.29 20.42
C SER D 252 4.16 -3.32 19.65
N VAL D 253 3.78 -4.59 19.78
CA VAL D 253 4.59 -5.68 19.27
C VAL D 253 3.74 -6.67 18.50
N GLY D 254 4.13 -6.90 17.26
CA GLY D 254 3.69 -8.01 16.44
C GLY D 254 2.71 -7.59 15.37
N GLN D 255 2.67 -8.37 14.29
CA GLN D 255 1.58 -8.37 13.29
C GLN D 255 1.35 -6.94 12.77
N ASP D 256 0.10 -6.50 12.61
CA ASP D 256 -0.19 -5.12 12.22
C ASP D 256 -1.22 -4.52 13.18
N GLU D 257 -2.42 -5.09 13.15
CA GLU D 257 -3.45 -4.75 14.11
C GLU D 257 -3.66 -5.84 15.13
N LYS D 258 -2.93 -6.94 15.03
CA LYS D 258 -2.83 -7.87 16.12
C LYS D 258 -1.72 -7.49 17.11
N ALA D 259 -0.99 -6.40 16.84
CA ALA D 259 0.03 -5.91 17.74
C ALA D 259 -0.56 -5.63 19.11
N ILE D 260 0.25 -5.86 20.14
CA ILE D 260 -0.18 -5.70 21.53
C ILE D 260 0.61 -4.56 22.18
N ALA D 261 -0.10 -3.65 22.84
CA ALA D 261 0.57 -2.55 23.52
C ALA D 261 1.62 -3.07 24.51
N ALA D 262 2.74 -2.37 24.60
CA ALA D 262 3.84 -2.95 25.34
C ALA D 262 4.70 -1.88 25.99
N ILE D 263 5.52 -2.32 26.97
CA ILE D 263 6.62 -1.51 27.53
C ILE D 263 7.90 -1.99 26.87
N HIS D 264 8.78 -1.05 26.49
CA HIS D 264 10.08 -1.40 25.91
C HIS D 264 10.79 -2.38 26.84
N SER D 265 11.33 -3.45 26.26
CA SER D 265 12.17 -4.29 27.09
C SER D 265 13.15 -3.41 27.88
N GLN D 266 13.79 -2.44 27.23
CA GLN D 266 14.85 -1.72 27.91
C GLN D 266 14.32 -0.88 29.08
N LYS D 267 13.05 -0.48 29.03
CA LYS D 267 12.42 0.23 30.14
C LYS D 267 12.22 -0.69 31.35
N ILE D 268 11.89 -1.95 31.08
CA ILE D 268 11.79 -2.97 32.11
C ILE D 268 13.14 -3.16 32.82
N GLY D 269 14.24 -3.17 32.06
CA GLY D 269 15.53 -3.37 32.68
C GLY D 269 16.01 -2.17 33.48
N ASN D 270 15.68 -0.97 33.01
CA ASN D 270 15.91 0.22 33.82
C ASN D 270 15.28 0.05 35.18
N ALA D 271 14.07 -0.50 35.21
CA ALA D 271 13.42 -0.68 36.50
C ALA D 271 14.16 -1.72 37.33
N LEU D 272 14.46 -2.89 36.74
CA LEU D 272 15.19 -3.91 37.47
C LEU D 272 16.49 -3.37 38.08
N ARG D 273 17.19 -2.47 37.38
CA ARG D 273 18.51 -2.03 37.83
C ARG D 273 18.44 -0.73 38.64
N THR D 274 17.26 -0.34 39.10
CA THR D 274 17.19 0.80 40.03
C THR D 274 17.60 0.25 41.38
N ILE D 275 18.88 0.40 41.68
CA ILE D 275 19.53 -0.48 42.64
C ILE D 275 20.59 0.31 43.39
N ASP D 276 21.07 1.38 42.77
CA ASP D 276 22.20 2.15 43.27
C ASP D 276 21.68 3.10 44.34
N THR D 277 21.95 2.76 45.60
CA THR D 277 21.80 3.68 46.73
C THR D 277 23.16 4.05 47.31
N TRP D 278 24.21 3.90 46.51
CA TRP D 278 25.59 4.05 46.92
C TRP D 278 26.19 5.38 46.46
N TYR D 279 25.40 6.24 45.93
CA TYR D 279 25.98 7.49 45.45
C TYR D 279 25.84 8.59 46.52
N PRO D 280 26.75 9.57 46.51
CA PRO D 280 26.66 10.71 47.43
C PRO D 280 25.31 11.09 48.01
N ASP D 281 24.40 11.66 47.24
CA ASP D 281 23.19 12.18 47.87
C ASP D 281 22.11 11.12 48.07
N ALA D 282 22.45 9.83 47.88
CA ALA D 282 21.48 8.73 47.95
C ALA D 282 20.59 8.73 49.19
N GLU D 283 21.01 9.37 50.29
CA GLU D 283 20.21 9.25 51.51
C GLU D 283 18.89 9.98 51.39
N ILE D 284 18.84 11.06 50.61
CA ILE D 284 17.62 11.85 50.45
C ILE D 284 16.98 11.61 49.10
N ASN D 285 17.80 11.41 48.06
CA ASN D 285 17.28 11.29 46.69
C ASN D 285 16.58 9.96 46.50
N GLY D 286 17.20 8.85 46.88
CA GLY D 286 16.58 7.57 46.80
C GLY D 286 17.44 6.64 45.97
N PRO D 287 16.97 5.42 45.74
CA PRO D 287 17.64 4.56 44.75
C PRO D 287 17.50 5.17 43.37
N ILE D 288 18.51 4.96 42.53
CA ILE D 288 18.49 5.37 41.14
C ILE D 288 19.01 4.21 40.30
N ALA D 289 18.65 4.19 39.02
CA ALA D 289 19.07 3.06 38.21
C ALA D 289 20.52 3.22 37.78
N VAL D 290 21.19 2.07 37.60
CA VAL D 290 22.64 1.99 37.52
C VAL D 290 23.13 2.54 36.19
N GLU D 291 23.91 3.61 36.23
CA GLU D 291 24.55 4.13 35.02
C GLU D 291 25.97 4.57 35.32
N PRO D 292 26.85 4.57 34.30
CA PRO D 292 28.27 4.93 34.53
C PRO D 292 28.50 6.26 35.22
N TYR D 293 27.65 7.27 34.99
CA TYR D 293 27.76 8.57 35.68
C TYR D 293 26.49 8.83 36.45
N GLY D 294 25.86 7.76 36.96
CA GLY D 294 24.64 7.84 37.74
C GLY D 294 23.70 8.95 37.32
N SER D 295 23.18 8.86 36.11
CA SER D 295 22.48 9.96 35.47
C SER D 295 20.99 9.69 35.49
N VAL D 296 20.22 10.69 35.89
CA VAL D 296 18.77 10.62 35.94
C VAL D 296 18.28 11.62 34.93
N THR D 297 17.60 11.15 33.90
CA THR D 297 17.26 12.05 32.81
C THR D 297 16.07 12.93 33.17
N THR D 298 15.09 12.37 33.87
CA THR D 298 13.97 13.15 34.36
C THR D 298 14.42 14.29 35.29
N GLN D 299 15.58 14.17 35.93
CA GLN D 299 16.12 15.23 36.76
C GLN D 299 17.24 16.01 36.09
N GLY D 300 17.59 15.64 34.86
CA GLY D 300 18.67 16.31 34.16
C GLY D 300 19.95 16.48 34.95
N VAL D 301 20.18 15.59 35.93
CA VAL D 301 21.35 15.66 36.79
C VAL D 301 22.19 14.38 36.66
N ALA D 302 23.48 14.51 36.99
CA ALA D 302 24.41 13.38 37.06
C ALA D 302 24.96 13.26 38.48
N TYR D 303 24.38 12.40 39.30
CA TYR D 303 25.11 11.91 40.46
C TYR D 303 26.34 11.15 39.99
N ARG D 304 27.32 10.98 40.86
CA ARG D 304 28.57 10.36 40.41
C ARG D 304 29.22 11.22 39.31
N GLN D 305 29.69 12.35 39.74
CA GLN D 305 30.44 13.27 38.94
C GLN D 305 31.90 12.84 38.86
N PRO D 306 32.53 12.97 37.69
CA PRO D 306 33.98 12.72 37.61
C PRO D 306 34.77 13.59 38.56
N LYS D 307 34.30 14.82 38.82
CA LYS D 307 34.93 15.71 39.79
C LYS D 307 35.09 15.04 41.14
N ALA D 308 34.01 14.43 41.63
CA ALA D 308 34.02 13.67 42.87
C ALA D 308 34.49 12.22 42.70
N LYS D 309 35.34 11.92 41.71
CA LYS D 309 35.73 10.55 41.33
C LYS D 309 34.79 9.43 41.81
N LYS D 310 33.49 9.64 41.69
CA LYS D 310 32.50 8.64 42.06
C LYS D 310 31.80 8.02 40.84
N ASP D 311 32.20 8.40 39.63
CA ASP D 311 31.73 7.79 38.39
C ASP D 311 32.43 6.44 38.13
N PHE D 312 31.73 5.57 37.39
CA PHE D 312 32.17 4.19 37.21
C PHE D 312 33.56 4.11 36.58
N TYR D 313 33.86 5.01 35.65
CA TYR D 313 35.18 4.97 35.03
C TYR D 313 36.28 5.30 36.03
N SER D 314 36.08 6.36 36.85
CA SER D 314 37.03 6.66 37.93
C SER D 314 37.22 5.44 38.86
N LEU D 315 36.13 4.89 39.37
CA LEU D 315 36.21 3.72 40.23
C LEU D 315 36.90 2.55 39.55
N LEU D 316 36.45 2.16 38.35
CA LEU D 316 37.00 0.96 37.74
C LEU D 316 38.49 1.10 37.51
N ASP D 317 38.89 2.16 36.80
CA ASP D 317 40.29 2.40 36.49
C ASP D 317 41.17 2.30 37.75
N ALA D 318 40.84 3.08 38.77
CA ALA D 318 41.60 3.03 40.03
C ALA D 318 41.67 1.61 40.55
N TRP D 319 40.54 0.89 40.53
CA TRP D 319 40.48 -0.43 41.14
C TRP D 319 41.33 -1.45 40.35
N VAL D 320 41.50 -1.30 39.04
CA VAL D 320 42.23 -2.27 38.22
C VAL D 320 43.64 -1.79 37.87
N LEU D 321 43.78 -0.56 37.38
CA LEU D 321 45.09 -0.08 36.96
C LEU D 321 46.00 0.17 38.15
N LYS D 322 45.53 0.95 39.12
CA LYS D 322 46.36 1.37 40.24
C LYS D 322 46.12 0.54 41.50
N ASP D 323 45.35 -0.55 41.37
CA ASP D 323 45.05 -1.45 42.47
C ASP D 323 44.81 -0.70 43.79
N LYS D 324 43.85 0.23 43.74
CA LYS D 324 43.41 0.96 44.93
C LYS D 324 41.91 0.71 45.10
N GLU D 325 41.59 -0.27 45.95
CA GLU D 325 40.21 -0.71 46.17
C GLU D 325 39.30 0.48 46.46
N PRO D 326 38.08 0.49 45.95
CA PRO D 326 37.14 1.52 46.38
C PRO D 326 36.29 1.02 47.54
N THR D 327 35.48 1.88 48.15
CA THR D 327 34.55 1.38 49.17
C THR D 327 33.70 0.26 48.60
N ILE D 328 33.21 -0.62 49.48
CA ILE D 328 32.50 -1.81 49.01
C ILE D 328 31.16 -1.44 48.40
N GLU D 329 30.55 -0.36 48.90
CA GLU D 329 29.37 0.14 48.19
C GLU D 329 29.75 0.56 46.78
N ASP D 330 30.87 1.27 46.62
CA ASP D 330 31.37 1.57 45.27
C ASP D 330 31.66 0.27 44.51
N GLN D 331 32.26 -0.71 45.20
CA GLN D 331 32.49 -2.01 44.59
C GLN D 331 31.21 -2.61 44.06
N HIS D 332 30.11 -2.50 44.81
CA HIS D 332 28.83 -3.00 44.31
C HIS D 332 28.41 -2.28 43.03
N PHE D 333 28.62 -0.96 42.98
CA PHE D 333 28.20 -0.19 41.82
C PHE D 333 28.90 -0.67 40.54
N VAL D 334 30.22 -0.85 40.59
CA VAL D 334 30.95 -1.23 39.38
C VAL D 334 30.54 -2.62 38.90
N ALA D 335 30.43 -3.59 39.81
CA ALA D 335 29.80 -4.86 39.45
C ALA D 335 28.42 -4.62 38.85
N ALA D 336 27.63 -3.73 39.46
CA ALA D 336 26.27 -3.50 38.97
C ALA D 336 26.28 -2.91 37.56
N VAL D 337 27.29 -2.10 37.23
CA VAL D 337 27.40 -1.57 35.88
C VAL D 337 27.79 -2.67 34.90
N LEU D 338 28.67 -3.59 35.34
CA LEU D 338 29.10 -4.69 34.47
C LEU D 338 27.95 -5.61 34.16
N VAL D 339 27.04 -5.83 35.11
CA VAL D 339 25.79 -6.50 34.79
C VAL D 339 25.06 -5.72 33.71
N ARG D 340 25.01 -4.40 33.84
CA ARG D 340 24.24 -3.60 32.90
C ARG D 340 24.79 -3.72 31.48
N GLY D 341 26.12 -3.76 31.36
CA GLY D 341 26.76 -3.74 30.06
C GLY D 341 26.83 -2.34 29.45
N GLY D 342 27.63 -2.22 28.41
CA GLY D 342 27.85 -0.97 27.72
C GLY D 342 29.24 -0.98 27.10
N VAL D 343 29.54 0.09 26.37
CA VAL D 343 30.79 0.17 25.62
C VAL D 343 31.68 1.22 26.28
N PHE D 344 32.81 0.78 26.82
CA PHE D 344 33.65 1.63 27.69
C PHE D 344 35.07 1.89 27.13
N ALA E 12 15.15 28.56 32.98
CA ALA E 12 14.46 28.04 34.14
C ALA E 12 14.62 26.51 34.21
N SER E 13 13.48 25.82 34.23
CA SER E 13 13.40 24.37 34.33
C SER E 13 12.37 23.86 33.34
N VAL E 14 12.50 22.58 32.98
CA VAL E 14 11.52 22.00 32.07
C VAL E 14 10.73 20.89 32.79
N LEU E 15 9.79 21.30 33.65
CA LEU E 15 8.90 20.47 34.47
C LEU E 15 7.84 19.80 33.61
N SER E 16 7.15 18.83 34.23
CA SER E 16 6.03 18.18 33.56
C SER E 16 5.27 17.35 34.57
N PHE E 17 4.07 17.78 34.94
CA PHE E 17 3.24 17.07 35.89
C PHE E 17 2.27 16.14 35.17
N GLU E 18 1.75 15.18 35.93
CA GLU E 18 0.87 14.16 35.43
C GLU E 18 -0.52 14.41 35.96
N ARG E 19 -1.54 14.19 35.13
CA ARG E 19 -2.91 14.47 35.55
C ARG E 19 -3.28 13.61 36.74
N LYS E 20 -3.91 14.23 37.73
CA LYS E 20 -4.35 13.45 38.87
C LYS E 20 -5.82 13.11 38.80
N LEU E 21 -6.56 13.72 37.86
CA LEU E 21 -7.91 13.28 37.54
C LEU E 21 -7.84 12.39 36.29
N ASP E 22 -8.28 11.15 36.42
CA ASP E 22 -8.12 10.17 35.34
C ASP E 22 -9.47 9.55 35.00
N PRO E 23 -10.33 10.27 34.27
CA PRO E 23 -11.57 9.67 33.84
C PRO E 23 -11.32 8.79 32.62
N SER E 24 -12.10 7.72 32.54
CA SER E 24 -12.18 6.88 31.36
C SER E 24 -13.11 7.52 30.33
N ASP E 25 -13.05 6.98 29.10
CA ASP E 25 -14.08 7.28 28.12
C ASP E 25 -15.45 6.99 28.73
N ALA E 26 -16.45 7.76 28.32
CA ALA E 26 -17.84 7.58 28.73
C ALA E 26 -18.60 6.96 27.58
N LEU E 27 -19.09 5.74 27.79
CA LEU E 27 -19.72 4.94 26.75
C LEU E 27 -21.21 5.13 26.84
N PHE E 28 -21.86 5.11 25.67
CA PHE E 28 -23.28 5.34 25.56
C PHE E 28 -24.03 4.03 25.68
N PHE E 29 -25.09 4.01 26.50
CA PHE E 29 -26.00 2.89 26.60
C PHE E 29 -27.43 3.40 26.59
N SER E 30 -28.36 2.55 26.11
CA SER E 30 -29.75 2.91 25.85
C SER E 30 -30.70 2.04 26.66
N GLY E 31 -31.69 2.64 27.29
CA GLY E 31 -32.75 1.85 27.89
C GLY E 31 -33.93 2.72 28.26
N ASN E 32 -34.81 2.15 29.07
CA ASN E 32 -35.92 2.91 29.62
C ASN E 32 -35.56 3.47 30.99
N TRP E 33 -36.40 4.39 31.47
CA TRP E 33 -36.08 5.17 32.65
C TRP E 33 -36.41 4.41 33.94
N SER E 34 -37.47 3.60 33.93
CA SER E 34 -37.84 2.88 35.14
C SER E 34 -36.87 1.76 35.52
N ASN E 35 -35.82 1.47 34.73
CA ASN E 35 -34.91 0.36 35.02
C ASN E 35 -33.46 0.83 35.14
N LYS E 36 -33.22 1.96 35.84
CA LYS E 36 -31.84 2.36 36.12
C LYS E 36 -31.11 1.33 36.99
N SER E 37 -31.79 0.77 37.99
CA SER E 37 -31.16 -0.16 38.91
C SER E 37 -30.84 -1.50 38.26
N ASP E 38 -31.47 -1.82 37.13
CA ASP E 38 -31.31 -3.11 36.48
C ASP E 38 -30.20 -3.00 35.45
N ASP E 39 -29.01 -3.53 35.77
CA ASP E 39 -27.87 -3.23 34.92
C ASP E 39 -27.94 -3.95 33.60
N LYS E 40 -28.67 -5.05 33.52
CA LYS E 40 -28.76 -5.76 32.24
C LYS E 40 -29.88 -5.24 31.37
N ALA E 41 -30.47 -4.10 31.74
CA ALA E 41 -31.56 -3.49 31.01
C ALA E 41 -31.08 -2.33 30.14
N TRP E 42 -29.84 -2.38 29.66
CA TRP E 42 -29.24 -1.24 28.98
C TRP E 42 -28.40 -1.76 27.83
N GLN E 43 -28.91 -1.64 26.60
CA GLN E 43 -28.10 -2.11 25.49
C GLN E 43 -27.15 -1.01 25.01
N PRO E 44 -25.95 -1.37 24.55
CA PRO E 44 -25.01 -0.34 24.07
C PRO E 44 -25.54 0.36 22.83
N ILE E 45 -25.10 1.59 22.62
CA ILE E 45 -25.46 2.35 21.44
C ILE E 45 -24.31 2.29 20.46
N HIS E 46 -24.59 1.79 19.23
CA HIS E 46 -23.65 1.72 18.13
C HIS E 46 -23.87 2.84 17.12
N LEU E 47 -22.79 3.25 16.47
CA LEU E 47 -22.90 4.23 15.40
C LEU E 47 -23.53 3.62 14.14
N ARG E 48 -24.33 4.44 13.45
CA ARG E 48 -24.92 4.15 12.14
C ARG E 48 -24.51 5.23 11.15
N GLU E 49 -24.64 4.89 9.87
CA GLU E 49 -24.40 5.85 8.81
C GLU E 49 -25.72 6.22 8.21
N LYS E 50 -25.80 7.45 7.69
CA LYS E 50 -26.97 7.88 6.92
C LYS E 50 -26.52 8.92 5.91
N SER E 51 -27.26 8.97 4.80
CA SER E 51 -27.09 9.97 3.75
C SER E 51 -27.64 11.30 4.19
N VAL E 52 -26.98 12.36 3.75
CA VAL E 52 -27.42 13.73 4.00
C VAL E 52 -27.29 14.50 2.71
N ARG E 53 -28.38 15.13 2.29
CA ARG E 53 -28.33 16.04 1.15
C ARG E 53 -27.97 17.43 1.67
N GLY E 54 -26.79 17.89 1.31
CA GLY E 54 -26.29 19.16 1.81
C GLY E 54 -27.11 20.33 1.36
N THR E 55 -26.83 21.46 1.98
CA THR E 55 -27.46 22.73 1.70
C THR E 55 -26.36 23.77 1.59
N ILE E 56 -26.55 24.76 0.73
CA ILE E 56 -25.59 25.87 0.67
C ILE E 56 -25.95 26.84 1.80
N SER E 57 -25.12 26.86 2.85
CA SER E 57 -25.43 27.64 4.05
C SER E 57 -24.31 28.55 4.52
N ASN E 58 -23.08 28.36 4.04
CA ASN E 58 -21.98 29.19 4.49
C ASN E 58 -22.01 30.52 3.77
N ARG E 59 -21.41 31.52 4.40
CA ARG E 59 -21.21 32.80 3.74
C ARG E 59 -20.55 32.58 2.38
N LEU E 60 -21.02 33.30 1.38
CA LEU E 60 -20.48 33.13 0.05
C LEU E 60 -19.21 33.95 -0.11
N LYS E 61 -18.36 33.48 -1.02
CA LYS E 61 -17.11 34.16 -1.30
C LYS E 61 -17.39 35.47 -2.05
N LYS E 62 -16.34 36.25 -2.29
CA LYS E 62 -16.52 37.48 -3.07
C LYS E 62 -17.01 37.17 -4.47
N GLY E 63 -16.41 36.16 -5.10
CA GLY E 63 -16.79 35.80 -6.45
C GLY E 63 -18.23 35.35 -6.58
N GLU E 64 -18.76 34.70 -5.52
CA GLU E 64 -19.99 33.93 -5.67
C GLU E 64 -21.20 34.81 -5.91
N ALA E 65 -21.36 35.87 -5.11
CA ALA E 65 -22.36 36.93 -5.29
C ALA E 65 -23.42 36.68 -6.36
N ASP E 66 -22.99 36.60 -7.62
CA ASP E 66 -23.87 36.58 -8.78
C ASP E 66 -24.96 35.52 -8.62
N PRO E 67 -26.21 35.84 -8.94
CA PRO E 67 -27.28 34.84 -8.82
C PRO E 67 -27.06 33.59 -9.65
N ALA E 68 -26.38 33.67 -10.79
CA ALA E 68 -26.25 32.48 -11.64
C ALA E 68 -25.39 31.41 -10.98
N LYS E 69 -24.32 31.81 -10.32
CA LYS E 69 -23.42 30.84 -9.72
C LYS E 69 -23.86 30.40 -8.34
N LEU E 70 -24.61 31.21 -7.61
CA LEU E 70 -25.26 30.66 -6.43
C LEU E 70 -26.23 29.57 -6.87
N ASN E 71 -27.04 29.90 -7.84
CA ASN E 71 -28.03 28.97 -8.38
C ASN E 71 -27.37 27.71 -8.87
N ALA E 72 -26.28 27.86 -9.62
CA ALA E 72 -25.53 26.71 -10.10
C ALA E 72 -25.05 25.85 -8.93
N ALA E 73 -24.68 26.48 -7.82
CA ALA E 73 -24.21 25.74 -6.65
C ALA E 73 -25.31 24.85 -6.08
N ILE E 74 -26.54 25.36 -6.09
CA ILE E 74 -27.67 24.64 -5.50
C ILE E 74 -28.07 23.41 -6.32
N GLU E 75 -27.71 23.34 -7.60
CA GLU E 75 -28.09 22.16 -8.39
C GLU E 75 -27.08 21.04 -8.29
N LYS E 76 -25.79 21.35 -8.08
CA LYS E 76 -24.83 20.29 -7.84
C LYS E 76 -25.27 19.50 -6.61
N PRO E 77 -25.19 18.16 -6.65
CA PRO E 77 -25.88 17.37 -5.61
C PRO E 77 -25.49 17.75 -4.18
N ASN E 78 -24.19 17.85 -3.88
CA ASN E 78 -23.69 17.97 -2.51
C ASN E 78 -24.36 16.97 -1.58
N LEU E 79 -23.96 15.71 -1.66
CA LEU E 79 -24.49 14.69 -0.75
C LEU E 79 -23.36 14.14 0.11
N GLN E 80 -23.66 13.80 1.37
CA GLN E 80 -22.63 13.26 2.25
C GLN E 80 -23.16 12.14 3.15
N THR E 81 -22.22 11.47 3.79
CA THR E 81 -22.54 10.43 4.75
C THR E 81 -22.05 10.88 6.11
N VAL E 82 -22.85 10.69 7.15
CA VAL E 82 -22.43 11.10 8.48
C VAL E 82 -22.70 9.97 9.45
N ASP E 83 -21.90 9.94 10.53
CA ASP E 83 -22.18 9.11 11.67
C ASP E 83 -23.35 9.71 12.46
N VAL E 84 -24.09 8.85 13.14
CA VAL E 84 -25.18 9.27 14.02
C VAL E 84 -25.40 8.21 15.06
N ALA E 85 -25.66 8.65 16.28
CA ALA E 85 -25.98 7.76 17.37
C ALA E 85 -27.31 8.19 17.95
N THR E 86 -28.23 7.23 18.07
CA THR E 86 -29.57 7.56 18.55
C THR E 86 -30.09 6.52 19.53
N LEU E 87 -31.09 6.91 20.30
CA LEU E 87 -31.77 5.92 21.10
C LEU E 87 -32.70 5.09 20.22
N PRO E 88 -32.98 3.86 20.60
CA PRO E 88 -33.89 3.03 19.82
C PRO E 88 -35.33 3.53 19.87
N PHE E 89 -36.17 2.95 19.00
CA PHE E 89 -37.58 3.29 18.93
C PHE E 89 -38.31 2.98 20.23
N ASP E 90 -37.82 2.03 21.02
CA ASP E 90 -38.50 1.57 22.22
C ASP E 90 -37.83 2.01 23.53
N SER E 91 -36.66 2.64 23.47
CA SER E 91 -35.88 3.02 24.65
C SER E 91 -35.75 4.53 24.64
N ASP E 92 -35.94 5.15 25.80
CA ASP E 92 -36.10 6.60 25.87
C ASP E 92 -35.07 7.31 26.73
N THR E 93 -34.08 6.59 27.24
CA THR E 93 -33.17 7.09 28.25
C THR E 93 -31.76 6.72 27.85
N LEU E 94 -30.93 7.71 27.60
CA LEU E 94 -29.51 7.47 27.44
C LEU E 94 -28.90 7.19 28.80
N LYS E 95 -27.87 6.33 28.80
CA LYS E 95 -27.05 6.01 29.96
C LYS E 95 -25.60 6.25 29.59
N VAL E 96 -24.90 7.09 30.36
CA VAL E 96 -23.49 7.37 30.16
C VAL E 96 -22.74 6.92 31.40
N GLU E 97 -21.83 5.92 31.23
CA GLU E 97 -21.06 5.34 32.33
C GLU E 97 -19.56 5.53 32.10
N PHE E 98 -18.83 5.92 33.14
CA PHE E 98 -17.37 6.02 33.11
C PHE E 98 -16.82 5.97 34.53
N THR E 99 -15.59 5.47 34.67
CA THR E 99 -14.94 5.44 35.97
C THR E 99 -13.93 6.58 36.09
N LEU E 100 -13.70 7.00 37.32
CA LEU E 100 -12.89 8.16 37.61
C LEU E 100 -11.88 7.76 38.67
N ARG E 101 -10.61 8.10 38.43
CA ARG E 101 -9.52 7.81 39.38
C ARG E 101 -8.89 9.11 39.81
N VAL E 102 -8.85 9.36 41.13
CA VAL E 102 -8.16 10.55 41.64
C VAL E 102 -6.89 10.12 42.34
N LEU E 103 -5.81 10.78 41.99
CA LEU E 103 -4.49 10.39 42.45
C LEU E 103 -3.87 11.50 43.27
N GLY E 104 -3.13 11.10 44.31
CA GLY E 104 -2.37 12.04 45.09
C GLY E 104 -1.06 12.38 44.43
N GLY E 105 -0.35 13.29 45.07
CA GLY E 105 0.98 13.63 44.63
C GLY E 105 1.03 14.83 43.76
N VAL E 106 0.09 15.75 43.94
CA VAL E 106 -0.15 16.85 43.00
C VAL E 106 0.98 17.84 43.03
N GLY E 107 1.68 17.90 44.14
CA GLY E 107 2.85 18.70 44.34
C GLY E 107 4.15 18.06 43.91
N GLU E 108 4.12 16.82 43.45
CA GLU E 108 5.36 16.18 43.06
C GLU E 108 5.48 16.19 41.54
N PRO E 109 6.48 16.86 40.97
CA PRO E 109 6.67 16.80 39.52
C PRO E 109 7.12 15.41 39.09
N ALA E 110 6.69 15.02 37.90
CA ALA E 110 7.16 13.77 37.31
C ALA E 110 8.44 13.95 36.52
N ALA E 111 8.72 15.18 36.10
CA ALA E 111 10.01 15.56 35.54
C ALA E 111 10.25 17.02 35.89
N CYS E 112 11.52 17.38 35.92
CA CYS E 112 11.98 18.71 36.33
C CYS E 112 13.48 18.72 36.24
N ASN E 113 13.98 19.76 35.58
CA ASN E 113 15.33 19.81 35.07
C ASN E 113 16.19 20.77 35.86
N SER E 114 15.59 21.68 36.64
CA SER E 114 16.33 22.61 37.51
C SER E 114 16.12 22.22 38.97
N MET E 115 17.20 21.71 39.59
CA MET E 115 17.17 21.27 40.97
C MET E 115 16.77 22.41 41.90
N GLU E 116 17.20 23.62 41.58
CA GLU E 116 16.84 24.81 42.36
C GLU E 116 15.34 25.12 42.27
N TYR E 117 14.76 24.92 41.07
CA TYR E 117 13.34 25.24 40.86
C TYR E 117 12.44 24.22 41.52
N ARG E 118 12.77 22.93 41.40
CA ARG E 118 11.96 21.90 42.02
C ARG E 118 11.81 22.15 43.52
N SER E 119 12.90 22.53 44.18
CA SER E 119 12.89 22.61 45.64
C SER E 119 11.84 23.62 46.10
N LYS E 120 11.89 24.85 45.59
CA LYS E 120 10.95 25.87 46.06
C LYS E 120 9.52 25.60 45.63
N LEU E 121 9.33 24.89 44.50
CA LEU E 121 8.00 24.54 44.05
C LEU E 121 7.29 23.62 45.06
N VAL E 122 7.91 22.49 45.39
CA VAL E 122 7.26 21.53 46.28
C VAL E 122 6.96 22.18 47.62
N ALA E 123 7.89 22.98 48.13
CA ALA E 123 7.63 23.72 49.35
C ALA E 123 6.41 24.61 49.18
N THR E 124 6.37 25.38 48.10
CA THR E 124 5.28 26.31 47.88
C THR E 124 3.94 25.58 47.83
N ILE E 125 3.91 24.42 47.19
CA ILE E 125 2.66 23.67 47.11
C ILE E 125 2.37 22.98 48.44
N SER E 126 3.39 22.35 49.03
CA SER E 126 3.22 21.61 50.28
C SER E 126 2.60 22.49 51.35
N HIS E 127 3.09 23.72 51.50
CA HIS E 127 2.53 24.58 52.51
C HIS E 127 1.16 25.09 52.10
N TYR E 128 0.92 25.23 50.78
CA TYR E 128 -0.44 25.49 50.31
C TYR E 128 -1.38 24.37 50.72
N ILE E 129 -0.97 23.13 50.47
CA ILE E 129 -1.75 21.98 50.94
C ILE E 129 -1.96 22.10 52.45
N ASP E 130 -0.88 22.38 53.17
CA ASP E 130 -0.94 22.46 54.63
C ASP E 130 -1.91 23.56 55.09
N THR E 131 -1.81 24.76 54.49
CA THR E 131 -2.65 25.85 54.98
C THR E 131 -4.12 25.60 54.66
N HIS E 132 -4.61 26.14 53.55
CA HIS E 132 -5.94 25.81 53.06
C HIS E 132 -5.87 24.42 52.45
N GLY E 133 -6.40 23.43 53.16
CA GLY E 133 -6.59 22.13 52.57
C GLY E 133 -7.33 22.29 51.26
N LEU E 134 -6.82 21.69 50.19
CA LEU E 134 -7.41 21.84 48.87
C LEU E 134 -8.83 21.29 48.84
N ASP E 135 -9.71 21.89 49.66
CA ASP E 135 -11.10 21.43 49.72
C ASP E 135 -11.92 22.00 48.58
N ILE E 136 -11.68 23.27 48.22
CA ILE E 136 -12.52 23.83 47.18
C ILE E 136 -12.18 23.18 45.84
N LEU E 137 -10.91 22.79 45.61
CA LEU E 137 -10.60 22.02 44.41
C LEU E 137 -11.49 20.78 44.34
N GLY E 138 -11.42 19.94 45.38
CA GLY E 138 -12.33 18.80 45.46
C GLY E 138 -13.80 19.21 45.40
N ASN E 139 -14.17 20.30 46.04
CA ASN E 139 -15.59 20.70 46.05
C ASN E 139 -16.09 21.01 44.64
N ARG E 140 -15.29 21.72 43.85
CA ARG E 140 -15.75 22.08 42.52
C ARG E 140 -15.65 20.90 41.55
N TYR E 141 -14.60 20.07 41.64
CA TYR E 141 -14.58 18.80 40.92
C TYR E 141 -15.85 18.03 41.23
N ALA E 142 -16.03 17.70 42.51
CA ALA E 142 -17.25 17.05 42.97
C ALA E 142 -18.49 17.68 42.34
N ALA E 143 -18.61 19.00 42.44
CA ALA E 143 -19.79 19.69 41.89
C ALA E 143 -20.03 19.29 40.44
N ASN E 144 -19.00 19.36 39.61
CA ASN E 144 -19.08 19.05 38.20
C ASN E 144 -19.38 17.58 37.90
N LEU E 145 -19.28 16.67 38.87
CA LEU E 145 -19.96 15.37 38.68
C LEU E 145 -21.45 15.54 38.87
N ALA E 146 -21.85 16.31 39.88
CA ALA E 146 -23.28 16.44 40.23
C ALA E 146 -24.05 17.32 39.25
N ASN E 147 -23.41 18.32 38.60
CA ASN E 147 -24.05 19.03 37.50
C ASN E 147 -24.45 18.13 36.35
N GLY E 148 -23.77 17.00 36.20
CA GLY E 148 -23.76 16.42 34.87
C GLY E 148 -23.10 17.24 33.79
N ARG E 149 -22.30 18.26 34.16
CA ARG E 149 -21.69 19.08 33.12
C ARG E 149 -20.97 18.24 32.08
N PHE E 150 -20.37 17.12 32.49
CA PHE E 150 -19.71 16.16 31.59
C PHE E 150 -20.66 15.50 30.57
N LEU E 151 -21.96 15.76 30.63
CA LEU E 151 -22.87 15.28 29.59
C LEU E 151 -22.81 16.14 28.34
N TRP E 152 -22.22 17.31 28.43
CA TRP E 152 -22.28 18.33 27.39
C TRP E 152 -23.63 18.38 26.69
N ARG E 153 -23.63 18.33 25.37
CA ARG E 153 -24.86 18.52 24.63
C ARG E 153 -25.95 17.53 25.01
N ASN E 154 -25.64 16.45 25.74
CA ASN E 154 -26.75 15.57 26.05
C ASN E 154 -27.61 16.07 27.21
N ARG E 155 -27.21 17.14 27.91
CA ARG E 155 -28.03 17.60 29.03
C ARG E 155 -29.07 18.62 28.60
N LEU E 156 -28.72 19.44 27.61
CA LEU E 156 -29.67 20.33 26.96
C LEU E 156 -30.95 19.61 26.59
N GLY E 157 -32.07 20.06 27.14
CA GLY E 157 -33.35 19.50 26.75
C GLY E 157 -33.75 18.22 27.45
N ALA E 158 -33.03 17.85 28.51
CA ALA E 158 -33.33 16.61 29.20
C ALA E 158 -34.61 16.77 30.00
N ASP E 159 -35.50 15.79 29.90
CA ASP E 159 -36.61 15.72 30.83
C ASP E 159 -36.08 15.61 32.27
N ALA E 160 -35.17 14.67 32.50
CA ALA E 160 -34.68 14.34 33.84
C ALA E 160 -33.27 13.75 33.75
N ILE E 161 -32.40 14.13 34.68
CA ILE E 161 -31.04 13.58 34.74
C ILE E 161 -30.74 13.16 36.17
N SER E 162 -30.47 11.88 36.36
CA SER E 162 -30.09 11.34 37.66
C SER E 162 -28.72 10.70 37.52
N ILE E 163 -27.80 11.05 38.40
CA ILE E 163 -26.41 10.61 38.28
C ILE E 163 -26.07 9.75 39.49
N GLN E 164 -25.71 8.49 39.25
CA GLN E 164 -25.35 7.58 40.34
C GLN E 164 -23.83 7.49 40.47
N ILE E 165 -23.29 7.98 41.60
CA ILE E 165 -21.86 7.89 41.88
C ILE E 165 -21.65 6.82 42.95
N THR E 166 -20.70 5.93 42.71
CA THR E 166 -20.30 4.95 43.72
C THR E 166 -18.78 4.96 43.84
N ARG E 167 -18.30 4.56 45.02
CA ARG E 167 -16.89 4.30 45.22
C ARG E 167 -16.66 2.82 45.09
N LEU E 168 -15.54 2.44 44.46
CA LEU E 168 -15.17 1.03 44.36
C LEU E 168 -13.87 0.79 45.10
N SER E 169 -13.79 -0.32 45.83
CA SER E 169 -12.55 -0.78 46.42
C SER E 169 -12.62 -2.29 46.47
N GLY E 170 -11.62 -2.93 45.88
CA GLY E 170 -11.69 -4.36 45.66
C GLY E 170 -12.98 -4.72 44.94
N ASP E 171 -13.70 -5.67 45.51
CA ASP E 171 -14.99 -6.11 45.00
C ASP E 171 -16.14 -5.40 45.67
N GLU E 172 -15.91 -4.23 46.25
CA GLU E 172 -16.92 -3.53 47.02
C GLU E 172 -17.35 -2.27 46.29
N SER E 173 -18.67 -2.07 46.18
CA SER E 173 -19.19 -0.80 45.71
C SER E 173 -19.99 -0.15 46.84
N THR E 174 -19.90 1.17 46.92
CA THR E 174 -20.46 1.95 48.01
C THR E 174 -21.14 3.15 47.40
N LEU E 175 -22.46 3.26 47.59
CA LEU E 175 -23.20 4.39 47.04
C LEU E 175 -22.75 5.68 47.73
N VAL E 176 -22.07 6.56 47.00
CA VAL E 176 -21.73 7.87 47.54
C VAL E 176 -22.93 8.81 47.49
N GLY E 177 -23.64 8.83 46.36
CA GLY E 177 -24.70 9.79 46.12
C GLY E 177 -25.45 9.59 44.80
N VAL E 178 -26.72 10.02 44.79
CA VAL E 178 -27.59 10.01 43.61
C VAL E 178 -28.04 11.46 43.40
N PHE E 179 -27.44 12.14 42.43
CA PHE E 179 -27.64 13.56 42.22
C PHE E 179 -28.57 13.85 41.04
N ASP E 180 -29.50 14.78 41.25
CA ASP E 180 -30.32 15.34 40.18
C ASP E 180 -29.50 16.45 39.55
N ALA E 181 -28.96 16.16 38.37
CA ALA E 181 -28.07 17.11 37.70
C ALA E 181 -28.72 18.46 37.47
N LEU E 182 -30.05 18.50 37.36
CA LEU E 182 -30.74 19.75 37.03
C LEU E 182 -31.09 20.58 38.25
N ALA E 183 -30.88 20.04 39.45
CA ALA E 183 -31.00 20.71 40.74
C ALA E 183 -29.72 21.38 41.18
N HIS E 184 -28.67 21.34 40.36
CA HIS E 184 -27.41 21.93 40.75
C HIS E 184 -26.99 22.96 39.71
N PRO E 185 -26.35 24.04 40.12
CA PRO E 185 -26.03 25.09 39.17
C PRO E 185 -24.84 24.71 38.31
N LEU E 186 -24.82 25.30 37.11
CA LEU E 186 -23.65 25.24 36.24
C LEU E 186 -22.83 26.51 36.23
N ARG E 187 -23.40 27.64 36.62
CA ARG E 187 -22.77 28.92 36.42
C ARG E 187 -22.08 29.40 37.68
N GLN E 188 -22.30 28.68 38.78
CA GLN E 188 -21.78 29.02 40.08
C GLN E 188 -21.68 27.71 40.85
N PHE E 189 -20.87 27.69 41.89
CA PHE E 189 -20.76 26.54 42.76
C PHE E 189 -21.50 26.83 44.06
N GLU E 190 -22.33 25.88 44.49
CA GLU E 190 -23.02 26.01 45.75
C GLU E 190 -22.00 26.03 46.89
N GLU E 191 -22.15 26.99 47.81
CA GLU E 191 -21.33 27.07 49.02
C GLU E 191 -22.31 27.21 50.18
N LYS E 192 -22.81 26.07 50.66
CA LYS E 192 -23.91 25.91 51.61
C LYS E 192 -25.26 26.06 50.91
N SER E 193 -26.26 25.28 51.31
CA SER E 193 -26.13 24.29 52.39
C SER E 193 -25.71 22.93 51.85
N VAL E 194 -25.14 22.93 50.64
CA VAL E 194 -24.81 21.74 49.85
C VAL E 194 -25.78 20.60 50.12
N SER E 195 -25.26 19.41 50.35
CA SER E 195 -26.02 18.23 50.70
C SER E 195 -25.09 17.31 51.46
N GLU E 196 -25.65 16.43 52.28
CA GLU E 196 -24.80 15.46 52.94
C GLU E 196 -24.18 14.51 51.94
N GLU E 197 -24.93 14.17 50.90
CA GLU E 197 -24.45 13.26 49.87
C GLU E 197 -23.44 13.94 48.95
N LEU E 198 -23.72 15.16 48.49
CA LEU E 198 -22.70 15.87 47.74
C LEU E 198 -21.41 15.99 48.54
N GLU E 199 -21.53 16.41 49.81
CA GLU E 199 -20.35 16.75 50.60
C GLU E 199 -19.47 15.53 50.85
N ALA E 200 -20.10 14.37 51.07
CA ALA E 200 -19.36 13.11 51.17
C ALA E 200 -18.45 12.91 49.97
N LEU E 201 -18.90 13.36 48.79
CA LEU E 201 -18.16 13.16 47.54
C LEU E 201 -17.07 14.21 47.34
N ALA E 202 -17.26 15.42 47.86
CA ALA E 202 -16.17 16.40 47.79
C ALA E 202 -15.04 16.02 48.76
N LYS E 203 -15.39 15.43 49.90
CA LYS E 203 -14.36 14.99 50.83
C LYS E 203 -13.66 13.73 50.33
N LEU E 204 -14.38 12.88 49.59
CA LEU E 204 -13.76 11.71 48.96
C LEU E 204 -12.74 12.13 47.89
N ILE E 205 -13.09 13.07 47.04
CA ILE E 205 -12.16 13.50 45.99
C ILE E 205 -10.97 14.21 46.61
N THR E 206 -11.23 15.11 47.57
CA THR E 206 -10.15 15.84 48.25
C THR E 206 -9.22 14.88 49.01
N ALA E 207 -9.78 13.88 49.68
CA ALA E 207 -8.92 12.87 50.30
C ALA E 207 -8.01 12.23 49.27
N GLY E 208 -8.58 11.86 48.11
CA GLY E 208 -7.80 11.22 47.08
C GLY E 208 -6.81 12.17 46.45
N LEU E 209 -7.21 13.42 46.24
CA LEU E 209 -6.26 14.40 45.75
C LEU E 209 -5.07 14.49 46.69
N ALA E 210 -5.34 14.45 48.00
CA ALA E 210 -4.33 14.67 49.02
C ALA E 210 -3.39 13.47 49.14
N GLY E 211 -3.94 12.27 49.27
CA GLY E 211 -3.11 11.10 49.41
C GLY E 211 -3.68 10.18 50.46
N GLN E 212 -4.64 10.68 51.24
CA GLN E 212 -5.19 9.91 52.35
C GLN E 212 -5.77 8.58 51.88
N GLU E 213 -6.49 8.56 50.74
CA GLU E 213 -7.22 7.37 50.29
C GLU E 213 -6.97 7.04 48.83
N HIS E 214 -7.26 5.77 48.49
CA HIS E 214 -7.36 5.29 47.11
C HIS E 214 -8.80 5.44 46.64
N VAL E 215 -9.02 6.27 45.62
CA VAL E 215 -10.37 6.65 45.20
C VAL E 215 -10.65 6.14 43.78
N LEU E 216 -11.74 5.40 43.64
CA LEU E 216 -12.15 4.92 42.34
C LEU E 216 -13.67 5.03 42.29
N LEU E 217 -14.19 5.91 41.42
CA LEU E 217 -15.60 6.20 41.30
C LEU E 217 -16.17 5.60 40.02
N ARG E 218 -17.46 5.23 40.08
CA ARG E 218 -18.24 4.68 38.95
C ARG E 218 -19.47 5.55 38.78
N VAL E 219 -19.37 6.49 37.83
CA VAL E 219 -20.45 7.40 37.47
C VAL E 219 -21.42 6.72 36.49
N LYS E 220 -22.71 6.98 36.67
CA LYS E 220 -23.78 6.42 35.84
C LYS E 220 -24.81 7.52 35.61
N ALA E 221 -24.69 8.25 34.51
CA ALA E 221 -25.61 9.35 34.23
C ALA E 221 -26.80 8.83 33.41
N PHE E 222 -28.01 9.22 33.79
CA PHE E 222 -29.23 8.77 33.12
C PHE E 222 -30.00 10.00 32.62
N ILE E 223 -30.09 10.13 31.29
CA ILE E 223 -30.79 11.26 30.67
C ILE E 223 -32.05 10.71 30.02
N ARG E 224 -33.19 11.31 30.35
CA ARG E 224 -34.42 10.95 29.69
C ARG E 224 -34.60 11.87 28.48
N MET E 225 -34.39 11.33 27.29
CA MET E 225 -34.46 12.15 26.09
C MET E 225 -35.69 11.88 25.24
N GLY E 226 -36.29 10.70 25.32
CA GLY E 226 -37.39 10.40 24.43
C GLY E 226 -37.03 9.39 23.35
N GLU E 227 -37.90 8.39 23.18
CA GLU E 227 -37.70 7.34 22.20
C GLU E 227 -37.20 7.91 20.88
N GLY E 228 -36.12 7.33 20.36
CA GLY E 228 -35.62 7.63 19.05
C GLY E 228 -34.70 8.81 18.98
N GLN E 229 -34.56 9.57 20.07
CA GLN E 229 -33.83 10.83 20.07
C GLN E 229 -32.34 10.66 19.83
N GLU E 230 -31.75 11.64 19.19
CA GLU E 230 -30.35 11.61 18.85
C GLU E 230 -29.52 11.92 20.08
N VAL E 231 -28.46 11.15 20.31
CA VAL E 231 -27.52 11.38 21.39
C VAL E 231 -26.25 11.95 20.77
N PHE E 232 -25.36 12.47 21.61
CA PHE E 232 -24.26 13.27 21.09
C PHE E 232 -22.94 12.77 21.67
N PRO E 233 -22.33 11.82 20.98
CA PRO E 233 -20.98 11.37 21.33
C PRO E 233 -19.95 12.40 20.91
N SER E 234 -18.69 12.05 21.13
CA SER E 234 -17.66 12.96 20.69
C SER E 234 -17.51 12.85 19.17
N GLN E 235 -16.84 13.83 18.60
CA GLN E 235 -16.49 13.79 17.19
C GLN E 235 -15.04 13.42 17.01
N GLU E 236 -14.77 12.71 15.94
CA GLU E 236 -13.43 12.36 15.54
C GLU E 236 -13.13 13.07 14.23
N LEU E 237 -11.92 13.62 14.09
CA LEU E 237 -11.66 14.51 12.97
C LEU E 237 -10.54 13.98 12.08
N LEU E 238 -10.91 13.52 10.89
CA LEU E 238 -10.03 12.92 9.91
C LEU E 238 -10.64 13.02 8.52
N LEU E 239 -10.88 14.25 8.06
CA LEU E 239 -11.65 14.49 6.83
C LEU E 239 -10.84 14.15 5.58
N ASP E 240 -11.58 13.85 4.50
CA ASP E 240 -11.04 13.52 3.18
C ASP E 240 -9.91 12.49 3.27
N LYS E 241 -10.13 11.45 4.07
CA LYS E 241 -9.20 10.34 4.19
C LYS E 241 -9.44 9.35 3.03
N GLY E 242 -9.09 9.81 1.83
CA GLY E 242 -9.21 8.94 0.66
C GLY E 242 -10.64 8.76 0.20
N LYS E 243 -10.98 7.50 -0.12
CA LYS E 243 -12.26 7.17 -0.77
C LYS E 243 -13.45 7.40 0.16
N SER E 244 -13.25 7.35 1.48
CA SER E 244 -14.35 7.54 2.41
C SER E 244 -15.06 8.86 2.11
N THR E 245 -14.38 9.99 2.30
CA THR E 245 -14.95 11.32 2.14
C THR E 245 -16.33 11.38 2.80
N LYS E 246 -16.33 11.05 4.08
CA LYS E 246 -17.53 11.13 4.91
C LYS E 246 -17.48 12.41 5.70
N SER E 247 -18.65 12.99 5.93
CA SER E 247 -18.71 14.36 6.42
C SER E 247 -18.36 14.43 7.90
N ARG E 248 -19.04 13.63 8.73
CA ARG E 248 -18.87 13.63 10.17
C ARG E 248 -18.58 12.23 10.67
N PHE E 249 -17.57 12.11 11.55
CA PHE E 249 -17.25 10.87 12.23
C PHE E 249 -17.43 11.04 13.72
N LEU E 250 -18.17 10.15 14.37
CA LEU E 250 -18.24 10.10 15.82
C LEU E 250 -17.26 9.09 16.41
N TYR E 251 -17.02 9.21 17.71
CA TYR E 251 -16.07 8.40 18.47
C TYR E 251 -16.73 7.12 19.00
N SER E 252 -15.97 6.03 19.01
CA SER E 252 -16.49 4.74 19.47
C SER E 252 -15.35 3.93 20.06
N VAL E 253 -15.69 2.92 20.88
CA VAL E 253 -14.68 2.09 21.57
C VAL E 253 -15.06 0.61 21.50
N GLY E 254 -14.18 -0.18 20.90
CA GLY E 254 -14.35 -1.62 21.05
C GLY E 254 -14.60 -2.41 19.78
N GLN E 255 -13.86 -2.08 18.71
CA GLN E 255 -13.62 -2.98 17.56
C GLN E 255 -14.86 -3.37 16.76
N ASP E 256 -15.09 -2.66 15.65
CA ASP E 256 -15.97 -3.08 14.57
C ASP E 256 -17.44 -3.16 14.98
N GLU E 257 -18.01 -4.37 14.93
CA GLU E 257 -19.42 -4.56 15.23
C GLU E 257 -19.75 -4.25 16.69
N LYS E 258 -18.83 -4.56 17.60
CA LYS E 258 -19.07 -4.40 19.02
C LYS E 258 -18.94 -2.96 19.49
N ALA E 259 -18.35 -2.08 18.68
CA ALA E 259 -17.90 -0.80 19.18
C ALA E 259 -19.09 0.02 19.69
N ILE E 260 -18.81 0.89 20.67
CA ILE E 260 -19.85 1.61 21.39
C ILE E 260 -19.58 3.10 21.26
N ALA E 261 -20.64 3.89 21.12
CA ALA E 261 -20.44 5.32 20.98
C ALA E 261 -19.98 5.92 22.31
N ALA E 262 -19.04 6.85 22.23
CA ALA E 262 -18.47 7.34 23.46
C ALA E 262 -18.11 8.80 23.32
N ILE E 263 -18.03 9.47 24.49
CA ILE E 263 -17.36 10.77 24.64
C ILE E 263 -15.90 10.50 24.96
N HIS E 264 -15.03 11.27 24.31
CA HIS E 264 -13.60 11.23 24.62
C HIS E 264 -13.40 11.42 26.11
N SER E 265 -12.54 10.58 26.70
CA SER E 265 -12.24 10.71 28.11
C SER E 265 -11.83 12.15 28.45
N GLN E 266 -10.99 12.74 27.62
CA GLN E 266 -10.51 14.09 27.92
C GLN E 266 -11.62 15.13 27.80
N LYS E 267 -12.65 14.85 27.00
CA LYS E 267 -13.82 15.73 26.99
C LYS E 267 -14.53 15.65 28.34
N ILE E 268 -14.70 14.45 28.88
CA ILE E 268 -15.21 14.30 30.24
C ILE E 268 -14.29 15.00 31.23
N GLY E 269 -12.99 14.99 30.95
CA GLY E 269 -12.07 15.66 31.85
C GLY E 269 -12.21 17.17 31.76
N ASN E 270 -12.18 17.69 30.53
CA ASN E 270 -12.39 19.12 30.32
C ASN E 270 -13.61 19.62 31.07
N ALA E 271 -14.66 18.82 31.13
CA ALA E 271 -15.84 19.23 31.89
C ALA E 271 -15.55 19.26 33.38
N LEU E 272 -14.81 18.26 33.88
CA LEU E 272 -14.60 18.13 35.31
C LEU E 272 -13.85 19.32 35.90
N ARG E 273 -12.88 19.87 35.16
CA ARG E 273 -12.04 20.93 35.69
C ARG E 273 -12.56 22.33 35.34
N THR E 274 -13.83 22.48 35.03
CA THR E 274 -14.29 23.81 34.61
C THR E 274 -14.80 24.50 35.88
N ILE E 275 -13.89 25.27 36.48
CA ILE E 275 -13.81 25.56 37.91
C ILE E 275 -13.36 26.99 38.14
N ASP E 276 -12.39 27.40 37.33
CA ASP E 276 -11.74 28.69 37.36
C ASP E 276 -12.80 29.77 37.23
N THR E 277 -13.32 30.23 38.38
CA THR E 277 -14.06 31.48 38.48
C THR E 277 -13.17 32.62 38.95
N TRP E 278 -11.85 32.44 38.84
CA TRP E 278 -10.89 33.28 39.52
C TRP E 278 -10.12 34.21 38.58
N TYR E 279 -10.52 34.31 37.34
CA TYR E 279 -9.80 35.07 36.34
C TYR E 279 -10.41 36.48 36.22
N PRO E 280 -9.74 37.38 35.49
CA PRO E 280 -10.26 38.77 35.37
C PRO E 280 -11.75 38.94 35.08
N ASP E 281 -12.27 38.37 34.00
CA ASP E 281 -13.66 38.63 33.63
C ASP E 281 -14.63 37.61 34.22
N ALA E 282 -14.24 36.96 35.31
CA ALA E 282 -14.92 35.74 35.77
C ALA E 282 -16.40 35.96 36.11
N GLU E 283 -16.81 37.18 36.44
CA GLU E 283 -18.22 37.41 36.69
C GLU E 283 -19.00 37.56 35.39
N ILE E 284 -18.34 38.01 34.33
CA ILE E 284 -19.02 38.17 33.05
C ILE E 284 -19.17 36.82 32.32
N ASN E 285 -18.15 35.96 32.38
CA ASN E 285 -18.10 34.74 31.56
C ASN E 285 -18.36 33.47 32.35
N GLY E 286 -18.71 33.56 33.63
CA GLY E 286 -18.95 32.38 34.42
C GLY E 286 -17.71 31.53 34.59
N PRO E 287 -17.88 30.31 35.09
CA PRO E 287 -16.73 29.40 35.25
C PRO E 287 -16.20 28.93 33.90
N ILE E 288 -14.88 28.78 33.83
CA ILE E 288 -14.23 28.22 32.65
C ILE E 288 -13.31 27.08 33.07
N ALA E 289 -12.82 26.33 32.10
CA ALA E 289 -12.05 25.13 32.41
C ALA E 289 -10.58 25.47 32.63
N VAL E 290 -10.03 24.90 33.70
CA VAL E 290 -8.68 25.26 34.11
C VAL E 290 -7.71 24.91 32.98
N GLU E 291 -7.12 25.94 32.40
CA GLU E 291 -6.06 25.81 31.41
C GLU E 291 -4.99 26.81 31.74
N PRO E 292 -3.71 26.51 31.44
CA PRO E 292 -2.63 27.45 31.71
C PRO E 292 -2.96 28.90 31.35
N TYR E 293 -3.40 29.15 30.13
CA TYR E 293 -3.70 30.52 29.71
C TYR E 293 -5.18 30.80 29.68
N GLY E 294 -5.95 30.20 30.60
CA GLY E 294 -7.40 30.33 30.66
C GLY E 294 -8.03 30.42 29.30
N SER E 295 -7.67 29.52 28.39
CA SER E 295 -8.13 29.58 27.02
C SER E 295 -9.48 28.90 26.88
N VAL E 296 -10.33 29.48 26.06
CA VAL E 296 -11.60 28.87 25.67
C VAL E 296 -11.57 28.77 24.16
N THR E 297 -11.64 27.55 23.66
CA THR E 297 -11.44 27.31 22.24
C THR E 297 -12.61 27.82 21.40
N THR E 298 -13.85 27.64 21.86
CA THR E 298 -14.99 28.12 21.10
C THR E 298 -14.89 29.62 20.87
N GLN E 299 -14.72 30.39 21.94
CA GLN E 299 -14.67 31.84 21.89
C GLN E 299 -13.35 32.40 21.39
N GLY E 300 -12.35 31.55 21.12
CA GLY E 300 -11.10 32.03 20.55
C GLY E 300 -10.37 33.12 21.31
N VAL E 301 -10.68 33.29 22.59
CA VAL E 301 -10.07 34.32 23.43
C VAL E 301 -9.42 33.65 24.63
N ALA E 302 -8.34 34.25 25.15
CA ALA E 302 -7.66 33.79 26.36
C ALA E 302 -7.94 34.73 27.53
N TYR E 303 -8.81 34.30 28.43
CA TYR E 303 -8.86 34.87 29.75
C TYR E 303 -7.57 34.48 30.47
N ARG E 304 -7.11 35.33 31.37
CA ARG E 304 -5.76 35.19 31.94
C ARG E 304 -4.70 35.33 30.84
N GLN E 305 -4.57 36.56 30.34
CA GLN E 305 -3.53 36.89 29.38
C GLN E 305 -2.18 37.02 30.07
N PRO E 306 -1.08 36.81 29.33
CA PRO E 306 0.23 36.99 29.96
C PRO E 306 0.56 38.44 30.29
N LYS E 307 0.21 39.40 29.42
CA LYS E 307 0.54 40.79 29.72
C LYS E 307 -0.14 41.27 31.00
N ALA E 308 -1.40 40.88 31.22
CA ALA E 308 -2.05 41.14 32.52
C ALA E 308 -1.73 40.03 33.52
N LYS E 309 -0.44 39.87 33.80
CA LYS E 309 0.16 38.67 34.37
C LYS E 309 -0.77 37.84 35.27
N LYS E 310 -1.61 37.00 34.64
CA LYS E 310 -2.46 36.07 35.40
C LYS E 310 -2.47 34.66 34.81
N ASP E 311 -1.60 34.36 33.86
CA ASP E 311 -1.40 33.01 33.36
C ASP E 311 -0.74 32.12 34.42
N PHE E 312 -0.87 30.81 34.22
CA PHE E 312 -0.20 29.83 35.07
C PHE E 312 1.28 30.15 35.20
N TYR E 313 1.95 30.43 34.07
CA TYR E 313 3.41 30.51 34.04
C TYR E 313 3.90 31.71 34.82
N SER E 314 3.49 32.93 34.42
CA SER E 314 3.97 34.10 35.13
C SER E 314 3.74 33.97 36.64
N LEU E 315 2.57 33.45 37.03
CA LEU E 315 2.24 33.33 38.45
C LEU E 315 3.18 32.38 39.18
N LEU E 316 3.51 31.25 38.56
CA LEU E 316 4.28 30.23 39.27
C LEU E 316 5.69 30.70 39.56
N ASP E 317 6.36 31.31 38.57
CA ASP E 317 7.67 31.89 38.82
C ASP E 317 7.60 32.92 39.94
N ALA E 318 6.64 33.84 39.85
CA ALA E 318 6.42 34.80 40.93
C ALA E 318 6.25 34.09 42.26
N TRP E 319 5.32 33.13 42.32
CA TRP E 319 5.05 32.45 43.58
C TRP E 319 6.19 31.53 44.02
N VAL E 320 7.12 31.17 43.13
CA VAL E 320 8.18 30.22 43.51
C VAL E 320 9.57 30.81 43.36
N LEU E 321 9.89 31.33 42.17
CA LEU E 321 11.24 31.84 41.92
C LEU E 321 11.49 33.13 42.69
N LYS E 322 10.48 34.01 42.79
CA LYS E 322 10.61 35.31 43.43
C LYS E 322 9.81 35.45 44.72
N ASP E 323 9.07 34.43 45.16
CA ASP E 323 8.19 34.54 46.33
C ASP E 323 7.24 35.73 46.21
N LYS E 324 6.80 36.04 44.98
CA LYS E 324 5.70 36.98 44.82
C LYS E 324 4.42 36.21 45.10
N GLU E 325 4.00 36.19 46.36
CA GLU E 325 2.83 35.40 46.70
C GLU E 325 1.62 35.95 45.97
N PRO E 326 0.77 35.10 45.35
CA PRO E 326 -0.42 35.61 44.65
C PRO E 326 -1.69 35.46 45.47
N THR E 327 -2.80 36.01 44.98
CA THR E 327 -4.04 35.99 45.75
C THR E 327 -4.52 34.57 45.96
N ILE E 328 -5.41 34.38 46.94
CA ILE E 328 -5.76 33.02 47.32
C ILE E 328 -6.54 32.33 46.22
N GLU E 329 -7.32 33.07 45.44
CA GLU E 329 -8.02 32.39 44.35
C GLU E 329 -7.06 32.01 43.22
N ASP E 330 -6.21 32.95 42.78
CA ASP E 330 -5.19 32.60 41.81
C ASP E 330 -4.26 31.52 42.31
N GLN E 331 -4.12 31.40 43.63
CA GLN E 331 -3.37 30.28 44.18
C GLN E 331 -4.09 28.97 43.97
N HIS E 332 -5.41 29.01 44.16
CA HIS E 332 -6.24 27.87 43.82
C HIS E 332 -6.11 27.49 42.34
N PHE E 333 -6.06 28.50 41.47
CA PHE E 333 -5.98 28.22 40.04
C PHE E 333 -4.73 27.42 39.69
N VAL E 334 -3.57 27.84 40.19
CA VAL E 334 -2.30 27.20 39.83
C VAL E 334 -2.18 25.81 40.44
N ALA E 335 -2.89 25.58 41.54
CA ALA E 335 -3.08 24.21 41.97
C ALA E 335 -3.92 23.43 40.96
N ALA E 336 -5.01 24.04 40.48
CA ALA E 336 -5.89 23.35 39.53
C ALA E 336 -5.16 23.02 38.22
N VAL E 337 -4.17 23.81 37.81
CA VAL E 337 -3.35 23.42 36.66
C VAL E 337 -2.48 22.22 37.02
N LEU E 338 -1.84 22.26 38.18
CA LEU E 338 -1.01 21.12 38.58
C LEU E 338 -1.86 19.86 38.72
N VAL E 339 -3.13 19.98 39.07
CA VAL E 339 -3.99 18.80 39.11
C VAL E 339 -4.30 18.32 37.70
N ARG E 340 -4.65 19.26 36.81
CA ARG E 340 -4.82 18.92 35.41
C ARG E 340 -3.51 18.40 34.81
N GLY E 341 -2.40 19.08 35.07
CA GLY E 341 -1.11 18.61 34.64
C GLY E 341 -0.85 18.80 33.16
N GLY E 342 0.41 18.65 32.79
CA GLY E 342 0.87 18.78 31.43
C GLY E 342 2.31 19.27 31.36
N VAL E 343 2.97 18.95 30.25
CA VAL E 343 4.33 19.45 30.02
C VAL E 343 4.32 20.96 29.99
N PHE E 344 5.15 21.56 30.86
CA PHE E 344 5.16 23.00 31.09
C PHE E 344 6.52 23.57 30.70
N GLY E 345 6.69 23.78 29.40
CA GLY E 345 7.88 24.41 28.85
C GLY E 345 7.91 24.25 27.36
N ALA F 12 -13.80 40.39 12.01
CA ALA F 12 -14.91 39.53 11.60
C ALA F 12 -15.36 38.59 12.73
N SER F 13 -16.58 38.06 12.61
CA SER F 13 -17.18 37.20 13.62
C SER F 13 -17.50 35.83 13.04
N VAL F 14 -17.10 34.77 13.76
CA VAL F 14 -17.34 33.38 13.36
C VAL F 14 -18.14 32.67 14.46
N LEU F 15 -19.25 32.05 14.09
CA LEU F 15 -20.18 31.57 15.10
C LEU F 15 -21.13 30.51 14.54
N SER F 16 -21.77 29.77 15.45
CA SER F 16 -22.59 28.60 15.14
C SER F 16 -23.81 28.56 16.04
N PHE F 17 -24.88 27.93 15.54
CA PHE F 17 -26.08 27.72 16.32
C PHE F 17 -26.50 26.26 16.17
N GLU F 18 -26.95 25.67 17.26
CA GLU F 18 -27.43 24.31 17.25
C GLU F 18 -28.95 24.29 17.05
N ARG F 19 -29.43 23.21 16.43
CA ARG F 19 -30.86 23.06 16.14
C ARG F 19 -31.66 23.25 17.40
N LYS F 20 -32.87 23.77 17.26
CA LYS F 20 -33.79 23.84 18.38
C LYS F 20 -35.03 22.98 18.19
N LEU F 21 -35.32 22.57 16.97
CA LEU F 21 -36.34 21.57 16.69
C LEU F 21 -35.61 20.25 16.42
N ASP F 22 -35.87 19.23 17.24
CA ASP F 22 -35.10 17.98 17.19
C ASP F 22 -36.03 16.80 16.99
N PRO F 23 -36.37 16.47 15.75
CA PRO F 23 -37.19 15.29 15.48
C PRO F 23 -36.31 14.05 15.36
N SER F 24 -36.84 12.94 15.85
CA SER F 24 -36.15 11.68 15.64
C SER F 24 -36.40 11.18 14.21
N ASP F 25 -35.67 10.14 13.83
CA ASP F 25 -36.07 9.40 12.65
C ASP F 25 -37.54 9.04 12.78
N ALA F 26 -38.22 8.90 11.62
CA ALA F 26 -39.63 8.51 11.57
C ALA F 26 -39.70 7.11 10.97
N LEU F 27 -40.20 6.15 11.75
CA LEU F 27 -40.17 4.74 11.41
C LEU F 27 -41.54 4.28 10.93
N PHE F 28 -41.54 3.34 9.96
CA PHE F 28 -42.75 2.87 9.31
C PHE F 28 -43.28 1.62 10.00
N PHE F 29 -44.60 1.56 10.16
CA PHE F 29 -45.29 0.42 10.70
C PHE F 29 -46.53 0.20 9.84
N SER F 30 -47.10 -1.00 9.94
CA SER F 30 -48.17 -1.42 9.05
C SER F 30 -49.32 -1.98 9.87
N GLY F 31 -50.49 -1.96 9.28
CA GLY F 31 -51.66 -2.47 9.94
C GLY F 31 -52.90 -1.90 9.32
N ASN F 32 -54.01 -2.08 10.02
CA ASN F 32 -55.31 -1.79 9.45
C ASN F 32 -56.01 -0.66 10.19
N TRP F 33 -56.78 0.10 9.41
CA TRP F 33 -57.16 1.46 9.80
C TRP F 33 -58.05 1.46 11.03
N SER F 34 -58.85 0.42 11.24
CA SER F 34 -59.67 0.35 12.44
C SER F 34 -58.82 0.41 13.70
N ASN F 35 -57.75 -0.38 13.77
CA ASN F 35 -57.01 -0.54 15.02
C ASN F 35 -56.00 0.57 15.29
N LYS F 36 -56.35 1.83 15.03
CA LYS F 36 -55.40 2.92 15.26
C LYS F 36 -55.03 3.03 16.74
N SER F 37 -56.00 2.86 17.63
CA SER F 37 -55.75 3.07 19.04
C SER F 37 -55.03 1.90 19.69
N ASP F 38 -55.12 0.71 19.10
CA ASP F 38 -54.41 -0.47 19.60
C ASP F 38 -52.97 -0.41 19.11
N ASP F 39 -52.03 -0.18 20.02
CA ASP F 39 -50.63 -0.03 19.62
C ASP F 39 -49.99 -1.35 19.23
N LYS F 40 -50.52 -2.48 19.70
CA LYS F 40 -49.98 -3.76 19.29
C LYS F 40 -50.32 -4.10 17.84
N ALA F 41 -51.42 -3.55 17.30
CA ALA F 41 -51.85 -3.93 15.95
C ALA F 41 -50.90 -3.47 14.83
N TRP F 42 -49.68 -3.00 15.07
CA TRP F 42 -48.85 -2.41 14.02
C TRP F 42 -47.55 -3.18 13.92
N GLN F 43 -47.41 -3.97 12.86
CA GLN F 43 -46.14 -4.65 12.71
C GLN F 43 -45.19 -3.79 11.88
N PRO F 44 -43.87 -3.86 12.08
CA PRO F 44 -42.98 -2.91 11.41
C PRO F 44 -42.69 -3.35 9.99
N ILE F 45 -42.33 -2.36 9.18
CA ILE F 45 -42.04 -2.55 7.75
C ILE F 45 -40.54 -2.72 7.60
N HIS F 46 -40.11 -3.86 7.03
CA HIS F 46 -38.71 -4.06 6.71
C HIS F 46 -38.52 -3.94 5.21
N LEU F 47 -37.31 -3.56 4.81
CA LEU F 47 -37.01 -3.49 3.40
C LEU F 47 -36.92 -4.90 2.78
N ARG F 48 -37.24 -4.96 1.50
CA ARG F 48 -37.13 -6.16 0.69
C ARG F 48 -36.29 -5.83 -0.53
N GLU F 49 -35.69 -6.83 -1.13
CA GLU F 49 -35.01 -6.65 -2.39
C GLU F 49 -35.84 -7.25 -3.52
N LYS F 50 -35.73 -6.66 -4.71
CA LYS F 50 -36.39 -7.24 -5.86
C LYS F 50 -35.59 -6.89 -7.10
N SER F 51 -35.65 -7.77 -8.10
CA SER F 51 -35.02 -7.56 -9.39
C SER F 51 -35.86 -6.60 -10.21
N VAL F 52 -35.18 -5.84 -11.06
CA VAL F 52 -35.84 -4.91 -11.97
C VAL F 52 -35.11 -5.05 -13.30
N ARG F 53 -35.85 -5.36 -14.37
CA ARG F 53 -35.25 -5.21 -15.69
C ARG F 53 -35.44 -3.77 -16.11
N GLY F 54 -34.32 -3.07 -16.27
CA GLY F 54 -34.33 -1.65 -16.50
C GLY F 54 -34.66 -1.31 -17.94
N THR F 55 -34.80 -0.02 -18.16
CA THR F 55 -35.21 0.54 -19.44
C THR F 55 -34.19 1.59 -19.81
N ILE F 56 -33.90 1.73 -21.11
CA ILE F 56 -33.09 2.85 -21.52
C ILE F 56 -34.01 4.06 -21.63
N SER F 57 -34.12 4.83 -20.53
CA SER F 57 -35.07 5.91 -20.47
C SER F 57 -34.46 7.31 -20.41
N ASN F 58 -33.15 7.44 -20.20
CA ASN F 58 -32.55 8.76 -20.07
C ASN F 58 -32.37 9.44 -21.42
N ARG F 59 -32.07 10.74 -21.35
CA ARG F 59 -31.60 11.44 -22.54
C ARG F 59 -30.28 10.87 -23.04
N LEU F 60 -30.14 10.73 -24.36
CA LEU F 60 -28.93 10.14 -24.90
C LEU F 60 -27.92 11.21 -25.30
N LYS F 61 -26.66 10.79 -25.40
CA LYS F 61 -25.51 11.63 -25.67
C LYS F 61 -25.32 11.73 -27.18
N LYS F 62 -24.15 12.23 -27.61
CA LYS F 62 -23.85 12.24 -29.05
C LYS F 62 -23.70 10.82 -29.59
N GLY F 63 -22.99 9.96 -28.85
CA GLY F 63 -22.83 8.57 -29.22
C GLY F 63 -23.63 7.62 -28.34
N GLU F 64 -24.75 7.13 -28.85
CA GLU F 64 -25.22 7.49 -30.17
C GLU F 64 -26.76 7.53 -30.21
N ALA F 65 -27.28 8.47 -31.00
CA ALA F 65 -28.67 8.44 -31.45
C ALA F 65 -28.83 7.69 -32.77
N ASP F 66 -27.76 7.12 -33.28
CA ASP F 66 -27.83 6.18 -34.40
C ASP F 66 -28.73 5.01 -34.03
N PRO F 67 -29.68 4.61 -34.89
CA PRO F 67 -30.53 3.46 -34.58
C PRO F 67 -29.79 2.23 -34.07
N ALA F 68 -28.65 1.90 -34.68
CA ALA F 68 -28.00 0.62 -34.41
C ALA F 68 -27.53 0.52 -32.97
N LYS F 69 -26.93 1.58 -32.44
CA LYS F 69 -26.36 1.49 -31.10
C LYS F 69 -27.41 1.66 -30.03
N LEU F 70 -28.47 2.42 -30.29
CA LEU F 70 -29.60 2.41 -29.37
C LEU F 70 -30.11 1.00 -29.20
N ASN F 71 -30.32 0.30 -30.31
CA ASN F 71 -30.92 -1.02 -30.23
C ASN F 71 -29.98 -2.02 -29.55
N ALA F 72 -28.68 -1.94 -29.84
CA ALA F 72 -27.72 -2.73 -29.10
C ALA F 72 -27.89 -2.53 -27.59
N ALA F 73 -28.13 -1.28 -27.17
CA ALA F 73 -28.24 -0.97 -25.74
C ALA F 73 -29.48 -1.62 -25.12
N ILE F 74 -30.59 -1.68 -25.84
CA ILE F 74 -31.82 -2.30 -25.32
C ILE F 74 -31.72 -3.82 -25.33
N GLU F 75 -30.92 -4.36 -26.26
CA GLU F 75 -30.66 -5.80 -26.22
C GLU F 75 -30.00 -6.17 -24.90
N LYS F 76 -29.08 -5.34 -24.43
CA LYS F 76 -28.32 -5.60 -23.22
C LYS F 76 -29.26 -5.81 -22.04
N PRO F 77 -28.99 -6.80 -21.19
CA PRO F 77 -29.98 -7.15 -20.14
C PRO F 77 -30.36 -6.00 -19.23
N ASN F 78 -29.39 -5.36 -18.57
CA ASN F 78 -29.62 -4.23 -17.68
C ASN F 78 -30.57 -4.59 -16.53
N LEU F 79 -30.10 -5.54 -15.72
CA LEU F 79 -30.85 -5.95 -14.55
C LEU F 79 -30.31 -5.26 -13.30
N GLN F 80 -31.21 -4.88 -12.39
CA GLN F 80 -30.80 -4.18 -11.18
C GLN F 80 -31.52 -4.74 -9.96
N THR F 81 -31.03 -4.41 -8.78
CA THR F 81 -31.68 -4.79 -7.55
C THR F 81 -32.07 -3.52 -6.80
N VAL F 82 -33.23 -3.52 -6.17
CA VAL F 82 -33.67 -2.31 -5.48
C VAL F 82 -34.28 -2.66 -4.14
N ASP F 83 -34.07 -1.82 -3.13
CA ASP F 83 -34.84 -1.93 -1.90
C ASP F 83 -36.29 -1.50 -2.16
N VAL F 84 -37.24 -2.22 -1.57
CA VAL F 84 -38.64 -1.79 -1.58
C VAL F 84 -39.28 -1.98 -0.22
N ALA F 85 -40.04 -0.98 0.20
CA ALA F 85 -40.90 -1.06 1.37
C ALA F 85 -42.35 -0.96 0.92
N THR F 86 -43.21 -1.81 1.48
CA THR F 86 -44.61 -1.82 1.10
C THR F 86 -45.44 -2.35 2.26
N LEU F 87 -46.74 -2.09 2.16
CA LEU F 87 -47.68 -2.62 3.11
C LEU F 87 -47.90 -4.09 2.85
N PRO F 88 -48.27 -4.86 3.87
CA PRO F 88 -48.68 -6.25 3.66
C PRO F 88 -49.90 -6.39 2.74
N PHE F 89 -50.12 -7.64 2.32
CA PHE F 89 -51.33 -8.00 1.57
C PHE F 89 -52.59 -7.86 2.41
N ASP F 90 -52.48 -7.90 3.74
CA ASP F 90 -53.63 -7.82 4.62
C ASP F 90 -53.65 -6.54 5.44
N SER F 91 -52.85 -5.55 5.09
CA SER F 91 -52.77 -4.32 5.87
C SER F 91 -52.77 -3.12 4.94
N ASP F 92 -53.69 -2.18 5.20
CA ASP F 92 -53.96 -1.06 4.31
C ASP F 92 -53.46 0.29 4.83
N THR F 93 -52.86 0.36 6.02
CA THR F 93 -52.53 1.65 6.62
C THR F 93 -51.07 1.69 7.02
N LEU F 94 -50.41 2.79 6.72
CA LEU F 94 -49.01 3.00 7.09
C LEU F 94 -48.94 3.87 8.32
N LYS F 95 -48.28 3.39 9.38
CA LYS F 95 -48.05 4.17 10.59
C LYS F 95 -46.66 4.78 10.52
N VAL F 96 -46.57 6.08 10.79
CA VAL F 96 -45.29 6.78 10.85
C VAL F 96 -45.19 7.43 12.22
N GLU F 97 -44.25 6.93 13.05
CA GLU F 97 -44.05 7.42 14.41
C GLU F 97 -42.68 8.07 14.57
N PHE F 98 -42.64 9.13 15.38
CA PHE F 98 -41.41 9.84 15.73
C PHE F 98 -41.70 10.76 16.90
N THR F 99 -40.66 11.08 17.66
CA THR F 99 -40.77 12.03 18.73
C THR F 99 -40.02 13.28 18.35
N LEU F 100 -40.47 14.40 18.89
CA LEU F 100 -39.93 15.70 18.55
C LEU F 100 -39.65 16.44 19.84
N ARG F 101 -38.45 16.99 19.96
CA ARG F 101 -38.07 17.80 21.10
C ARG F 101 -37.97 19.25 20.65
N VAL F 102 -38.40 20.19 21.49
CA VAL F 102 -38.29 21.60 21.16
C VAL F 102 -37.50 22.29 22.26
N LEU F 103 -36.39 22.88 21.87
CA LEU F 103 -35.42 23.43 22.79
C LEU F 103 -35.52 24.94 22.80
N GLY F 104 -35.48 25.51 24.00
CA GLY F 104 -35.36 26.94 24.16
C GLY F 104 -33.91 27.38 23.98
N GLY F 105 -33.73 28.70 23.99
CA GLY F 105 -32.40 29.25 23.94
C GLY F 105 -32.02 29.62 22.53
N VAL F 106 -32.99 30.21 21.81
CA VAL F 106 -32.82 30.52 20.38
C VAL F 106 -31.61 31.41 20.17
N GLY F 107 -31.49 32.46 20.98
CA GLY F 107 -30.48 33.47 20.75
C GLY F 107 -29.07 33.10 21.17
N GLU F 108 -28.89 32.11 22.06
CA GLU F 108 -27.54 31.80 22.47
C GLU F 108 -26.81 31.05 21.38
N PRO F 109 -25.74 31.59 20.80
CA PRO F 109 -24.93 30.81 19.86
C PRO F 109 -24.21 29.68 20.56
N ALA F 110 -24.03 28.56 19.83
CA ALA F 110 -23.29 27.44 20.37
C ALA F 110 -21.81 27.75 20.46
N ALA F 111 -21.26 28.41 19.44
CA ALA F 111 -19.92 28.93 19.45
C ALA F 111 -19.94 30.31 18.83
N CYS F 112 -19.11 31.20 19.39
CA CYS F 112 -19.07 32.61 19.02
C CYS F 112 -17.61 33.01 19.00
N ASN F 113 -17.19 33.82 18.03
CA ASN F 113 -15.77 34.17 17.97
C ASN F 113 -15.51 35.48 18.70
N SER F 114 -16.37 36.47 18.47
CA SER F 114 -16.23 37.81 19.02
C SER F 114 -17.40 38.08 19.95
N MET F 115 -17.11 38.40 21.22
CA MET F 115 -18.15 38.50 22.24
C MET F 115 -18.78 39.89 22.31
N GLU F 116 -18.27 40.83 21.52
CA GLU F 116 -19.00 42.04 21.23
C GLU F 116 -20.08 41.79 20.18
N TYR F 117 -19.80 40.93 19.18
CA TYR F 117 -20.84 40.53 18.26
C TYR F 117 -21.92 39.71 18.95
N ARG F 118 -21.54 38.86 19.91
CA ARG F 118 -22.56 38.12 20.66
C ARG F 118 -23.50 39.07 21.38
N SER F 119 -22.91 40.07 22.07
CA SER F 119 -23.69 41.01 22.87
C SER F 119 -24.78 41.67 22.03
N LYS F 120 -24.43 42.16 20.83
CA LYS F 120 -25.41 42.83 20.00
C LYS F 120 -26.34 41.84 19.32
N LEU F 121 -25.87 40.62 19.08
CA LEU F 121 -26.74 39.57 18.53
C LEU F 121 -27.78 39.13 19.55
N VAL F 122 -27.32 38.69 20.73
CA VAL F 122 -28.28 38.28 21.76
C VAL F 122 -29.17 39.46 22.12
N ALA F 123 -28.67 40.69 21.97
CA ALA F 123 -29.49 41.87 22.23
C ALA F 123 -30.65 41.94 21.23
N THR F 124 -30.34 41.92 19.93
CA THR F 124 -31.39 42.06 18.93
C THR F 124 -32.37 40.89 18.98
N ILE F 125 -31.88 39.67 19.17
CA ILE F 125 -32.83 38.55 19.13
C ILE F 125 -33.72 38.58 20.36
N SER F 126 -33.13 38.93 21.51
CA SER F 126 -33.92 39.00 22.74
C SER F 126 -34.99 40.05 22.60
N HIS F 127 -34.64 41.20 22.01
CA HIS F 127 -35.65 42.20 21.73
C HIS F 127 -36.78 41.63 20.87
N TYR F 128 -36.40 40.96 19.75
CA TYR F 128 -37.39 40.27 18.93
C TYR F 128 -38.31 39.40 19.78
N ILE F 129 -37.74 38.57 20.65
CA ILE F 129 -38.57 37.61 21.38
C ILE F 129 -39.56 38.34 22.27
N ASP F 130 -39.13 39.44 22.87
CA ASP F 130 -40.00 40.24 23.76
C ASP F 130 -41.11 40.96 23.00
N THR F 131 -40.76 41.68 21.94
CA THR F 131 -41.74 42.34 21.08
C THR F 131 -42.66 41.34 20.40
N HIS F 132 -42.37 41.00 19.14
CA HIS F 132 -43.13 39.98 18.44
C HIS F 132 -42.70 38.63 18.98
N GLY F 133 -43.39 38.20 20.03
CA GLY F 133 -43.11 36.90 20.60
C GLY F 133 -43.08 35.88 19.50
N LEU F 134 -42.16 34.91 19.55
CA LEU F 134 -42.05 33.97 18.44
C LEU F 134 -43.27 33.05 18.40
N ASP F 135 -44.46 33.64 18.20
CA ASP F 135 -45.70 32.86 18.20
C ASP F 135 -45.99 32.33 16.82
N ILE F 136 -45.58 33.07 15.80
CA ILE F 136 -45.81 32.66 14.42
C ILE F 136 -44.95 31.46 14.10
N LEU F 137 -43.73 31.45 14.64
CA LEU F 137 -42.83 30.33 14.40
C LEU F 137 -43.47 29.06 14.95
N GLY F 138 -43.80 29.07 16.23
CA GLY F 138 -44.53 27.94 16.76
C GLY F 138 -45.91 27.79 16.14
N ASN F 139 -46.44 28.83 15.51
CA ASN F 139 -47.68 28.67 14.78
C ASN F 139 -47.47 27.75 13.60
N ARG F 140 -46.44 28.03 12.80
CA ARG F 140 -46.20 27.34 11.54
C ARG F 140 -45.48 25.99 11.70
N TYR F 141 -44.51 25.87 12.61
CA TYR F 141 -44.05 24.53 12.96
C TYR F 141 -45.25 23.66 13.30
N ALA F 142 -46.06 24.10 14.26
CA ALA F 142 -47.28 23.41 14.60
C ALA F 142 -48.07 23.03 13.36
N ALA F 143 -48.26 23.98 12.44
CA ALA F 143 -49.09 23.71 11.27
C ALA F 143 -48.53 22.54 10.45
N ASN F 144 -47.23 22.57 10.18
CA ASN F 144 -46.60 21.52 9.43
C ASN F 144 -46.63 20.16 10.14
N LEU F 145 -46.84 20.11 11.46
CA LEU F 145 -47.18 18.81 12.07
C LEU F 145 -48.63 18.45 11.77
N ALA F 146 -49.53 19.43 11.92
CA ALA F 146 -50.95 19.13 11.83
C ALA F 146 -51.38 18.76 10.42
N ASN F 147 -50.65 19.22 9.40
CA ASN F 147 -50.98 18.91 8.01
C ASN F 147 -50.24 17.70 7.45
N GLY F 148 -49.28 17.14 8.19
CA GLY F 148 -48.60 15.96 7.69
C GLY F 148 -47.60 16.20 6.60
N ARG F 149 -47.15 17.44 6.40
CA ARG F 149 -46.12 17.69 5.40
C ARG F 149 -44.95 16.74 5.55
N PHE F 150 -44.62 16.35 6.79
CA PHE F 150 -43.53 15.42 7.04
C PHE F 150 -43.73 14.03 6.42
N LEU F 151 -44.90 13.72 5.85
CA LEU F 151 -45.13 12.43 5.23
C LEU F 151 -44.53 12.35 3.85
N TRP F 152 -44.04 13.47 3.33
CA TRP F 152 -43.56 13.62 1.95
C TRP F 152 -44.37 12.78 0.97
N ARG F 153 -43.71 11.98 0.12
CA ARG F 153 -44.44 11.33 -0.96
C ARG F 153 -45.56 10.44 -0.44
N ASN F 154 -45.53 10.10 0.85
CA ASN F 154 -46.59 9.26 1.35
C ASN F 154 -47.92 9.98 1.52
N ARG F 155 -47.94 11.32 1.44
CA ARG F 155 -49.20 12.07 1.54
C ARG F 155 -49.99 11.99 0.25
N LEU F 156 -49.32 12.21 -0.88
CA LEU F 156 -49.93 12.11 -2.19
C LEU F 156 -50.84 10.90 -2.29
N GLY F 157 -52.05 11.14 -2.75
CA GLY F 157 -53.02 10.10 -3.03
C GLY F 157 -53.65 9.45 -1.83
N ALA F 158 -53.29 9.84 -0.61
CA ALA F 158 -53.87 9.18 0.55
C ALA F 158 -55.38 9.27 0.54
N ASP F 159 -56.03 8.22 1.04
CA ASP F 159 -57.46 8.28 1.30
C ASP F 159 -57.71 9.14 2.54
N ALA F 160 -57.00 8.87 3.61
CA ALA F 160 -57.28 9.46 4.90
C ALA F 160 -55.98 9.49 5.67
N ILE F 161 -55.57 10.67 6.12
CA ILE F 161 -54.43 10.81 7.01
C ILE F 161 -54.93 11.31 8.35
N SER F 162 -54.65 10.57 9.41
CA SER F 162 -54.99 11.00 10.76
C SER F 162 -53.72 11.07 11.60
N ILE F 163 -53.50 12.18 12.27
CA ILE F 163 -52.21 12.47 12.87
C ILE F 163 -52.43 12.67 14.37
N GLN F 164 -52.04 11.69 15.19
CA GLN F 164 -52.21 11.79 16.64
C GLN F 164 -50.96 12.37 17.28
N ILE F 165 -51.13 13.43 18.07
CA ILE F 165 -50.00 14.13 18.69
C ILE F 165 -50.21 14.14 20.19
N THR F 166 -49.13 13.93 20.95
CA THR F 166 -49.22 13.79 22.39
C THR F 166 -47.99 14.40 23.07
N ARG F 167 -48.20 14.98 24.26
CA ARG F 167 -47.13 15.54 25.06
C ARG F 167 -46.64 14.48 26.04
N LEU F 168 -45.32 14.32 26.10
CA LEU F 168 -44.70 13.33 26.96
C LEU F 168 -44.00 14.08 28.08
N SER F 169 -44.39 13.78 29.30
CA SER F 169 -43.87 14.48 30.48
C SER F 169 -43.58 13.41 31.52
N GLY F 170 -42.29 13.21 31.80
CA GLY F 170 -41.86 12.06 32.55
C GLY F 170 -42.58 10.80 32.13
N ASP F 171 -43.30 10.19 33.07
CA ASP F 171 -44.06 8.98 32.80
C ASP F 171 -45.41 9.26 32.15
N GLU F 172 -45.93 10.48 32.28
CA GLU F 172 -47.28 10.81 31.82
C GLU F 172 -47.29 11.10 30.32
N SER F 173 -48.41 10.74 29.68
CA SER F 173 -48.67 11.10 28.28
C SER F 173 -50.04 11.75 28.18
N THR F 174 -50.07 13.00 27.71
CA THR F 174 -51.29 13.78 27.55
C THR F 174 -51.51 14.10 26.07
N LEU F 175 -52.71 13.78 25.54
CA LEU F 175 -53.00 13.95 24.11
C LEU F 175 -53.18 15.42 23.77
N VAL F 176 -52.28 15.98 22.95
CA VAL F 176 -52.44 17.37 22.51
C VAL F 176 -53.60 17.47 21.54
N GLY F 177 -53.61 16.59 20.53
CA GLY F 177 -54.60 16.68 19.48
C GLY F 177 -54.52 15.64 18.38
N VAL F 178 -55.68 15.30 17.82
CA VAL F 178 -55.81 14.38 16.69
C VAL F 178 -56.26 15.19 15.47
N PHE F 179 -55.41 15.25 14.44
CA PHE F 179 -55.57 16.17 13.33
C PHE F 179 -55.84 15.43 12.01
N ASP F 180 -56.85 15.89 11.26
CA ASP F 180 -57.09 15.39 9.91
C ASP F 180 -56.15 16.15 8.98
N ALA F 181 -55.11 15.47 8.49
CA ALA F 181 -54.10 16.23 7.77
C ALA F 181 -54.61 16.72 6.44
N LEU F 182 -55.68 16.12 5.94
CA LEU F 182 -56.20 16.57 4.66
C LEU F 182 -57.12 17.77 4.80
N ALA F 183 -57.51 18.11 6.03
CA ALA F 183 -58.21 19.34 6.37
C ALA F 183 -57.29 20.51 6.64
N HIS F 184 -55.99 20.39 6.43
CA HIS F 184 -55.16 21.55 6.73
C HIS F 184 -54.34 21.92 5.51
N PRO F 185 -54.26 23.19 5.15
CA PRO F 185 -53.56 23.55 3.90
C PRO F 185 -52.07 23.30 3.99
N LEU F 186 -51.46 23.04 2.83
CA LEU F 186 -50.02 23.04 2.67
C LEU F 186 -49.46 24.18 1.87
N ARG F 187 -50.31 25.11 1.46
CA ARG F 187 -49.86 26.24 0.67
C ARG F 187 -50.11 27.55 1.39
N GLN F 188 -51.02 27.56 2.36
CA GLN F 188 -51.16 28.69 3.23
C GLN F 188 -51.19 28.19 4.67
N PHE F 189 -51.02 29.09 5.63
CA PHE F 189 -51.21 28.78 7.05
C PHE F 189 -52.54 29.36 7.53
N GLU F 190 -53.27 28.60 8.32
CA GLU F 190 -54.66 28.94 8.61
C GLU F 190 -54.74 30.13 9.58
N GLU F 191 -55.88 30.82 9.49
CA GLU F 191 -56.14 32.16 10.00
C GLU F 191 -57.01 32.10 11.27
N LYS F 192 -57.66 33.23 11.59
CA LYS F 192 -58.51 33.43 12.78
C LYS F 192 -58.90 32.17 13.53
N SER F 193 -59.76 31.37 12.91
CA SER F 193 -60.34 30.16 13.50
C SER F 193 -59.48 28.95 13.20
N VAL F 194 -58.46 28.75 14.04
CA VAL F 194 -57.45 27.73 13.77
C VAL F 194 -57.96 26.34 14.11
N SER F 195 -58.59 26.23 15.28
CA SER F 195 -59.01 25.04 16.01
C SER F 195 -58.36 25.10 17.37
N GLU F 196 -59.07 24.69 18.42
CA GLU F 196 -58.44 24.81 19.73
C GLU F 196 -57.30 23.80 19.85
N GLU F 197 -57.45 22.63 19.25
CA GLU F 197 -56.39 21.62 19.31
C GLU F 197 -55.12 22.10 18.63
N LEU F 198 -55.22 22.62 17.41
CA LEU F 198 -54.04 23.21 16.78
C LEU F 198 -53.46 24.32 17.66
N GLU F 199 -54.32 25.13 18.27
CA GLU F 199 -53.79 26.27 19.01
C GLU F 199 -53.07 25.82 20.29
N ALA F 200 -53.62 24.81 20.97
CA ALA F 200 -52.91 24.25 22.12
C ALA F 200 -51.49 23.86 21.74
N LEU F 201 -51.33 23.28 20.54
CA LEU F 201 -50.05 22.76 20.07
C LEU F 201 -49.09 23.88 19.69
N ALA F 202 -49.56 24.86 18.95
CA ALA F 202 -48.72 25.99 18.61
C ALA F 202 -48.22 26.75 19.85
N LYS F 203 -49.05 26.85 20.91
CA LYS F 203 -48.54 27.44 22.14
C LYS F 203 -47.44 26.59 22.74
N LEU F 204 -47.66 25.27 22.77
CA LEU F 204 -46.67 24.34 23.33
C LEU F 204 -45.32 24.45 22.62
N ILE F 205 -45.33 24.55 21.29
CA ILE F 205 -44.06 24.65 20.60
C ILE F 205 -43.36 25.98 20.91
N THR F 206 -44.12 27.07 21.05
CA THR F 206 -43.43 28.34 21.34
C THR F 206 -42.96 28.42 22.78
N ALA F 207 -43.70 27.84 23.73
CA ALA F 207 -43.19 27.78 25.09
C ALA F 207 -41.86 27.03 25.15
N GLY F 208 -41.77 25.91 24.41
CA GLY F 208 -40.51 25.22 24.25
C GLY F 208 -39.45 26.06 23.55
N LEU F 209 -39.83 26.72 22.44
CA LEU F 209 -38.86 27.58 21.76
C LEU F 209 -38.36 28.68 22.68
N ALA F 210 -39.23 29.14 23.60
CA ALA F 210 -38.98 30.28 24.49
C ALA F 210 -38.49 29.88 25.88
N GLY F 211 -38.26 28.60 26.14
CA GLY F 211 -37.65 28.18 27.38
C GLY F 211 -38.59 27.93 28.53
N GLN F 212 -39.89 28.24 28.40
CA GLN F 212 -40.79 28.11 29.54
C GLN F 212 -41.03 26.64 29.91
N GLU F 213 -41.17 25.75 28.94
CA GLU F 213 -41.48 24.36 29.27
C GLU F 213 -40.50 23.41 28.58
N HIS F 214 -40.43 22.18 29.11
CA HIS F 214 -39.75 21.07 28.47
C HIS F 214 -40.77 20.34 27.63
N VAL F 215 -40.59 20.35 26.34
CA VAL F 215 -41.62 19.79 25.48
C VAL F 215 -41.03 18.59 24.76
N LEU F 216 -41.69 17.46 24.90
CA LEU F 216 -41.40 16.24 24.16
C LEU F 216 -42.72 15.76 23.59
N LEU F 217 -42.81 15.65 22.26
CA LEU F 217 -44.04 15.28 21.59
C LEU F 217 -43.84 13.97 20.86
N ARG F 218 -44.93 13.19 20.75
CA ARG F 218 -44.93 11.93 20.01
C ARG F 218 -45.97 12.01 18.90
N VAL F 219 -45.50 12.09 17.66
CA VAL F 219 -46.33 12.15 16.45
C VAL F 219 -46.62 10.73 15.95
N LYS F 220 -47.89 10.36 15.87
CA LYS F 220 -48.32 9.08 15.31
C LYS F 220 -49.21 9.35 14.11
N ALA F 221 -48.68 9.15 12.91
CA ALA F 221 -49.36 9.55 11.67
C ALA F 221 -49.88 8.32 10.94
N PHE F 222 -51.17 8.29 10.63
CA PHE F 222 -51.80 7.14 10.00
C PHE F 222 -52.28 7.49 8.59
N ILE F 223 -51.74 6.82 7.59
CA ILE F 223 -52.03 7.06 6.19
C ILE F 223 -52.69 5.82 5.63
N ARG F 224 -53.95 5.95 5.22
CA ARG F 224 -54.67 4.82 4.65
C ARG F 224 -54.39 4.80 3.16
N MET F 225 -53.71 3.76 2.70
CA MET F 225 -53.19 3.70 1.35
C MET F 225 -53.67 2.52 0.53
N GLY F 226 -54.24 1.49 1.15
CA GLY F 226 -54.60 0.29 0.43
C GLY F 226 -53.62 -0.88 0.58
N GLU F 227 -54.16 -2.07 0.77
CA GLU F 227 -53.37 -3.26 1.00
C GLU F 227 -52.32 -3.45 -0.08
N GLY F 228 -51.08 -3.70 0.35
CA GLY F 228 -49.97 -4.07 -0.52
C GLY F 228 -49.33 -2.93 -1.26
N GLN F 229 -49.83 -1.70 -1.08
CA GLN F 229 -49.29 -0.52 -1.74
C GLN F 229 -47.88 -0.18 -1.25
N GLU F 230 -47.01 0.19 -2.19
CA GLU F 230 -45.66 0.64 -1.87
C GLU F 230 -45.67 1.92 -1.04
N VAL F 231 -44.78 1.98 -0.05
CA VAL F 231 -44.59 3.18 0.78
C VAL F 231 -43.18 3.71 0.53
N PHE F 232 -42.90 4.90 1.06
CA PHE F 232 -41.76 5.68 0.57
C PHE F 232 -40.89 6.15 1.73
N PRO F 233 -39.93 5.34 2.13
CA PRO F 233 -38.95 5.80 3.12
C PRO F 233 -37.93 6.70 2.43
N SER F 234 -37.04 7.26 3.22
CA SER F 234 -35.94 8.00 2.65
C SER F 234 -35.12 7.09 1.74
N GLN F 235 -34.27 7.70 0.93
CA GLN F 235 -33.28 6.97 0.17
C GLN F 235 -31.89 7.15 0.77
N GLU F 236 -31.07 6.13 0.61
CA GLU F 236 -29.65 6.21 0.92
C GLU F 236 -28.88 6.26 -0.39
N LEU F 237 -27.93 7.17 -0.47
CA LEU F 237 -27.21 7.40 -1.72
C LEU F 237 -25.80 6.81 -1.62
N LEU F 238 -25.70 5.55 -2.08
CA LEU F 238 -24.49 4.74 -2.16
C LEU F 238 -24.39 4.05 -3.52
N LEU F 239 -24.90 4.68 -4.57
CA LEU F 239 -25.04 4.02 -5.87
C LEU F 239 -23.67 3.62 -6.44
N ASP F 240 -23.60 2.38 -6.96
CA ASP F 240 -22.36 1.77 -7.47
C ASP F 240 -21.23 1.83 -6.43
N LYS F 241 -21.53 1.32 -5.23
CA LYS F 241 -20.54 1.11 -4.17
C LYS F 241 -20.40 -0.40 -3.98
N GLY F 242 -19.28 -0.95 -4.43
CA GLY F 242 -19.03 -2.38 -4.30
C GLY F 242 -19.50 -3.18 -5.50
N LYS F 243 -19.45 -4.51 -5.33
CA LYS F 243 -19.88 -5.45 -6.34
C LYS F 243 -21.39 -5.67 -6.36
N SER F 244 -22.13 -5.07 -5.41
CA SER F 244 -23.57 -5.31 -5.30
C SER F 244 -24.33 -4.90 -6.57
N THR F 245 -23.85 -3.86 -7.26
CA THR F 245 -24.52 -3.22 -8.39
C THR F 245 -26.03 -3.07 -8.16
N LYS F 246 -26.34 -2.41 -7.04
CA LYS F 246 -27.72 -2.19 -6.62
C LYS F 246 -28.19 -0.80 -7.03
N SER F 247 -29.37 -0.72 -7.62
CA SER F 247 -29.82 0.50 -8.25
C SER F 247 -30.33 1.52 -7.22
N ARG F 248 -30.94 1.05 -6.13
CA ARG F 248 -31.60 1.95 -5.20
C ARG F 248 -31.54 1.41 -3.79
N PHE F 249 -31.07 2.22 -2.87
CA PHE F 249 -31.03 1.86 -1.46
C PHE F 249 -32.08 2.68 -0.70
N LEU F 250 -32.72 2.05 0.28
CA LEU F 250 -33.64 2.75 1.17
C LEU F 250 -33.12 2.76 2.60
N TYR F 251 -33.68 3.67 3.40
CA TYR F 251 -33.17 3.94 4.73
C TYR F 251 -33.88 3.08 5.77
N SER F 252 -33.12 2.67 6.79
CA SER F 252 -33.70 1.81 7.81
C SER F 252 -32.92 1.99 9.09
N VAL F 253 -33.56 1.70 10.20
CA VAL F 253 -32.93 1.87 11.51
C VAL F 253 -33.15 0.61 12.34
N GLY F 254 -32.04 0.03 12.82
CA GLY F 254 -32.17 -0.95 13.89
C GLY F 254 -31.47 -2.26 13.67
N GLN F 255 -30.25 -2.40 14.20
CA GLN F 255 -29.48 -3.66 14.20
C GLN F 255 -29.41 -4.16 12.75
N ASP F 256 -29.80 -5.41 12.43
CA ASP F 256 -29.51 -5.99 11.11
C ASP F 256 -30.76 -6.36 10.34
N GLU F 257 -31.44 -7.44 10.74
CA GLU F 257 -32.58 -7.99 10.00
C GLU F 257 -33.91 -7.44 10.46
N LYS F 258 -34.00 -7.03 11.73
CA LYS F 258 -35.18 -6.41 12.31
C LYS F 258 -35.22 -4.90 12.08
N ALA F 259 -34.30 -4.39 11.26
CA ALA F 259 -34.27 -2.96 10.97
C ALA F 259 -35.57 -2.54 10.32
N ILE F 260 -36.01 -1.33 10.65
CA ILE F 260 -37.30 -0.81 10.22
C ILE F 260 -37.08 0.32 9.23
N ALA F 261 -37.91 0.38 8.18
CA ALA F 261 -37.80 1.44 7.18
C ALA F 261 -38.15 2.79 7.78
N ALA F 262 -37.47 3.84 7.32
CA ALA F 262 -37.65 5.13 7.99
C ALA F 262 -37.54 6.29 7.02
N ILE F 263 -38.03 7.45 7.47
CA ILE F 263 -37.63 8.74 6.88
C ILE F 263 -36.52 9.31 7.74
N HIS F 264 -35.52 9.90 7.09
CA HIS F 264 -34.41 10.54 7.77
C HIS F 264 -34.96 11.57 8.73
N SER F 265 -34.36 11.67 9.91
CA SER F 265 -34.84 12.68 10.83
C SER F 265 -34.79 14.07 10.17
N GLN F 266 -33.74 14.32 9.38
CA GLN F 266 -33.57 15.66 8.82
C GLN F 266 -34.54 15.90 7.68
N LYS F 267 -35.10 14.84 7.10
CA LYS F 267 -36.18 15.06 6.16
C LYS F 267 -37.43 15.49 6.89
N ILE F 268 -37.67 14.91 8.07
CA ILE F 268 -38.79 15.35 8.89
C ILE F 268 -38.63 16.81 9.30
N GLY F 269 -37.40 17.24 9.58
CA GLY F 269 -37.20 18.60 10.03
C GLY F 269 -37.22 19.57 8.87
N ASN F 270 -36.84 19.12 7.69
CA ASN F 270 -37.09 19.95 6.52
C ASN F 270 -38.58 20.20 6.37
N ALA F 271 -39.40 19.20 6.67
CA ALA F 271 -40.84 19.42 6.59
C ALA F 271 -41.32 20.46 7.60
N LEU F 272 -40.90 20.36 8.86
CA LEU F 272 -41.43 21.25 9.89
C LEU F 272 -41.04 22.71 9.62
N ARG F 273 -39.83 22.92 9.17
CA ARG F 273 -39.27 24.22 8.84
C ARG F 273 -39.80 24.77 7.49
N THR F 274 -40.77 24.13 6.81
CA THR F 274 -41.32 24.76 5.60
C THR F 274 -42.32 25.82 6.05
N ILE F 275 -41.82 27.01 6.41
CA ILE F 275 -42.64 28.08 7.00
C ILE F 275 -42.37 29.40 6.30
N ASP F 276 -41.34 29.46 5.49
CA ASP F 276 -40.91 30.72 4.92
C ASP F 276 -41.84 31.08 3.76
N THR F 277 -42.74 32.05 4.02
CA THR F 277 -43.57 32.67 2.99
C THR F 277 -43.19 34.11 2.81
N TRP F 278 -41.92 34.43 3.05
CA TRP F 278 -41.46 35.81 3.23
C TRP F 278 -40.46 36.23 2.17
N TYR F 279 -40.23 35.43 1.20
CA TYR F 279 -39.26 35.73 0.16
C TYR F 279 -39.95 36.37 -1.05
N PRO F 280 -39.20 37.14 -1.85
CA PRO F 280 -39.75 37.83 -3.01
C PRO F 280 -40.94 37.22 -3.76
N ASP F 281 -40.83 36.01 -4.33
CA ASP F 281 -41.91 35.50 -5.17
C ASP F 281 -42.87 34.56 -4.43
N ALA F 282 -42.89 34.64 -3.09
CA ALA F 282 -43.62 33.68 -2.27
C ALA F 282 -45.10 33.56 -2.64
N GLU F 283 -45.75 34.63 -3.13
CA GLU F 283 -47.19 34.51 -3.37
C GLU F 283 -47.51 33.60 -4.56
N ILE F 284 -46.56 33.30 -5.45
CA ILE F 284 -46.85 32.30 -6.47
C ILE F 284 -46.28 30.93 -6.09
N ASN F 285 -45.07 30.89 -5.53
CA ASN F 285 -44.39 29.62 -5.25
C ASN F 285 -44.87 28.92 -3.98
N GLY F 286 -45.37 29.65 -3.00
CA GLY F 286 -45.84 29.01 -1.80
C GLY F 286 -44.75 28.99 -0.76
N PRO F 287 -45.01 28.30 0.36
CA PRO F 287 -44.00 28.19 1.41
C PRO F 287 -42.82 27.33 0.97
N ILE F 288 -41.66 27.63 1.51
CA ILE F 288 -40.47 26.84 1.28
C ILE F 288 -39.75 26.67 2.62
N ALA F 289 -38.89 25.66 2.72
CA ALA F 289 -38.18 25.42 3.96
C ALA F 289 -37.10 26.47 4.19
N VAL F 290 -36.95 26.87 5.45
CA VAL F 290 -36.03 27.94 5.84
C VAL F 290 -34.60 27.55 5.52
N GLU F 291 -33.91 28.37 4.73
CA GLU F 291 -32.52 28.09 4.40
C GLU F 291 -31.81 29.43 4.22
N PRO F 292 -30.58 29.55 4.71
CA PRO F 292 -29.89 30.85 4.64
C PRO F 292 -29.99 31.54 3.29
N TYR F 293 -29.71 30.87 2.18
CA TYR F 293 -29.89 31.52 0.89
C TYR F 293 -31.22 31.16 0.26
N GLY F 294 -32.21 30.81 1.08
CA GLY F 294 -33.56 30.56 0.57
C GLY F 294 -33.59 29.49 -0.50
N SER F 295 -32.81 28.44 -0.33
CA SER F 295 -32.52 27.51 -1.43
C SER F 295 -33.57 26.43 -1.53
N VAL F 296 -33.84 26.02 -2.76
CA VAL F 296 -34.77 24.96 -3.05
C VAL F 296 -34.07 23.99 -3.99
N THR F 297 -33.84 22.77 -3.52
CA THR F 297 -32.97 21.85 -4.23
C THR F 297 -33.67 21.21 -5.42
N THR F 298 -34.93 20.82 -5.27
CA THR F 298 -35.66 20.24 -6.38
C THR F 298 -35.75 21.21 -7.56
N GLN F 299 -35.86 22.50 -7.29
CA GLN F 299 -35.94 23.49 -8.37
C GLN F 299 -34.59 24.10 -8.71
N GLY F 300 -33.54 23.70 -8.00
CA GLY F 300 -32.20 24.16 -8.31
C GLY F 300 -32.12 25.67 -8.38
N VAL F 301 -32.96 26.35 -7.60
CA VAL F 301 -32.97 27.80 -7.55
C VAL F 301 -32.86 28.27 -6.09
N ALA F 302 -32.17 29.39 -5.91
CA ALA F 302 -32.07 30.09 -4.64
C ALA F 302 -32.95 31.33 -4.69
N TYR F 303 -34.18 31.22 -4.18
CA TYR F 303 -34.87 32.41 -3.70
C TYR F 303 -33.99 33.08 -2.68
N ARG F 304 -34.28 34.33 -2.35
CA ARG F 304 -33.48 34.99 -1.32
C ARG F 304 -32.04 35.16 -1.78
N GLN F 305 -31.89 35.73 -2.97
CA GLN F 305 -30.58 35.96 -3.53
C GLN F 305 -29.83 37.01 -2.73
N PRO F 306 -28.50 36.94 -2.73
CA PRO F 306 -27.73 38.04 -2.13
C PRO F 306 -27.76 39.33 -2.94
N LYS F 307 -28.03 39.27 -4.25
CA LYS F 307 -28.18 40.51 -5.02
C LYS F 307 -29.32 41.36 -4.48
N ALA F 308 -30.40 40.73 -4.05
CA ALA F 308 -31.54 41.42 -3.48
C ALA F 308 -31.45 41.60 -1.96
N LYS F 309 -30.29 41.31 -1.36
CA LYS F 309 -30.09 41.47 0.09
C LYS F 309 -31.22 40.84 0.91
N LYS F 310 -31.81 39.75 0.41
CA LYS F 310 -32.84 39.05 1.17
C LYS F 310 -32.34 37.75 1.80
N ASP F 311 -31.11 37.34 1.48
CA ASP F 311 -30.47 36.21 2.14
C ASP F 311 -30.23 36.48 3.63
N PHE F 312 -30.09 35.40 4.40
CA PHE F 312 -30.03 35.50 5.85
C PHE F 312 -28.83 36.31 6.32
N TYR F 313 -27.76 36.36 5.54
CA TYR F 313 -26.56 37.04 6.01
C TYR F 313 -26.67 38.55 5.84
N SER F 314 -27.07 39.00 4.65
CA SER F 314 -27.40 40.41 4.46
C SER F 314 -28.37 40.89 5.53
N LEU F 315 -29.44 40.11 5.77
CA LEU F 315 -30.39 40.47 6.81
C LEU F 315 -29.75 40.57 8.17
N LEU F 316 -29.05 39.52 8.61
CA LEU F 316 -28.59 39.49 9.99
C LEU F 316 -27.48 40.50 10.25
N ASP F 317 -26.51 40.60 9.33
CA ASP F 317 -25.46 41.61 9.42
C ASP F 317 -26.05 42.99 9.63
N ALA F 318 -26.85 43.45 8.66
CA ALA F 318 -27.52 44.74 8.74
C ALA F 318 -28.19 44.93 10.10
N TRP F 319 -29.04 43.98 10.49
CA TRP F 319 -29.82 44.13 11.71
C TRP F 319 -28.95 44.33 12.94
N VAL F 320 -27.76 43.73 12.99
CA VAL F 320 -26.95 43.67 14.22
C VAL F 320 -25.79 44.67 14.18
N LEU F 321 -25.00 44.66 13.10
CA LEU F 321 -23.83 45.53 13.01
C LEU F 321 -24.19 46.99 12.67
N LYS F 322 -25.33 47.22 12.02
CA LYS F 322 -25.70 48.57 11.58
C LYS F 322 -27.12 48.95 12.00
N ASP F 323 -27.74 48.18 12.90
CA ASP F 323 -29.04 48.52 13.50
C ASP F 323 -30.07 48.92 12.43
N LYS F 324 -30.04 48.20 11.31
CA LYS F 324 -31.02 48.32 10.23
C LYS F 324 -32.09 47.26 10.47
N GLU F 325 -33.20 47.66 11.10
CA GLU F 325 -34.34 46.75 11.26
C GLU F 325 -34.84 46.26 9.90
N PRO F 326 -34.87 44.97 9.65
CA PRO F 326 -35.49 44.47 8.41
C PRO F 326 -37.00 44.37 8.57
N THR F 327 -37.68 44.19 7.44
CA THR F 327 -39.13 44.09 7.46
C THR F 327 -39.55 42.99 8.41
N ILE F 328 -40.69 43.17 9.07
CA ILE F 328 -41.06 42.23 10.13
C ILE F 328 -41.15 40.80 9.61
N GLU F 329 -41.51 40.60 8.35
CA GLU F 329 -41.46 39.24 7.82
C GLU F 329 -40.03 38.73 7.74
N ASP F 330 -39.12 39.57 7.28
CA ASP F 330 -37.71 39.19 7.23
C ASP F 330 -37.14 38.90 8.62
N GLN F 331 -37.66 39.57 9.65
CA GLN F 331 -37.24 39.26 11.02
C GLN F 331 -37.70 37.85 11.39
N HIS F 332 -38.93 37.53 11.05
CA HIS F 332 -39.44 36.18 11.23
C HIS F 332 -38.51 35.15 10.57
N PHE F 333 -37.95 35.52 9.42
CA PHE F 333 -37.11 34.58 8.69
C PHE F 333 -35.79 34.31 9.43
N VAL F 334 -35.09 35.35 9.89
CA VAL F 334 -33.77 35.10 10.48
C VAL F 334 -33.88 34.48 11.87
N ALA F 335 -34.92 34.83 12.62
CA ALA F 335 -35.24 34.02 13.79
C ALA F 335 -35.49 32.58 13.39
N ALA F 336 -36.17 32.35 12.25
CA ALA F 336 -36.46 30.98 11.83
C ALA F 336 -35.22 30.27 11.34
N VAL F 337 -34.26 31.00 10.75
CA VAL F 337 -32.95 30.44 10.50
C VAL F 337 -32.27 30.06 11.81
N LEU F 338 -32.31 30.96 12.79
CA LEU F 338 -31.58 30.74 14.04
C LEU F 338 -32.08 29.49 14.77
N VAL F 339 -33.36 29.13 14.65
CA VAL F 339 -33.80 27.90 15.29
C VAL F 339 -33.40 26.69 14.45
N ARG F 340 -33.43 26.85 13.12
CA ARG F 340 -32.87 25.81 12.27
C ARG F 340 -31.47 25.46 12.72
N GLY F 341 -30.62 26.47 12.90
CA GLY F 341 -29.23 26.26 13.24
C GLY F 341 -28.34 26.09 12.02
N GLY F 342 -27.06 26.33 12.24
CA GLY F 342 -26.05 26.21 11.20
C GLY F 342 -24.76 26.85 11.64
N VAL F 343 -23.79 26.79 10.74
CA VAL F 343 -22.47 27.36 10.99
C VAL F 343 -22.34 28.59 10.11
N PHE F 344 -22.24 29.75 10.73
CA PHE F 344 -22.39 31.02 10.01
C PHE F 344 -21.18 31.92 10.25
N GLY F 345 -20.26 31.95 9.29
CA GLY F 345 -19.12 32.86 9.39
C GLY F 345 -17.92 32.48 8.54
N ALA G 12 -30.84 23.65 -19.73
CA ALA G 12 -31.87 22.69 -20.13
C ALA G 12 -32.55 22.08 -18.89
N SER G 13 -33.62 21.33 -19.13
CA SER G 13 -34.44 20.82 -18.05
C SER G 13 -33.88 19.52 -17.47
N VAL G 14 -34.03 19.34 -16.16
CA VAL G 14 -33.64 18.10 -15.48
C VAL G 14 -34.85 17.61 -14.68
N LEU G 15 -35.97 17.45 -15.38
CA LEU G 15 -37.27 17.08 -14.82
C LEU G 15 -37.26 15.63 -14.33
N SER G 16 -38.23 15.32 -13.47
CA SER G 16 -38.54 13.94 -13.13
C SER G 16 -39.97 13.90 -12.61
N PHE G 17 -40.78 13.00 -13.14
CA PHE G 17 -42.19 12.89 -12.77
C PHE G 17 -42.42 11.60 -12.00
N GLU G 18 -43.21 11.70 -10.95
CA GLU G 18 -43.59 10.51 -10.21
C GLU G 18 -44.70 9.79 -10.94
N ARG G 19 -44.60 8.46 -10.97
CA ARG G 19 -45.61 7.64 -11.63
C ARG G 19 -46.99 7.90 -11.01
N LYS G 20 -48.03 7.88 -11.84
CA LYS G 20 -49.38 8.04 -11.34
C LYS G 20 -50.20 6.77 -11.42
N LEU G 21 -49.64 5.72 -12.03
CA LEU G 21 -50.21 4.37 -11.98
C LEU G 21 -49.43 3.52 -10.97
N ASP G 22 -50.06 3.19 -9.85
CA ASP G 22 -49.36 2.58 -8.73
C ASP G 22 -50.04 1.26 -8.35
N PRO G 23 -49.74 0.18 -9.08
CA PRO G 23 -50.24 -1.12 -8.64
C PRO G 23 -49.32 -1.72 -7.59
N SER G 24 -49.93 -2.48 -6.70
CA SER G 24 -49.23 -3.28 -5.71
C SER G 24 -48.57 -4.48 -6.38
N ASP G 25 -47.80 -5.26 -5.62
CA ASP G 25 -47.40 -6.55 -6.14
C ASP G 25 -48.65 -7.41 -6.31
N ALA G 26 -48.63 -8.30 -7.30
CA ALA G 26 -49.72 -9.25 -7.49
C ALA G 26 -49.33 -10.60 -6.89
N LEU G 27 -50.14 -11.11 -5.97
CA LEU G 27 -49.84 -12.30 -5.19
C LEU G 27 -50.72 -13.45 -5.67
N PHE G 28 -50.11 -14.64 -5.78
CA PHE G 28 -50.82 -15.82 -6.26
C PHE G 28 -51.53 -16.52 -5.12
N PHE G 29 -52.80 -16.87 -5.34
CA PHE G 29 -53.53 -17.77 -4.48
C PHE G 29 -54.14 -18.87 -5.35
N SER G 30 -54.75 -19.87 -4.71
CA SER G 30 -55.17 -21.07 -5.39
C SER G 30 -56.44 -21.62 -4.77
N GLY G 31 -57.37 -22.01 -5.64
CA GLY G 31 -58.56 -22.71 -5.21
C GLY G 31 -59.28 -23.28 -6.40
N ASN G 32 -60.57 -23.54 -6.19
CA ASN G 32 -61.42 -24.10 -7.24
C ASN G 32 -62.32 -23.02 -7.84
N TRP G 33 -62.86 -23.34 -9.02
CA TRP G 33 -63.48 -22.31 -9.84
C TRP G 33 -64.85 -21.89 -9.31
N SER G 34 -65.54 -22.78 -8.59
CA SER G 34 -66.85 -22.41 -8.07
C SER G 34 -66.76 -21.28 -7.04
N ASN G 35 -65.75 -21.30 -6.17
CA ASN G 35 -65.74 -20.50 -4.96
C ASN G 35 -65.11 -19.12 -5.12
N LYS G 36 -65.12 -18.51 -6.31
CA LYS G 36 -64.48 -17.19 -6.45
C LYS G 36 -65.04 -16.18 -5.46
N SER G 37 -66.31 -16.33 -5.09
CA SER G 37 -66.94 -15.35 -4.21
C SER G 37 -66.63 -15.59 -2.74
N ASP G 38 -66.12 -16.77 -2.38
CA ASP G 38 -65.73 -17.08 -1.01
C ASP G 38 -64.25 -16.75 -0.86
N ASP G 39 -63.94 -15.65 -0.15
CA ASP G 39 -62.56 -15.18 -0.12
C ASP G 39 -61.67 -16.11 0.71
N LYS G 40 -62.24 -16.82 1.67
CA LYS G 40 -61.42 -17.68 2.50
C LYS G 40 -61.23 -19.05 1.85
N ALA G 41 -61.84 -19.25 0.68
CA ALA G 41 -61.69 -20.45 -0.14
C ALA G 41 -60.44 -20.44 -1.01
N TRP G 42 -59.56 -19.47 -0.85
CA TRP G 42 -58.34 -19.36 -1.64
C TRP G 42 -57.14 -19.36 -0.71
N GLN G 43 -56.13 -20.15 -1.06
CA GLN G 43 -54.98 -20.32 -0.17
C GLN G 43 -53.69 -19.95 -0.89
N PRO G 44 -52.74 -19.36 -0.19
CA PRO G 44 -51.57 -18.81 -0.87
C PRO G 44 -50.79 -19.89 -1.58
N ILE G 45 -50.06 -19.48 -2.61
CA ILE G 45 -49.16 -20.34 -3.32
C ILE G 45 -47.75 -19.98 -2.87
N HIS G 46 -47.10 -20.93 -2.19
CA HIS G 46 -45.70 -20.79 -1.78
C HIS G 46 -44.82 -21.41 -2.85
N LEU G 47 -43.57 -20.94 -2.93
CA LEU G 47 -42.65 -21.52 -3.88
C LEU G 47 -42.05 -22.82 -3.34
N ARG G 48 -41.65 -23.70 -4.26
CA ARG G 48 -40.98 -24.95 -3.93
C ARG G 48 -39.70 -25.07 -4.75
N GLU G 49 -38.81 -25.94 -4.28
CA GLU G 49 -37.61 -26.26 -5.02
C GLU G 49 -37.76 -27.63 -5.64
N LYS G 50 -37.15 -27.80 -6.79
CA LYS G 50 -37.03 -29.14 -7.30
C LYS G 50 -35.72 -29.21 -8.05
N SER G 51 -35.21 -30.42 -8.14
CA SER G 51 -34.04 -30.72 -8.93
C SER G 51 -34.46 -30.91 -10.39
N VAL G 52 -33.52 -30.62 -11.30
CA VAL G 52 -33.72 -30.61 -12.73
C VAL G 52 -32.36 -30.96 -13.36
N ARG G 53 -32.29 -32.08 -14.07
CA ARG G 53 -31.08 -32.45 -14.78
C ARG G 53 -31.09 -31.75 -16.13
N GLY G 54 -30.07 -30.96 -16.40
CA GLY G 54 -30.06 -30.09 -17.56
C GLY G 54 -29.93 -30.87 -18.86
N THR G 55 -29.85 -30.11 -19.94
CA THR G 55 -29.80 -30.66 -21.29
C THR G 55 -28.95 -29.72 -22.13
N ILE G 56 -28.06 -30.26 -22.95
CA ILE G 56 -27.24 -29.40 -23.81
C ILE G 56 -28.16 -28.92 -24.92
N SER G 57 -28.68 -27.71 -24.79
CA SER G 57 -29.68 -27.21 -25.73
C SER G 57 -29.30 -25.91 -26.43
N ASN G 58 -28.18 -25.29 -26.09
CA ASN G 58 -27.85 -24.02 -26.69
C ASN G 58 -27.01 -24.25 -27.94
N ARG G 59 -26.85 -23.19 -28.73
CA ARG G 59 -25.94 -23.24 -29.86
C ARG G 59 -24.49 -23.40 -29.39
N LEU G 60 -23.73 -24.23 -30.10
CA LEU G 60 -22.34 -24.51 -29.74
C LEU G 60 -21.39 -23.50 -30.38
N LYS G 61 -20.15 -23.50 -29.91
CA LYS G 61 -19.13 -22.55 -30.32
C LYS G 61 -17.96 -23.31 -30.94
N LYS G 62 -17.73 -23.05 -32.24
CA LYS G 62 -16.70 -23.65 -33.10
C LYS G 62 -16.04 -24.88 -32.47
N GLY G 63 -15.11 -24.66 -31.53
CA GLY G 63 -14.46 -25.77 -30.86
C GLY G 63 -15.45 -26.79 -30.32
N GLU G 64 -16.51 -26.32 -29.64
CA GLU G 64 -17.42 -27.23 -28.95
C GLU G 64 -18.13 -28.21 -29.88
N ALA G 65 -18.12 -27.96 -31.20
CA ALA G 65 -18.91 -28.72 -32.17
C ALA G 65 -18.32 -30.09 -32.51
N ASP G 66 -17.10 -30.38 -32.09
CA ASP G 66 -16.52 -31.71 -32.31
C ASP G 66 -17.38 -32.75 -31.60
N PRO G 67 -17.57 -33.93 -32.18
CA PRO G 67 -18.41 -34.94 -31.52
C PRO G 67 -17.97 -35.31 -30.12
N ALA G 68 -16.70 -35.68 -29.91
CA ALA G 68 -16.27 -36.13 -28.59
C ALA G 68 -16.44 -35.04 -27.53
N LYS G 69 -16.22 -33.78 -27.92
CA LYS G 69 -16.39 -32.67 -26.98
C LYS G 69 -17.84 -32.57 -26.52
N LEU G 70 -18.79 -32.55 -27.47
CA LEU G 70 -20.19 -32.48 -27.10
C LEU G 70 -20.65 -33.76 -26.42
N ASN G 71 -20.20 -34.92 -26.93
CA ASN G 71 -20.49 -36.18 -26.27
C ASN G 71 -20.10 -36.15 -24.80
N ALA G 72 -18.90 -35.64 -24.51
CA ALA G 72 -18.45 -35.49 -23.14
C ALA G 72 -19.34 -34.53 -22.39
N ALA G 73 -19.65 -33.38 -23.00
CA ALA G 73 -20.57 -32.41 -22.41
C ALA G 73 -21.88 -33.05 -21.97
N ILE G 74 -22.39 -34.02 -22.74
CA ILE G 74 -23.66 -34.66 -22.38
C ILE G 74 -23.53 -35.46 -21.09
N GLU G 75 -22.37 -36.10 -20.87
CA GLU G 75 -22.30 -37.05 -19.77
C GLU G 75 -22.09 -36.41 -18.40
N LYS G 76 -21.45 -35.22 -18.31
CA LYS G 76 -21.35 -34.51 -17.03
C LYS G 76 -22.77 -34.18 -16.54
N PRO G 77 -23.22 -34.75 -15.34
CA PRO G 77 -24.52 -34.37 -14.77
C PRO G 77 -25.27 -33.16 -15.30
N ASN G 78 -24.74 -31.96 -15.07
CA ASN G 78 -25.47 -30.70 -15.27
C ASN G 78 -26.79 -30.73 -14.48
N LEU G 79 -26.64 -30.56 -13.17
CA LEU G 79 -27.73 -30.66 -12.20
C LEU G 79 -28.03 -29.29 -11.60
N GLN G 80 -29.30 -28.92 -11.53
CA GLN G 80 -29.66 -27.60 -11.00
C GLN G 80 -30.92 -27.67 -10.15
N THR G 81 -31.09 -26.64 -9.34
CA THR G 81 -32.28 -26.46 -8.53
C THR G 81 -33.03 -25.27 -9.08
N VAL G 82 -34.37 -25.34 -9.09
CA VAL G 82 -35.15 -24.21 -9.57
C VAL G 82 -36.29 -23.99 -8.59
N ASP G 83 -36.75 -22.75 -8.52
CA ASP G 83 -38.01 -22.45 -7.85
C ASP G 83 -39.15 -22.81 -8.80
N VAL G 84 -40.27 -23.26 -8.22
CA VAL G 84 -41.43 -23.64 -9.01
C VAL G 84 -42.68 -23.32 -8.21
N ALA G 85 -43.69 -22.80 -8.90
CA ALA G 85 -44.98 -22.51 -8.29
C ALA G 85 -46.06 -23.23 -9.08
N THR G 86 -46.91 -23.98 -8.38
CA THR G 86 -47.93 -24.76 -9.04
C THR G 86 -49.22 -24.73 -8.24
N LEU G 87 -50.30 -25.10 -8.91
CA LEU G 87 -51.52 -25.23 -8.16
C LEU G 87 -51.52 -26.55 -7.41
N PRO G 88 -52.29 -26.62 -6.32
CA PRO G 88 -52.44 -27.89 -5.61
C PRO G 88 -53.05 -28.97 -6.46
N PHE G 89 -52.94 -30.20 -5.95
CA PHE G 89 -53.51 -31.36 -6.64
C PHE G 89 -55.04 -31.30 -6.68
N ASP G 90 -55.66 -30.55 -5.79
CA ASP G 90 -57.11 -30.53 -5.63
C ASP G 90 -57.69 -29.17 -6.02
N SER G 91 -56.94 -28.33 -6.72
CA SER G 91 -57.28 -26.92 -6.83
C SER G 91 -56.91 -26.44 -8.22
N ASP G 92 -57.93 -26.07 -9.01
CA ASP G 92 -57.81 -25.95 -10.46
C ASP G 92 -57.66 -24.51 -10.94
N THR G 93 -57.71 -23.53 -10.05
CA THR G 93 -57.83 -22.14 -10.45
C THR G 93 -56.81 -21.31 -9.70
N LEU G 94 -56.06 -20.52 -10.44
CA LEU G 94 -55.14 -19.56 -9.89
C LEU G 94 -55.82 -18.21 -9.75
N LYS G 95 -55.69 -17.60 -8.57
CA LYS G 95 -56.27 -16.29 -8.26
C LYS G 95 -55.14 -15.29 -8.03
N VAL G 96 -55.20 -14.17 -8.73
CA VAL G 96 -54.18 -13.14 -8.68
C VAL G 96 -54.84 -11.87 -8.19
N GLU G 97 -54.36 -11.33 -7.05
CA GLU G 97 -54.94 -10.12 -6.46
C GLU G 97 -53.88 -9.03 -6.31
N PHE G 98 -54.20 -7.83 -6.81
CA PHE G 98 -53.40 -6.62 -6.56
C PHE G 98 -54.32 -5.41 -6.44
N THR G 99 -53.80 -4.34 -5.84
CA THR G 99 -54.55 -3.09 -5.73
C THR G 99 -53.86 -1.99 -6.53
N LEU G 100 -54.67 -1.16 -7.17
CA LEU G 100 -54.19 -0.13 -8.08
C LEU G 100 -54.60 1.25 -7.59
N ARG G 101 -53.63 2.15 -7.47
CA ARG G 101 -53.87 3.54 -7.11
C ARG G 101 -53.61 4.42 -8.33
N VAL G 102 -54.51 5.35 -8.60
CA VAL G 102 -54.34 6.30 -9.70
C VAL G 102 -54.31 7.70 -9.11
N LEU G 103 -53.29 8.45 -9.48
CA LEU G 103 -53.01 9.75 -8.92
C LEU G 103 -53.14 10.82 -9.99
N GLY G 104 -53.58 12.00 -9.55
CA GLY G 104 -53.56 13.18 -10.40
C GLY G 104 -52.24 13.91 -10.30
N GLY G 105 -52.17 15.05 -10.96
CA GLY G 105 -50.97 15.83 -10.93
C GLY G 105 -50.06 15.54 -12.09
N VAL G 106 -50.62 15.01 -13.18
CA VAL G 106 -49.84 14.48 -14.30
C VAL G 106 -48.78 15.49 -14.73
N GLY G 107 -49.21 16.71 -15.04
CA GLY G 107 -48.31 17.73 -15.51
C GLY G 107 -47.54 18.50 -14.44
N GLU G 108 -47.68 18.16 -13.16
CA GLU G 108 -46.85 18.76 -12.13
C GLU G 108 -45.61 17.90 -11.97
N PRO G 109 -44.44 18.35 -12.45
CA PRO G 109 -43.21 17.58 -12.18
C PRO G 109 -42.88 17.59 -10.70
N ALA G 110 -42.30 16.48 -10.26
CA ALA G 110 -41.82 16.42 -8.88
C ALA G 110 -40.51 17.16 -8.71
N ALA G 111 -39.80 17.44 -9.80
CA ALA G 111 -38.55 18.19 -9.78
C ALA G 111 -38.26 18.70 -11.17
N CYS G 112 -37.63 19.87 -11.23
CA CYS G 112 -37.21 20.47 -12.48
C CYS G 112 -36.20 21.56 -12.20
N ASN G 113 -35.22 21.68 -13.10
CA ASN G 113 -34.07 22.56 -12.93
C ASN G 113 -34.27 23.94 -13.52
N SER G 114 -34.81 24.03 -14.74
CA SER G 114 -34.94 25.30 -15.44
C SER G 114 -36.37 25.81 -15.31
N MET G 115 -36.50 27.06 -14.84
CA MET G 115 -37.80 27.62 -14.53
C MET G 115 -38.61 27.92 -15.79
N GLU G 116 -37.90 28.18 -16.88
CA GLU G 116 -38.59 28.41 -18.16
C GLU G 116 -39.25 27.12 -18.67
N TYR G 117 -38.63 25.98 -18.41
CA TYR G 117 -39.13 24.72 -18.97
C TYR G 117 -40.37 24.26 -18.23
N ARG G 118 -40.33 24.27 -16.90
CA ARG G 118 -41.54 23.98 -16.12
C ARG G 118 -42.69 24.86 -16.60
N SER G 119 -42.43 26.15 -16.76
CA SER G 119 -43.45 27.10 -17.19
C SER G 119 -44.24 26.56 -18.40
N LYS G 120 -43.59 26.41 -19.56
CA LYS G 120 -44.38 26.03 -20.74
C LYS G 120 -44.81 24.58 -20.71
N LEU G 121 -44.05 23.72 -20.03
CA LEU G 121 -44.45 22.34 -19.85
C LEU G 121 -45.81 22.21 -19.17
N VAL G 122 -45.95 22.83 -18.00
CA VAL G 122 -47.23 22.72 -17.29
C VAL G 122 -48.35 23.33 -18.12
N ALA G 123 -48.08 24.47 -18.77
CA ALA G 123 -49.06 25.05 -19.68
C ALA G 123 -49.39 24.08 -20.81
N THR G 124 -48.36 23.61 -21.52
CA THR G 124 -48.57 22.67 -22.62
C THR G 124 -49.41 21.49 -22.17
N ILE G 125 -49.02 20.85 -21.07
CA ILE G 125 -49.75 19.68 -20.61
C ILE G 125 -51.12 20.09 -20.10
N SER G 126 -51.18 21.16 -19.29
CA SER G 126 -52.47 21.66 -18.80
C SER G 126 -53.44 21.86 -19.96
N HIS G 127 -52.99 22.56 -21.00
CA HIS G 127 -53.89 22.81 -22.13
C HIS G 127 -54.32 21.51 -22.78
N TYR G 128 -53.36 20.58 -23.00
CA TYR G 128 -53.72 19.28 -23.57
C TYR G 128 -54.80 18.61 -22.72
N ILE G 129 -54.67 18.64 -21.40
CA ILE G 129 -55.75 18.16 -20.53
C ILE G 129 -57.00 19.01 -20.73
N ASP G 130 -56.81 20.33 -20.86
CA ASP G 130 -57.95 21.24 -21.01
C ASP G 130 -58.69 20.97 -22.33
N THR G 131 -57.94 20.80 -23.42
CA THR G 131 -58.54 20.52 -24.71
C THR G 131 -59.07 19.09 -24.80
N HIS G 132 -58.27 18.23 -25.40
CA HIS G 132 -58.60 16.81 -25.58
C HIS G 132 -58.26 16.09 -24.28
N GLY G 133 -59.24 16.04 -23.37
CA GLY G 133 -59.05 15.40 -22.07
C GLY G 133 -58.52 13.98 -22.18
N LEU G 134 -57.68 13.58 -21.21
CA LEU G 134 -57.02 12.29 -21.26
C LEU G 134 -58.00 11.14 -21.02
N ASP G 135 -59.14 11.16 -21.72
CA ASP G 135 -60.06 10.03 -21.65
C ASP G 135 -59.47 8.81 -22.30
N ILE G 136 -58.73 9.00 -23.39
CA ILE G 136 -58.24 7.85 -24.13
C ILE G 136 -57.20 7.10 -23.31
N LEU G 137 -56.37 7.84 -22.55
CA LEU G 137 -55.43 7.18 -21.65
C LEU G 137 -56.19 6.34 -20.62
N GLY G 138 -57.19 6.92 -19.98
CA GLY G 138 -58.03 6.14 -19.09
C GLY G 138 -58.70 4.97 -19.79
N ASN G 139 -59.19 5.18 -21.01
CA ASN G 139 -59.84 4.07 -21.72
C ASN G 139 -58.85 2.92 -21.90
N ARG G 140 -57.60 3.23 -22.23
CA ARG G 140 -56.70 2.18 -22.67
C ARG G 140 -56.04 1.46 -21.49
N TYR G 141 -55.67 2.18 -20.42
CA TYR G 141 -55.40 1.51 -19.15
C TYR G 141 -56.58 0.64 -18.78
N ALA G 142 -57.74 1.27 -18.61
CA ALA G 142 -58.97 0.55 -18.33
C ALA G 142 -59.01 -0.80 -19.01
N ALA G 143 -58.75 -0.82 -20.31
CA ALA G 143 -58.90 -2.05 -21.09
C ALA G 143 -57.85 -3.08 -20.70
N ASN G 144 -56.66 -2.62 -20.37
CA ASN G 144 -55.60 -3.54 -20.02
C ASN G 144 -55.83 -4.16 -18.64
N LEU G 145 -56.72 -3.60 -17.82
CA LEU G 145 -57.21 -4.39 -16.69
C LEU G 145 -58.18 -5.45 -17.19
N ALA G 146 -59.00 -5.08 -18.19
CA ALA G 146 -60.13 -5.91 -18.60
C ALA G 146 -59.70 -7.08 -19.47
N ASN G 147 -58.65 -6.92 -20.27
CA ASN G 147 -58.12 -8.03 -21.04
C ASN G 147 -57.15 -8.91 -20.25
N GLY G 148 -56.88 -8.57 -18.99
CA GLY G 148 -56.00 -9.39 -18.18
C GLY G 148 -54.57 -9.45 -18.68
N ARG G 149 -54.14 -8.46 -19.47
CA ARG G 149 -52.80 -8.47 -20.00
C ARG G 149 -51.78 -8.74 -18.91
N PHE G 150 -51.97 -8.09 -17.75
CA PHE G 150 -51.14 -8.24 -16.55
C PHE G 150 -51.00 -9.68 -16.05
N LEU G 151 -51.83 -10.62 -16.51
CA LEU G 151 -51.62 -12.01 -16.13
C LEU G 151 -50.42 -12.60 -16.85
N TRP G 152 -49.86 -11.87 -17.79
CA TRP G 152 -48.75 -12.31 -18.62
C TRP G 152 -48.84 -13.79 -18.98
N ARG G 153 -47.82 -14.59 -18.64
CA ARG G 153 -47.81 -15.95 -19.15
C ARG G 153 -48.94 -16.79 -18.55
N ASN G 154 -49.50 -16.36 -17.43
CA ASN G 154 -50.65 -17.08 -16.90
C ASN G 154 -51.90 -16.90 -17.76
N ARG G 155 -51.87 -16.00 -18.75
CA ARG G 155 -53.03 -15.84 -19.61
C ARG G 155 -53.12 -16.92 -20.67
N LEU G 156 -51.99 -17.42 -21.16
CA LEU G 156 -52.03 -18.38 -22.27
C LEU G 156 -52.70 -19.69 -21.86
N GLY G 157 -53.49 -20.24 -22.78
CA GLY G 157 -54.10 -21.55 -22.61
C GLY G 157 -55.00 -21.75 -21.40
N ALA G 158 -55.95 -20.85 -21.19
CA ALA G 158 -56.79 -20.88 -20.01
C ALA G 158 -58.19 -21.27 -20.42
N ASP G 159 -58.76 -22.24 -19.72
CA ASP G 159 -60.18 -22.55 -19.83
C ASP G 159 -61.03 -21.28 -19.73
N ALA G 160 -60.79 -20.44 -18.73
CA ALA G 160 -61.58 -19.25 -18.44
C ALA G 160 -60.76 -18.25 -17.63
N ILE G 161 -61.15 -16.98 -17.71
CA ILE G 161 -60.48 -15.89 -16.99
C ILE G 161 -61.54 -14.87 -16.57
N SER G 162 -61.78 -14.75 -15.28
CA SER G 162 -62.76 -13.81 -14.74
C SER G 162 -62.03 -12.78 -13.89
N ILE G 163 -62.17 -11.50 -14.22
CA ILE G 163 -61.41 -10.48 -13.54
C ILE G 163 -62.37 -9.57 -12.78
N GLN G 164 -62.38 -9.67 -11.45
CA GLN G 164 -63.28 -8.87 -10.62
C GLN G 164 -62.58 -7.59 -10.18
N ILE G 165 -63.17 -6.45 -10.54
CA ILE G 165 -62.61 -5.15 -10.21
C ILE G 165 -63.59 -4.47 -9.27
N THR G 166 -63.09 -3.92 -8.17
CA THR G 166 -63.88 -3.11 -7.27
C THR G 166 -63.10 -1.87 -6.87
N ARG G 167 -63.82 -0.79 -6.58
CA ARG G 167 -63.22 0.40 -6.02
C ARG G 167 -63.49 0.43 -4.53
N LEU G 168 -62.48 0.80 -3.76
CA LEU G 168 -62.58 0.90 -2.32
C LEU G 168 -62.53 2.36 -1.93
N SER G 169 -63.34 2.74 -0.95
CA SER G 169 -63.28 4.08 -0.40
C SER G 169 -63.68 3.95 1.04
N GLY G 170 -62.75 4.27 1.93
CA GLY G 170 -63.00 4.05 3.34
C GLY G 170 -63.13 2.57 3.63
N ASP G 171 -64.22 2.22 4.30
CA ASP G 171 -64.53 0.85 4.71
C ASP G 171 -65.46 0.16 3.73
N GLU G 172 -65.56 0.64 2.51
CA GLU G 172 -66.59 0.15 1.62
C GLU G 172 -66.06 -0.03 0.21
N SER G 173 -66.50 -1.11 -0.41
CA SER G 173 -66.05 -1.50 -1.74
C SER G 173 -67.26 -1.57 -2.66
N THR G 174 -67.12 -0.97 -3.83
CA THR G 174 -68.17 -0.95 -4.84
C THR G 174 -67.69 -1.77 -6.03
N LEU G 175 -68.53 -2.71 -6.47
CA LEU G 175 -68.20 -3.57 -7.60
C LEU G 175 -68.19 -2.74 -8.87
N VAL G 176 -67.00 -2.37 -9.36
CA VAL G 176 -66.92 -1.71 -10.67
C VAL G 176 -67.35 -2.67 -11.78
N GLY G 177 -66.93 -3.92 -11.71
CA GLY G 177 -67.24 -4.81 -12.82
C GLY G 177 -66.59 -6.18 -12.68
N VAL G 178 -67.10 -7.11 -13.50
CA VAL G 178 -66.59 -8.46 -13.61
C VAL G 178 -66.35 -8.68 -15.12
N PHE G 179 -65.10 -8.65 -15.52
CA PHE G 179 -64.80 -8.72 -16.92
C PHE G 179 -64.33 -10.12 -17.29
N ASP G 180 -64.45 -10.44 -18.57
CA ASP G 180 -64.14 -11.74 -19.12
C ASP G 180 -62.93 -11.58 -20.06
N ALA G 181 -61.73 -11.66 -19.48
CA ALA G 181 -60.55 -11.18 -20.19
C ALA G 181 -60.35 -11.85 -21.54
N LEU G 182 -60.95 -13.02 -21.76
CA LEU G 182 -60.79 -13.66 -23.05
C LEU G 182 -61.77 -13.15 -24.10
N ALA G 183 -62.80 -12.41 -23.67
CA ALA G 183 -63.71 -11.68 -24.53
C ALA G 183 -63.26 -10.26 -24.79
N HIS G 184 -61.98 -9.97 -24.63
CA HIS G 184 -61.44 -8.65 -24.86
C HIS G 184 -60.14 -8.84 -25.62
N PRO G 185 -59.76 -7.91 -26.45
CA PRO G 185 -58.58 -8.14 -27.29
C PRO G 185 -57.31 -7.62 -26.64
N LEU G 186 -56.18 -8.20 -27.00
CA LEU G 186 -54.92 -7.57 -26.63
C LEU G 186 -54.43 -6.63 -27.72
N ARG G 187 -54.67 -6.97 -28.98
CA ARG G 187 -53.91 -6.38 -30.08
C ARG G 187 -54.51 -5.09 -30.57
N GLN G 188 -55.76 -4.80 -30.23
CA GLN G 188 -56.31 -3.48 -30.43
C GLN G 188 -57.26 -3.17 -29.28
N PHE G 189 -57.63 -1.90 -29.18
CA PHE G 189 -58.58 -1.45 -28.16
C PHE G 189 -59.95 -1.28 -28.79
N GLU G 190 -60.97 -1.76 -28.09
CA GLU G 190 -62.25 -2.05 -28.71
C GLU G 190 -62.91 -0.80 -29.27
N GLU G 191 -63.55 -1.00 -30.40
CA GLU G 191 -63.97 0.08 -31.30
C GLU G 191 -65.35 0.58 -30.85
N LYS G 192 -65.37 1.79 -30.29
CA LYS G 192 -66.62 2.51 -30.06
C LYS G 192 -67.53 1.81 -29.06
N SER G 193 -68.23 0.77 -29.50
CA SER G 193 -69.16 0.08 -28.63
C SER G 193 -68.39 -0.72 -27.60
N VAL G 194 -68.45 -0.30 -26.35
CA VAL G 194 -67.80 -1.00 -25.25
C VAL G 194 -68.80 -1.14 -24.12
N SER G 195 -68.61 -2.19 -23.32
CA SER G 195 -69.56 -2.51 -22.27
C SER G 195 -69.76 -1.31 -21.35
N GLU G 196 -70.90 -1.30 -20.65
CA GLU G 196 -71.14 -0.20 -19.72
C GLU G 196 -70.17 -0.27 -18.57
N GLU G 197 -69.83 -1.50 -18.14
CA GLU G 197 -68.92 -1.69 -17.01
C GLU G 197 -67.49 -1.33 -17.37
N LEU G 198 -67.03 -1.71 -18.56
CA LEU G 198 -65.75 -1.17 -19.03
C LEU G 198 -65.78 0.34 -19.03
N GLU G 199 -66.88 0.92 -19.51
CA GLU G 199 -67.03 2.38 -19.56
C GLU G 199 -66.91 2.99 -18.17
N ALA G 200 -67.50 2.33 -17.17
CA ALA G 200 -67.42 2.80 -15.78
C ALA G 200 -65.98 2.93 -15.34
N LEU G 201 -65.18 1.93 -15.67
CA LEU G 201 -63.82 1.82 -15.17
C LEU G 201 -62.87 2.78 -15.87
N ALA G 202 -63.10 2.99 -17.16
CA ALA G 202 -62.33 3.98 -17.90
C ALA G 202 -62.61 5.41 -17.42
N LYS G 203 -63.85 5.70 -17.02
CA LYS G 203 -64.11 7.00 -16.44
C LYS G 203 -63.46 7.11 -15.07
N LEU G 204 -63.42 5.99 -14.33
CA LEU G 204 -62.85 6.02 -12.99
C LEU G 204 -61.36 6.31 -13.02
N ILE G 205 -60.63 5.70 -13.96
CA ILE G 205 -59.19 5.93 -14.01
C ILE G 205 -58.88 7.34 -14.48
N THR G 206 -59.68 7.85 -15.42
CA THR G 206 -59.49 9.21 -15.92
C THR G 206 -59.78 10.26 -14.85
N ALA G 207 -60.83 10.04 -14.06
CA ALA G 207 -61.11 10.96 -12.96
C ALA G 207 -59.92 11.03 -12.01
N GLY G 208 -59.28 9.88 -11.76
CA GLY G 208 -58.14 9.83 -10.87
C GLY G 208 -56.91 10.46 -11.47
N LEU G 209 -56.64 10.17 -12.74
CA LEU G 209 -55.57 10.87 -13.45
C LEU G 209 -55.79 12.37 -13.44
N ALA G 210 -57.07 12.80 -13.43
CA ALA G 210 -57.39 14.22 -13.55
C ALA G 210 -57.29 14.97 -12.24
N GLY G 211 -57.49 14.28 -11.11
CA GLY G 211 -57.58 14.95 -9.84
C GLY G 211 -58.98 14.99 -9.27
N GLN G 212 -59.98 14.51 -10.00
CA GLN G 212 -61.36 14.68 -9.56
C GLN G 212 -61.69 13.78 -8.37
N GLU G 213 -61.22 12.53 -8.38
CA GLU G 213 -61.55 11.57 -7.33
C GLU G 213 -60.31 10.87 -6.78
N HIS G 214 -60.46 10.30 -5.58
CA HIS G 214 -59.49 9.39 -5.00
C HIS G 214 -59.82 7.95 -5.42
N VAL G 215 -58.93 7.32 -6.16
CA VAL G 215 -59.23 6.07 -6.83
C VAL G 215 -58.36 4.96 -6.26
N LEU G 216 -58.98 4.03 -5.54
CA LEU G 216 -58.31 2.82 -5.11
C LEU G 216 -59.09 1.62 -5.61
N LEU G 217 -58.47 0.81 -6.48
CA LEU G 217 -59.07 -0.38 -7.06
C LEU G 217 -58.45 -1.66 -6.49
N ARG G 218 -59.27 -2.72 -6.45
CA ARG G 218 -58.84 -4.07 -6.04
C ARG G 218 -59.15 -5.06 -7.16
N VAL G 219 -58.12 -5.45 -7.92
CA VAL G 219 -58.26 -6.39 -9.03
C VAL G 219 -58.09 -7.83 -8.53
N LYS G 220 -59.08 -8.68 -8.80
CA LYS G 220 -59.05 -10.10 -8.46
C LYS G 220 -59.23 -10.92 -9.74
N ALA G 221 -58.14 -11.40 -10.31
CA ALA G 221 -58.16 -12.16 -11.55
C ALA G 221 -58.21 -13.66 -11.24
N PHE G 222 -59.14 -14.37 -11.86
CA PHE G 222 -59.25 -15.81 -11.70
C PHE G 222 -58.95 -16.50 -13.01
N ILE G 223 -57.98 -17.42 -12.99
CA ILE G 223 -57.57 -18.16 -14.17
C ILE G 223 -57.76 -19.63 -13.89
N ARG G 224 -58.61 -20.30 -14.69
CA ARG G 224 -58.82 -21.74 -14.56
C ARG G 224 -57.80 -22.45 -15.45
N MET G 225 -56.89 -23.19 -14.85
CA MET G 225 -55.81 -23.84 -15.60
C MET G 225 -55.71 -25.33 -15.35
N GLY G 226 -56.51 -25.90 -14.44
CA GLY G 226 -56.49 -27.33 -14.18
C GLY G 226 -55.58 -27.73 -13.02
N GLU G 227 -56.10 -28.61 -12.16
CA GLU G 227 -55.38 -29.09 -10.98
C GLU G 227 -53.90 -29.35 -11.24
N GLY G 228 -53.07 -28.95 -10.29
CA GLY G 228 -51.65 -29.24 -10.28
C GLY G 228 -50.82 -28.45 -11.26
N GLN G 229 -51.44 -27.62 -12.08
CA GLN G 229 -50.74 -26.93 -13.15
C GLN G 229 -49.77 -25.87 -12.61
N GLU G 230 -48.70 -25.66 -13.37
CA GLU G 230 -47.66 -24.72 -13.00
C GLU G 230 -48.13 -23.30 -13.31
N VAL G 231 -48.03 -22.41 -12.32
CA VAL G 231 -48.33 -21.00 -12.50
C VAL G 231 -47.00 -20.26 -12.67
N PHE G 232 -47.07 -18.96 -12.98
CA PHE G 232 -45.89 -18.26 -13.46
C PHE G 232 -45.71 -16.92 -12.77
N PRO G 233 -44.90 -16.89 -11.75
CA PRO G 233 -44.60 -15.63 -11.07
C PRO G 233 -43.47 -14.90 -11.77
N SER G 234 -43.10 -13.74 -11.26
CA SER G 234 -41.97 -13.04 -11.83
C SER G 234 -40.69 -13.79 -11.49
N GLN G 235 -39.63 -13.42 -12.18
CA GLN G 235 -38.33 -14.05 -12.01
C GLN G 235 -37.40 -13.16 -11.21
N GLU G 236 -36.59 -13.77 -10.37
CA GLU G 236 -35.62 -13.03 -9.58
C GLU G 236 -34.24 -13.45 -10.06
N LEU G 237 -33.43 -12.48 -10.43
CA LEU G 237 -32.25 -12.79 -11.25
C LEU G 237 -30.98 -12.35 -10.52
N LEU G 238 -30.22 -13.34 -10.05
CA LEU G 238 -28.94 -13.19 -9.36
C LEU G 238 -27.96 -14.17 -9.99
N LEU G 239 -26.72 -13.73 -10.22
CA LEU G 239 -25.71 -14.55 -10.89
C LEU G 239 -24.69 -15.02 -9.87
N ASP G 240 -24.59 -16.36 -9.73
CA ASP G 240 -23.82 -17.04 -8.68
C ASP G 240 -23.72 -16.21 -7.40
N LYS G 241 -24.87 -15.82 -6.86
CA LYS G 241 -24.93 -15.17 -5.55
C LYS G 241 -24.79 -16.24 -4.48
N GLY G 242 -23.63 -16.30 -3.83
CA GLY G 242 -23.31 -17.39 -2.93
C GLY G 242 -22.85 -18.62 -3.69
N LYS G 243 -22.90 -19.77 -3.01
CA LYS G 243 -22.66 -21.05 -3.66
C LYS G 243 -23.95 -21.74 -4.05
N SER G 244 -25.03 -20.96 -4.20
CA SER G 244 -26.37 -21.47 -4.50
C SER G 244 -26.38 -22.54 -5.60
N THR G 245 -25.80 -22.21 -6.76
CA THR G 245 -25.88 -23.00 -8.00
C THR G 245 -27.34 -23.37 -8.32
N LYS G 246 -28.25 -22.47 -7.98
CA LYS G 246 -29.67 -22.60 -8.29
C LYS G 246 -29.96 -21.76 -9.53
N SER G 247 -30.37 -22.41 -10.61
CA SER G 247 -30.36 -21.69 -11.89
C SER G 247 -31.54 -20.72 -12.02
N ARG G 248 -32.65 -20.95 -11.32
CA ARG G 248 -33.82 -20.10 -11.48
C ARG G 248 -34.49 -19.83 -10.14
N PHE G 249 -34.68 -18.55 -9.83
CA PHE G 249 -35.40 -18.06 -8.66
C PHE G 249 -36.65 -17.32 -9.10
N LEU G 250 -37.74 -17.49 -8.36
CA LEU G 250 -38.95 -16.71 -8.61
C LEU G 250 -39.27 -15.81 -7.42
N TYR G 251 -40.16 -14.85 -7.69
CA TYR G 251 -40.46 -13.77 -6.76
C TYR G 251 -41.54 -14.17 -5.76
N SER G 252 -41.42 -13.63 -4.55
CA SER G 252 -42.31 -13.99 -3.46
C SER G 252 -42.30 -12.85 -2.45
N VAL G 253 -43.37 -12.75 -1.67
CA VAL G 253 -43.62 -11.58 -0.83
C VAL G 253 -44.12 -12.06 0.52
N GLY G 254 -43.39 -11.74 1.56
CA GLY G 254 -43.75 -12.21 2.87
C GLY G 254 -42.51 -12.66 3.59
N GLN G 255 -42.73 -13.22 4.77
CA GLN G 255 -41.69 -13.35 5.77
C GLN G 255 -40.60 -14.30 5.28
N ASP G 256 -40.78 -15.60 5.46
CA ASP G 256 -39.73 -16.50 4.96
C ASP G 256 -40.34 -17.71 4.25
N GLU G 257 -41.07 -18.53 4.98
CA GLU G 257 -41.66 -19.72 4.39
C GLU G 257 -43.16 -19.61 4.22
N LYS G 258 -43.78 -18.54 4.74
CA LYS G 258 -45.13 -18.23 4.30
C LYS G 258 -45.18 -17.03 3.37
N ALA G 259 -44.03 -16.69 2.76
CA ALA G 259 -44.00 -15.79 1.62
C ALA G 259 -44.75 -16.37 0.41
N ILE G 260 -45.35 -15.47 -0.38
CA ILE G 260 -46.33 -15.86 -1.39
C ILE G 260 -45.81 -15.52 -2.78
N ALA G 261 -45.94 -16.47 -3.71
CA ALA G 261 -45.47 -16.23 -5.06
C ALA G 261 -46.18 -15.01 -5.66
N ALA G 262 -45.45 -14.26 -6.47
CA ALA G 262 -45.97 -12.97 -6.88
C ALA G 262 -45.41 -12.58 -8.23
N ILE G 263 -46.16 -11.72 -8.93
CA ILE G 263 -45.64 -10.92 -10.03
C ILE G 263 -45.22 -9.56 -9.46
N HIS G 264 -44.01 -9.12 -9.81
CA HIS G 264 -43.51 -7.78 -9.56
C HIS G 264 -44.56 -6.73 -9.90
N SER G 265 -44.72 -5.75 -9.01
CA SER G 265 -45.61 -4.64 -9.29
C SER G 265 -45.28 -4.02 -10.64
N GLN G 266 -44.02 -3.63 -10.86
CA GLN G 266 -43.71 -2.94 -12.11
C GLN G 266 -43.99 -3.82 -13.35
N LYS G 267 -43.97 -5.15 -13.19
CA LYS G 267 -44.43 -5.98 -14.31
C LYS G 267 -45.91 -5.76 -14.57
N ILE G 268 -46.71 -5.67 -13.51
CA ILE G 268 -48.12 -5.36 -13.67
C ILE G 268 -48.31 -3.98 -14.30
N GLY G 269 -47.48 -3.03 -13.88
CA GLY G 269 -47.59 -1.70 -14.45
C GLY G 269 -47.25 -1.67 -15.92
N ASN G 270 -46.13 -2.29 -16.29
CA ASN G 270 -45.79 -2.39 -17.71
C ASN G 270 -46.93 -2.98 -18.53
N ALA G 271 -47.71 -3.88 -17.94
CA ALA G 271 -48.87 -4.41 -18.68
C ALA G 271 -49.99 -3.38 -18.76
N LEU G 272 -50.16 -2.57 -17.73
CA LEU G 272 -51.22 -1.57 -17.75
C LEU G 272 -50.96 -0.53 -18.83
N ARG G 273 -49.70 -0.11 -19.01
CA ARG G 273 -49.39 0.89 -20.02
C ARG G 273 -49.05 0.25 -21.37
N THR G 274 -49.55 -0.97 -21.66
CA THR G 274 -49.36 -1.53 -23.00
C THR G 274 -50.44 -0.86 -23.88
N ILE G 275 -50.19 0.41 -24.26
CA ILE G 275 -51.20 1.23 -24.95
C ILE G 275 -50.72 1.97 -26.21
N ASP G 276 -49.42 1.96 -26.49
CA ASP G 276 -48.85 2.80 -27.54
C ASP G 276 -49.13 2.15 -28.88
N THR G 277 -50.21 2.56 -29.53
CA THR G 277 -50.52 2.20 -30.91
C THR G 277 -50.06 3.26 -31.90
N TRP G 278 -49.09 4.08 -31.51
CA TRP G 278 -48.84 5.35 -32.16
C TRP G 278 -47.43 5.48 -32.72
N TYR G 279 -46.62 4.45 -32.59
CA TYR G 279 -45.32 4.48 -33.23
C TYR G 279 -45.49 4.26 -34.73
N PRO G 280 -44.45 4.58 -35.55
CA PRO G 280 -44.50 4.25 -36.98
C PRO G 280 -45.06 2.86 -37.31
N ASP G 281 -44.47 1.80 -36.79
CA ASP G 281 -44.85 0.46 -37.21
C ASP G 281 -45.99 -0.12 -36.39
N ALA G 282 -46.93 0.72 -35.93
CA ALA G 282 -47.93 0.26 -34.98
C ALA G 282 -48.92 -0.74 -35.60
N GLU G 283 -49.27 -0.56 -36.87
CA GLU G 283 -50.15 -1.54 -37.47
C GLU G 283 -49.43 -2.87 -37.68
N ILE G 284 -48.10 -2.81 -37.81
CA ILE G 284 -47.33 -4.01 -38.10
C ILE G 284 -47.05 -4.81 -36.84
N ASN G 285 -46.93 -4.15 -35.68
CA ASN G 285 -46.58 -4.82 -34.43
C ASN G 285 -47.62 -4.68 -33.32
N GLY G 286 -48.60 -3.81 -33.45
CA GLY G 286 -49.64 -3.73 -32.45
C GLY G 286 -49.21 -2.87 -31.29
N PRO G 287 -49.93 -2.98 -30.17
CA PRO G 287 -49.62 -2.12 -29.02
C PRO G 287 -48.29 -2.51 -28.37
N ILE G 288 -47.71 -1.54 -27.67
CA ILE G 288 -46.50 -1.76 -26.89
C ILE G 288 -46.60 -0.95 -25.61
N ALA G 289 -45.78 -1.31 -24.63
CA ALA G 289 -45.76 -0.54 -23.39
C ALA G 289 -45.00 0.77 -23.59
N VAL G 290 -45.51 1.83 -22.96
CA VAL G 290 -45.03 3.18 -23.15
C VAL G 290 -43.64 3.33 -22.52
N GLU G 291 -42.63 3.49 -23.39
CA GLU G 291 -41.29 3.82 -22.95
C GLU G 291 -40.79 5.03 -23.73
N PRO G 292 -39.89 5.82 -23.13
CA PRO G 292 -39.39 7.02 -23.80
C PRO G 292 -38.83 6.80 -25.21
N TYR G 293 -38.22 5.65 -25.48
CA TYR G 293 -37.68 5.38 -26.81
C TYR G 293 -38.35 4.17 -27.45
N GLY G 294 -39.65 4.00 -27.18
CA GLY G 294 -40.45 2.87 -27.64
C GLY G 294 -39.76 1.52 -27.65
N SER G 295 -38.95 1.26 -26.64
CA SER G 295 -38.15 0.04 -26.63
C SER G 295 -39.01 -1.12 -26.18
N VAL G 296 -38.57 -2.31 -26.54
CA VAL G 296 -39.22 -3.53 -26.12
C VAL G 296 -38.10 -4.54 -25.94
N THR G 297 -37.99 -5.09 -24.73
CA THR G 297 -36.80 -5.84 -24.36
C THR G 297 -36.72 -7.15 -25.14
N THR G 298 -37.85 -7.85 -25.25
CA THR G 298 -37.84 -9.16 -25.91
C THR G 298 -37.39 -9.03 -27.36
N GLN G 299 -37.89 -8.04 -28.08
CA GLN G 299 -37.50 -7.90 -29.49
C GLN G 299 -36.18 -7.14 -29.66
N GLY G 300 -35.65 -6.53 -28.59
CA GLY G 300 -34.41 -5.79 -28.71
C GLY G 300 -34.46 -4.68 -29.71
N VAL G 301 -35.68 -4.24 -30.05
CA VAL G 301 -35.97 -3.20 -31.04
C VAL G 301 -36.37 -1.94 -30.31
N ALA G 302 -35.92 -0.79 -30.81
CA ALA G 302 -36.44 0.51 -30.38
C ALA G 302 -37.37 1.03 -31.46
N TYR G 303 -38.67 0.83 -31.29
CA TYR G 303 -39.60 1.65 -32.04
C TYR G 303 -39.44 3.08 -31.55
N ARG G 304 -39.82 4.05 -32.39
CA ARG G 304 -39.59 5.47 -32.07
C ARG G 304 -38.12 5.76 -31.79
N GLN G 305 -37.26 5.41 -32.74
CA GLN G 305 -35.85 5.73 -32.62
C GLN G 305 -35.69 7.26 -32.69
N PRO G 306 -34.59 7.80 -32.14
CA PRO G 306 -34.40 9.26 -32.18
C PRO G 306 -33.88 9.80 -33.51
N LYS G 307 -33.37 8.95 -34.41
CA LYS G 307 -33.09 9.41 -35.78
C LYS G 307 -34.31 10.16 -36.26
N ALA G 308 -35.39 9.42 -36.56
CA ALA G 308 -36.75 9.98 -36.62
C ALA G 308 -37.11 10.66 -35.31
N LYS G 309 -37.68 11.84 -35.43
CA LYS G 309 -37.96 12.61 -34.25
C LYS G 309 -39.27 12.16 -33.60
N LYS G 310 -39.40 10.89 -33.24
CA LYS G 310 -40.62 10.37 -32.61
C LYS G 310 -40.44 9.76 -31.23
N ASP G 311 -39.24 9.81 -30.64
CA ASP G 311 -39.03 9.55 -29.21
C ASP G 311 -39.74 10.60 -28.34
N PHE G 312 -39.81 10.34 -27.02
CA PHE G 312 -40.49 11.25 -26.11
C PHE G 312 -39.84 12.63 -26.10
N TYR G 313 -38.51 12.65 -26.16
CA TYR G 313 -37.77 13.84 -25.77
C TYR G 313 -37.66 14.83 -26.93
N SER G 314 -37.33 14.34 -28.12
CA SER G 314 -37.49 15.15 -29.32
C SER G 314 -38.89 15.75 -29.39
N LEU G 315 -39.93 14.93 -29.15
CA LEU G 315 -41.31 15.41 -29.14
C LEU G 315 -41.53 16.49 -28.09
N LEU G 316 -41.03 16.26 -26.87
CA LEU G 316 -41.41 17.14 -25.77
C LEU G 316 -40.73 18.50 -25.89
N ASP G 317 -39.46 18.53 -26.32
CA ASP G 317 -38.80 19.79 -26.59
C ASP G 317 -39.54 20.55 -27.70
N ALA G 318 -39.92 19.86 -28.77
CA ALA G 318 -40.65 20.49 -29.86
C ALA G 318 -41.98 21.06 -29.37
N TRP G 319 -42.76 20.26 -28.64
CA TRP G 319 -44.08 20.69 -28.23
C TRP G 319 -44.02 21.81 -27.19
N VAL G 320 -42.96 21.85 -26.36
CA VAL G 320 -42.89 22.80 -25.25
C VAL G 320 -41.96 23.97 -25.58
N LEU G 321 -40.68 23.67 -25.84
CA LEU G 321 -39.70 24.72 -26.10
C LEU G 321 -40.08 25.53 -27.34
N LYS G 322 -40.29 24.86 -28.48
CA LYS G 322 -40.46 25.54 -29.76
C LYS G 322 -41.90 25.53 -30.26
N ASP G 323 -42.85 25.13 -29.40
CA ASP G 323 -44.29 25.20 -29.70
C ASP G 323 -44.65 24.56 -31.04
N LYS G 324 -43.94 23.47 -31.38
CA LYS G 324 -44.24 22.65 -32.56
C LYS G 324 -45.16 21.52 -32.13
N GLU G 325 -46.46 21.80 -32.02
CA GLU G 325 -47.37 20.79 -31.51
C GLU G 325 -47.31 19.55 -32.40
N PRO G 326 -47.26 18.35 -31.80
CA PRO G 326 -47.14 17.13 -32.62
C PRO G 326 -48.48 16.47 -32.88
N THR G 327 -48.46 15.38 -33.65
CA THR G 327 -49.69 14.72 -34.08
C THR G 327 -50.48 14.27 -32.86
N ILE G 328 -51.82 14.26 -32.99
CA ILE G 328 -52.71 14.02 -31.85
C ILE G 328 -52.35 12.71 -31.17
N GLU G 329 -52.07 11.68 -31.97
CA GLU G 329 -51.75 10.37 -31.41
C GLU G 329 -50.45 10.38 -30.63
N ASP G 330 -49.44 11.09 -31.14
CA ASP G 330 -48.18 11.27 -30.41
C ASP G 330 -48.31 12.23 -29.22
N GLN G 331 -49.30 13.10 -29.21
CA GLN G 331 -49.54 13.84 -27.98
C GLN G 331 -50.02 12.90 -26.89
N HIS G 332 -50.89 11.97 -27.25
CA HIS G 332 -51.32 10.95 -26.29
C HIS G 332 -50.12 10.17 -25.74
N PHE G 333 -49.17 9.85 -26.61
CA PHE G 333 -47.97 9.16 -26.16
C PHE G 333 -47.18 10.01 -25.16
N VAL G 334 -46.97 11.29 -25.50
CA VAL G 334 -46.19 12.15 -24.62
C VAL G 334 -46.86 12.28 -23.25
N ALA G 335 -48.19 12.41 -23.24
CA ALA G 335 -48.90 12.37 -21.98
C ALA G 335 -48.74 11.01 -21.30
N ALA G 336 -48.69 9.93 -22.10
CA ALA G 336 -48.61 8.58 -21.54
C ALA G 336 -47.29 8.33 -20.82
N VAL G 337 -46.18 8.86 -21.35
CA VAL G 337 -44.91 8.75 -20.64
C VAL G 337 -44.99 9.48 -19.31
N LEU G 338 -45.74 10.57 -19.26
CA LEU G 338 -45.80 11.40 -18.06
C LEU G 338 -46.51 10.71 -16.93
N VAL G 339 -47.41 9.78 -17.21
CA VAL G 339 -48.03 9.06 -16.10
C VAL G 339 -47.24 7.80 -15.76
N ARG G 340 -46.51 7.25 -16.73
CA ARG G 340 -45.49 6.28 -16.37
C ARG G 340 -44.43 6.94 -15.47
N GLY G 341 -44.04 8.16 -15.80
CA GLY G 341 -43.10 8.92 -14.98
C GLY G 341 -41.68 8.38 -15.01
N GLY G 342 -40.90 8.88 -14.05
CA GLY G 342 -39.53 8.49 -13.84
C GLY G 342 -38.54 9.55 -14.29
N VAL G 343 -37.35 9.51 -13.70
CA VAL G 343 -36.31 10.50 -13.97
C VAL G 343 -36.05 10.60 -15.46
N PHE G 344 -36.20 11.79 -16.00
CA PHE G 344 -35.86 12.07 -17.38
C PHE G 344 -34.58 12.91 -17.48
N GLY G 345 -33.52 12.44 -16.81
CA GLY G 345 -32.24 13.11 -16.86
C GLY G 345 -31.53 12.88 -18.18
#